data_4YNI
# 
_entry.id   4YNI 
# 
_audit_conform.dict_name       mmcif_pdbx.dic 
_audit_conform.dict_version    5.397 
_audit_conform.dict_location   http://mmcif.pdb.org/dictionaries/ascii/mmcif_pdbx.dic 
# 
loop_
_database_2.database_id 
_database_2.database_code 
_database_2.pdbx_database_accession 
_database_2.pdbx_DOI 
PDB   4YNI         pdb_00004yni 10.2210/pdb4yni/pdb 
WWPDB D_1000207758 ?            ?                   
# 
loop_
_pdbx_audit_revision_history.ordinal 
_pdbx_audit_revision_history.data_content_type 
_pdbx_audit_revision_history.major_revision 
_pdbx_audit_revision_history.minor_revision 
_pdbx_audit_revision_history.revision_date 
1 'Structure model' 1 0 2016-03-23 
2 'Structure model' 1 1 2023-09-27 
3 'Structure model' 1 2 2024-10-16 
# 
_pdbx_audit_revision_details.ordinal             1 
_pdbx_audit_revision_details.revision_ordinal    1 
_pdbx_audit_revision_details.data_content_type   'Structure model' 
_pdbx_audit_revision_details.provider            repository 
_pdbx_audit_revision_details.type                'Initial release' 
_pdbx_audit_revision_details.description         ? 
_pdbx_audit_revision_details.details             ? 
# 
loop_
_pdbx_audit_revision_group.ordinal 
_pdbx_audit_revision_group.revision_ordinal 
_pdbx_audit_revision_group.data_content_type 
_pdbx_audit_revision_group.group 
1 2 'Structure model' 'Data collection'        
2 2 'Structure model' 'Database references'    
3 2 'Structure model' 'Derived calculations'   
4 2 'Structure model' 'Refinement description' 
5 3 'Structure model' 'Structure summary'      
# 
loop_
_pdbx_audit_revision_category.ordinal 
_pdbx_audit_revision_category.revision_ordinal 
_pdbx_audit_revision_category.data_content_type 
_pdbx_audit_revision_category.category 
1 2 'Structure model' chem_comp_atom                
2 2 'Structure model' chem_comp_bond                
3 2 'Structure model' database_2                    
4 2 'Structure model' diffrn_radiation_wavelength   
5 2 'Structure model' pdbx_initial_refinement_model 
6 2 'Structure model' pdbx_struct_oper_list         
7 3 'Structure model' pdbx_entry_details            
8 3 'Structure model' pdbx_modification_feature     
# 
loop_
_pdbx_audit_revision_item.ordinal 
_pdbx_audit_revision_item.revision_ordinal 
_pdbx_audit_revision_item.data_content_type 
_pdbx_audit_revision_item.item 
1 2 'Structure model' '_database_2.pdbx_DOI'                      
2 2 'Structure model' '_database_2.pdbx_database_accession'       
3 2 'Structure model' '_pdbx_struct_oper_list.symmetry_operation' 
# 
_pdbx_database_status.status_code                     REL 
_pdbx_database_status.status_code_sf                  REL 
_pdbx_database_status.status_code_mr                  ? 
_pdbx_database_status.entry_id                        4YNI 
_pdbx_database_status.recvd_initial_deposition_date   2015-03-10 
_pdbx_database_status.SG_entry                        N 
_pdbx_database_status.deposit_site                    RCSB 
_pdbx_database_status.process_site                    RCSB 
_pdbx_database_status.status_code_cs                  ? 
_pdbx_database_status.methods_development_category    ? 
_pdbx_database_status.pdb_format_compatible           Y 
_pdbx_database_status.status_code_nmr_data            ? 
# 
loop_
_audit_author.name 
_audit_author.pdbx_ordinal 
'Fellner, M.'      1 
'Tchesnokov, E.P.' 2 
'Jameson, G.N.L.'  3 
'Wilbanks, S.M.'   4 
# 
_citation.abstract                  ? 
_citation.abstract_id_CAS           ? 
_citation.book_id_ISBN              ? 
_citation.book_publisher            ? 
_citation.book_publisher_city       ? 
_citation.book_title                ? 
_citation.coordinate_linkage        ? 
_citation.country                   ? 
_citation.database_id_Medline       ? 
_citation.details                   ? 
_citation.id                        primary 
_citation.journal_abbrev            'To be published' 
_citation.journal_id_ASTM           ? 
_citation.journal_id_CSD            0353 
_citation.journal_id_ISSN           ? 
_citation.journal_full              ? 
_citation.journal_issue             ? 
_citation.journal_volume            ? 
_citation.language                  ? 
_citation.page_first                ? 
_citation.page_last                 ? 
_citation.title                     'Iron free succinate bound rat cysteine dioxygenase' 
_citation.year                      ? 
_citation.database_id_CSD           ? 
_citation.pdbx_database_id_DOI      ? 
_citation.pdbx_database_id_PubMed   ? 
_citation.unpublished_flag          ? 
# 
loop_
_citation_author.citation_id 
_citation_author.name 
_citation_author.ordinal 
_citation_author.identifier_ORCID 
primary 'Fellner, M.'      1 ? 
primary 'Tchesnokov, E.P.' 2 ? 
primary 'Jameson, G.N.L.'  3 ? 
primary 'Wilbanks, S.M.'   4 ? 
# 
loop_
_entity.id 
_entity.type 
_entity.src_method 
_entity.pdbx_description 
_entity.formula_weight 
_entity.pdbx_number_of_molecules 
_entity.pdbx_ec 
_entity.pdbx_mutation 
_entity.pdbx_fragment 
_entity.details 
1 polymer     man 'Cysteine dioxygenase type 1' 24259.195 1  1.13.11.20 ? ? ? 
2 non-polymer syn 'SODIUM ION'                  22.990    1  ?          ? ? ? 
3 non-polymer syn 'SUCCINIC ACID'               118.088   1  ?          ? ? ? 
4 water       nat water                         18.015    87 ?          ? ? ? 
# 
_entity_name_com.entity_id   1 
_entity_name_com.name        'Cysteine dioxygenase type I,CDO-I' 
# 
_entity_poly.entity_id                      1 
_entity_poly.type                           'polypeptide(L)' 
_entity_poly.nstd_linkage                   no 
_entity_poly.nstd_monomer                   no 
_entity_poly.pdbx_seq_one_letter_code       
;MERTELLKPRTLADLIRILHELFAGDEVNVEEVQAVLEAYESNPAEWALYAKFDQYRYTRNLVDQGNGKFNLMILCWGEG
HGSSIHDHTDSHCFLKLLQGNLKETLFDWPDKKSNEMIKKSERTLRENQCAYINDSIGLHRVENVSHTEPAVSLHLYSPP
FDTCHAFDQRTGHKNKVTMTFHSKFGIRTPFTTSGSLENNSAWSHPQFEK
;
_entity_poly.pdbx_seq_one_letter_code_can   
;MERTELLKPRTLADLIRILHELFAGDEVNVEEVQAVLEAYESNPAEWALYAKFDQYRYTRNLVDQGNGKFNLMILCWGEG
HGSSIHDHTDSHCFLKLLQGNLKETLFDWPDKKSNEMIKKSERTLRENQCAYINDSIGLHRVENVSHTEPAVSLHLYSPP
FDTCHAFDQRTGHKNKVTMTFHSKFGIRTPFTTSGSLENNSAWSHPQFEK
;
_entity_poly.pdbx_strand_id                 A 
_entity_poly.pdbx_target_identifier         ? 
# 
loop_
_pdbx_entity_nonpoly.entity_id 
_pdbx_entity_nonpoly.name 
_pdbx_entity_nonpoly.comp_id 
2 'SODIUM ION'    NA  
3 'SUCCINIC ACID' SIN 
4 water           HOH 
# 
loop_
_entity_poly_seq.entity_id 
_entity_poly_seq.num 
_entity_poly_seq.mon_id 
_entity_poly_seq.hetero 
1 1   MET n 
1 2   GLU n 
1 3   ARG n 
1 4   THR n 
1 5   GLU n 
1 6   LEU n 
1 7   LEU n 
1 8   LYS n 
1 9   PRO n 
1 10  ARG n 
1 11  THR n 
1 12  LEU n 
1 13  ALA n 
1 14  ASP n 
1 15  LEU n 
1 16  ILE n 
1 17  ARG n 
1 18  ILE n 
1 19  LEU n 
1 20  HIS n 
1 21  GLU n 
1 22  LEU n 
1 23  PHE n 
1 24  ALA n 
1 25  GLY n 
1 26  ASP n 
1 27  GLU n 
1 28  VAL n 
1 29  ASN n 
1 30  VAL n 
1 31  GLU n 
1 32  GLU n 
1 33  VAL n 
1 34  GLN n 
1 35  ALA n 
1 36  VAL n 
1 37  LEU n 
1 38  GLU n 
1 39  ALA n 
1 40  TYR n 
1 41  GLU n 
1 42  SER n 
1 43  ASN n 
1 44  PRO n 
1 45  ALA n 
1 46  GLU n 
1 47  TRP n 
1 48  ALA n 
1 49  LEU n 
1 50  TYR n 
1 51  ALA n 
1 52  LYS n 
1 53  PHE n 
1 54  ASP n 
1 55  GLN n 
1 56  TYR n 
1 57  ARG n 
1 58  TYR n 
1 59  THR n 
1 60  ARG n 
1 61  ASN n 
1 62  LEU n 
1 63  VAL n 
1 64  ASP n 
1 65  GLN n 
1 66  GLY n 
1 67  ASN n 
1 68  GLY n 
1 69  LYS n 
1 70  PHE n 
1 71  ASN n 
1 72  LEU n 
1 73  MET n 
1 74  ILE n 
1 75  LEU n 
1 76  CYS n 
1 77  TRP n 
1 78  GLY n 
1 79  GLU n 
1 80  GLY n 
1 81  HIS n 
1 82  GLY n 
1 83  SER n 
1 84  SER n 
1 85  ILE n 
1 86  HIS n 
1 87  ASP n 
1 88  HIS n 
1 89  THR n 
1 90  ASP n 
1 91  SER n 
1 92  HIS n 
1 93  CYS n 
1 94  PHE n 
1 95  LEU n 
1 96  LYS n 
1 97  LEU n 
1 98  LEU n 
1 99  GLN n 
1 100 GLY n 
1 101 ASN n 
1 102 LEU n 
1 103 LYS n 
1 104 GLU n 
1 105 THR n 
1 106 LEU n 
1 107 PHE n 
1 108 ASP n 
1 109 TRP n 
1 110 PRO n 
1 111 ASP n 
1 112 LYS n 
1 113 LYS n 
1 114 SER n 
1 115 ASN n 
1 116 GLU n 
1 117 MET n 
1 118 ILE n 
1 119 LYS n 
1 120 LYS n 
1 121 SER n 
1 122 GLU n 
1 123 ARG n 
1 124 THR n 
1 125 LEU n 
1 126 ARG n 
1 127 GLU n 
1 128 ASN n 
1 129 GLN n 
1 130 CYS n 
1 131 ALA n 
1 132 TYR n 
1 133 ILE n 
1 134 ASN n 
1 135 ASP n 
1 136 SER n 
1 137 ILE n 
1 138 GLY n 
1 139 LEU n 
1 140 HIS n 
1 141 ARG n 
1 142 VAL n 
1 143 GLU n 
1 144 ASN n 
1 145 VAL n 
1 146 SER n 
1 147 HIS n 
1 148 THR n 
1 149 GLU n 
1 150 PRO n 
1 151 ALA n 
1 152 VAL n 
1 153 SER n 
1 154 LEU n 
1 155 HIS n 
1 156 LEU n 
1 157 TYR n 
1 158 SER n 
1 159 PRO n 
1 160 PRO n 
1 161 PHE n 
1 162 ASP n 
1 163 THR n 
1 164 CYS n 
1 165 HIS n 
1 166 ALA n 
1 167 PHE n 
1 168 ASP n 
1 169 GLN n 
1 170 ARG n 
1 171 THR n 
1 172 GLY n 
1 173 HIS n 
1 174 LYS n 
1 175 ASN n 
1 176 LYS n 
1 177 VAL n 
1 178 THR n 
1 179 MET n 
1 180 THR n 
1 181 PHE n 
1 182 HIS n 
1 183 SER n 
1 184 LYS n 
1 185 PHE n 
1 186 GLY n 
1 187 ILE n 
1 188 ARG n 
1 189 THR n 
1 190 PRO n 
1 191 PHE n 
1 192 THR n 
1 193 THR n 
1 194 SER n 
1 195 GLY n 
1 196 SER n 
1 197 LEU n 
1 198 GLU n 
1 199 ASN n 
1 200 ASN n 
1 201 SER n 
1 202 ALA n 
1 203 TRP n 
1 204 SER n 
1 205 HIS n 
1 206 PRO n 
1 207 GLN n 
1 208 PHE n 
1 209 GLU n 
1 210 LYS n 
# 
_entity_src_gen.entity_id                          1 
_entity_src_gen.pdbx_src_id                        1 
_entity_src_gen.pdbx_alt_source_flag               sample 
_entity_src_gen.pdbx_seq_type                      'Biological sequence' 
_entity_src_gen.pdbx_beg_seq_num                   1 
_entity_src_gen.pdbx_end_seq_num                   210 
_entity_src_gen.gene_src_common_name               Rat 
_entity_src_gen.gene_src_genus                     ? 
_entity_src_gen.pdbx_gene_src_gene                 Cdo1 
_entity_src_gen.gene_src_species                   ? 
_entity_src_gen.gene_src_strain                    ? 
_entity_src_gen.gene_src_tissue                    ? 
_entity_src_gen.gene_src_tissue_fraction           ? 
_entity_src_gen.gene_src_details                   ? 
_entity_src_gen.pdbx_gene_src_fragment             ? 
_entity_src_gen.pdbx_gene_src_scientific_name      'Rattus norvegicus' 
_entity_src_gen.pdbx_gene_src_ncbi_taxonomy_id     10116 
_entity_src_gen.pdbx_gene_src_variant              ? 
_entity_src_gen.pdbx_gene_src_cell_line            ? 
_entity_src_gen.pdbx_gene_src_atcc                 ? 
_entity_src_gen.pdbx_gene_src_organ                ? 
_entity_src_gen.pdbx_gene_src_organelle            ? 
_entity_src_gen.pdbx_gene_src_cell                 ? 
_entity_src_gen.pdbx_gene_src_cellular_location    ? 
_entity_src_gen.host_org_common_name               ? 
_entity_src_gen.pdbx_host_org_scientific_name      'Escherichia coli' 
_entity_src_gen.pdbx_host_org_ncbi_taxonomy_id     469008 
_entity_src_gen.host_org_genus                     ? 
_entity_src_gen.pdbx_host_org_gene                 ? 
_entity_src_gen.pdbx_host_org_organ                ? 
_entity_src_gen.host_org_species                   ? 
_entity_src_gen.pdbx_host_org_tissue               ? 
_entity_src_gen.pdbx_host_org_tissue_fraction      ? 
_entity_src_gen.pdbx_host_org_strain               'BL21(DE3)pLysS' 
_entity_src_gen.pdbx_host_org_variant              ? 
_entity_src_gen.pdbx_host_org_cell_line            ? 
_entity_src_gen.pdbx_host_org_atcc                 ? 
_entity_src_gen.pdbx_host_org_culture_collection   ? 
_entity_src_gen.pdbx_host_org_cell                 ? 
_entity_src_gen.pdbx_host_org_organelle            ? 
_entity_src_gen.pdbx_host_org_cellular_location    ? 
_entity_src_gen.pdbx_host_org_vector_type          plasmid 
_entity_src_gen.pdbx_host_org_vector               ? 
_entity_src_gen.host_org_details                   ? 
_entity_src_gen.expression_system_id               ? 
_entity_src_gen.plasmid_name                       pPR-IBA1/RatCDO/WT 
_entity_src_gen.plasmid_details                    ? 
_entity_src_gen.pdbx_description                   ? 
# 
loop_
_chem_comp.id 
_chem_comp.type 
_chem_comp.mon_nstd_flag 
_chem_comp.name 
_chem_comp.pdbx_synonyms 
_chem_comp.formula 
_chem_comp.formula_weight 
ALA 'L-peptide linking' y ALANINE         ? 'C3 H7 N O2'     89.093  
ARG 'L-peptide linking' y ARGININE        ? 'C6 H15 N4 O2 1' 175.209 
ASN 'L-peptide linking' y ASPARAGINE      ? 'C4 H8 N2 O3'    132.118 
ASP 'L-peptide linking' y 'ASPARTIC ACID' ? 'C4 H7 N O4'     133.103 
CYS 'L-peptide linking' y CYSTEINE        ? 'C3 H7 N O2 S'   121.158 
GLN 'L-peptide linking' y GLUTAMINE       ? 'C5 H10 N2 O3'   146.144 
GLU 'L-peptide linking' y 'GLUTAMIC ACID' ? 'C5 H9 N O4'     147.129 
GLY 'peptide linking'   y GLYCINE         ? 'C2 H5 N O2'     75.067  
HIS 'L-peptide linking' y HISTIDINE       ? 'C6 H10 N3 O2 1' 156.162 
HOH non-polymer         . WATER           ? 'H2 O'           18.015  
ILE 'L-peptide linking' y ISOLEUCINE      ? 'C6 H13 N O2'    131.173 
LEU 'L-peptide linking' y LEUCINE         ? 'C6 H13 N O2'    131.173 
LYS 'L-peptide linking' y LYSINE          ? 'C6 H15 N2 O2 1' 147.195 
MET 'L-peptide linking' y METHIONINE      ? 'C5 H11 N O2 S'  149.211 
NA  non-polymer         . 'SODIUM ION'    ? 'Na 1'           22.990  
PHE 'L-peptide linking' y PHENYLALANINE   ? 'C9 H11 N O2'    165.189 
PRO 'L-peptide linking' y PROLINE         ? 'C5 H9 N O2'     115.130 
SER 'L-peptide linking' y SERINE          ? 'C3 H7 N O3'     105.093 
SIN non-polymer         . 'SUCCINIC ACID' ? 'C4 H6 O4'       118.088 
THR 'L-peptide linking' y THREONINE       ? 'C4 H9 N O3'     119.119 
TRP 'L-peptide linking' y TRYPTOPHAN      ? 'C11 H12 N2 O2'  204.225 
TYR 'L-peptide linking' y TYROSINE        ? 'C9 H11 N O3'    181.189 
VAL 'L-peptide linking' y VALINE          ? 'C5 H11 N O2'    117.146 
# 
loop_
_pdbx_poly_seq_scheme.asym_id 
_pdbx_poly_seq_scheme.entity_id 
_pdbx_poly_seq_scheme.seq_id 
_pdbx_poly_seq_scheme.mon_id 
_pdbx_poly_seq_scheme.ndb_seq_num 
_pdbx_poly_seq_scheme.pdb_seq_num 
_pdbx_poly_seq_scheme.auth_seq_num 
_pdbx_poly_seq_scheme.pdb_mon_id 
_pdbx_poly_seq_scheme.auth_mon_id 
_pdbx_poly_seq_scheme.pdb_strand_id 
_pdbx_poly_seq_scheme.pdb_ins_code 
_pdbx_poly_seq_scheme.hetero 
A 1 1   MET 1   1   ?   ?   ?   A . n 
A 1 2   GLU 2   2   ?   ?   ?   A . n 
A 1 3   ARG 3   3   ?   ?   ?   A . n 
A 1 4   THR 4   4   4   THR THR A . n 
A 1 5   GLU 5   5   5   GLU GLU A . n 
A 1 6   LEU 6   6   6   LEU LEU A . n 
A 1 7   LEU 7   7   7   LEU LEU A . n 
A 1 8   LYS 8   8   8   LYS LYS A . n 
A 1 9   PRO 9   9   9   PRO PRO A . n 
A 1 10  ARG 10  10  10  ARG ARG A . n 
A 1 11  THR 11  11  11  THR THR A . n 
A 1 12  LEU 12  12  12  LEU LEU A . n 
A 1 13  ALA 13  13  13  ALA ALA A . n 
A 1 14  ASP 14  14  14  ASP ASP A . n 
A 1 15  LEU 15  15  15  LEU LEU A . n 
A 1 16  ILE 16  16  16  ILE ILE A . n 
A 1 17  ARG 17  17  17  ARG ARG A . n 
A 1 18  ILE 18  18  18  ILE ILE A . n 
A 1 19  LEU 19  19  19  LEU LEU A . n 
A 1 20  HIS 20  20  20  HIS HIS A . n 
A 1 21  GLU 21  21  21  GLU GLU A . n 
A 1 22  LEU 22  22  22  LEU LEU A . n 
A 1 23  PHE 23  23  23  PHE PHE A . n 
A 1 24  ALA 24  24  24  ALA ALA A . n 
A 1 25  GLY 25  25  25  GLY GLY A . n 
A 1 26  ASP 26  26  26  ASP ASP A . n 
A 1 27  GLU 27  27  27  GLU GLU A . n 
A 1 28  VAL 28  28  28  VAL VAL A . n 
A 1 29  ASN 29  29  29  ASN ASN A . n 
A 1 30  VAL 30  30  30  VAL VAL A . n 
A 1 31  GLU 31  31  31  GLU GLU A . n 
A 1 32  GLU 32  32  32  GLU GLU A . n 
A 1 33  VAL 33  33  33  VAL VAL A . n 
A 1 34  GLN 34  34  34  GLN GLN A . n 
A 1 35  ALA 35  35  35  ALA ALA A . n 
A 1 36  VAL 36  36  36  VAL VAL A . n 
A 1 37  LEU 37  37  37  LEU LEU A . n 
A 1 38  GLU 38  38  38  GLU GLU A . n 
A 1 39  ALA 39  39  39  ALA ALA A . n 
A 1 40  TYR 40  40  40  TYR TYR A . n 
A 1 41  GLU 41  41  41  GLU GLU A . n 
A 1 42  SER 42  42  42  SER SER A . n 
A 1 43  ASN 43  43  43  ASN ASN A . n 
A 1 44  PRO 44  44  44  PRO PRO A . n 
A 1 45  ALA 45  45  45  ALA ALA A . n 
A 1 46  GLU 46  46  46  GLU GLU A . n 
A 1 47  TRP 47  47  47  TRP TRP A . n 
A 1 48  ALA 48  48  48  ALA ALA A . n 
A 1 49  LEU 49  49  49  LEU LEU A . n 
A 1 50  TYR 50  50  50  TYR TYR A . n 
A 1 51  ALA 51  51  51  ALA ALA A . n 
A 1 52  LYS 52  52  52  LYS LYS A . n 
A 1 53  PHE 53  53  53  PHE PHE A . n 
A 1 54  ASP 54  54  54  ASP ASP A . n 
A 1 55  GLN 55  55  55  GLN GLN A . n 
A 1 56  TYR 56  56  56  TYR TYR A . n 
A 1 57  ARG 57  57  57  ARG ARG A . n 
A 1 58  TYR 58  58  58  TYR TYR A . n 
A 1 59  THR 59  59  59  THR THR A . n 
A 1 60  ARG 60  60  60  ARG ARG A . n 
A 1 61  ASN 61  61  61  ASN ASN A . n 
A 1 62  LEU 62  62  62  LEU LEU A . n 
A 1 63  VAL 63  63  63  VAL VAL A . n 
A 1 64  ASP 64  64  64  ASP ASP A . n 
A 1 65  GLN 65  65  65  GLN GLN A . n 
A 1 66  GLY 66  66  66  GLY GLY A . n 
A 1 67  ASN 67  67  67  ASN ASN A . n 
A 1 68  GLY 68  68  68  GLY GLY A . n 
A 1 69  LYS 69  69  69  LYS LYS A . n 
A 1 70  PHE 70  70  70  PHE PHE A . n 
A 1 71  ASN 71  71  71  ASN ASN A . n 
A 1 72  LEU 72  72  72  LEU LEU A . n 
A 1 73  MET 73  73  73  MET MET A . n 
A 1 74  ILE 74  74  74  ILE ILE A . n 
A 1 75  LEU 75  75  75  LEU LEU A . n 
A 1 76  CYS 76  76  76  CYS CYS A . n 
A 1 77  TRP 77  77  77  TRP TRP A . n 
A 1 78  GLY 78  78  78  GLY GLY A . n 
A 1 79  GLU 79  79  79  GLU GLU A . n 
A 1 80  GLY 80  80  80  GLY GLY A . n 
A 1 81  HIS 81  81  81  HIS HIS A . n 
A 1 82  GLY 82  82  82  GLY GLY A . n 
A 1 83  SER 83  83  83  SER SER A . n 
A 1 84  SER 84  84  84  SER SER A . n 
A 1 85  ILE 85  85  85  ILE ILE A . n 
A 1 86  HIS 86  86  86  HIS HIS A . n 
A 1 87  ASP 87  87  87  ASP ASP A . n 
A 1 88  HIS 88  88  88  HIS HIS A . n 
A 1 89  THR 89  89  89  THR THR A . n 
A 1 90  ASP 90  90  90  ASP ASP A . n 
A 1 91  SER 91  91  91  SER SER A . n 
A 1 92  HIS 92  92  92  HIS HIS A . n 
A 1 93  CYS 93  93  93  CYS CYS A . n 
A 1 94  PHE 94  94  94  PHE PHE A . n 
A 1 95  LEU 95  95  95  LEU LEU A . n 
A 1 96  LYS 96  96  96  LYS LYS A . n 
A 1 97  LEU 97  97  97  LEU LEU A . n 
A 1 98  LEU 98  98  98  LEU LEU A . n 
A 1 99  GLN 99  99  99  GLN GLN A . n 
A 1 100 GLY 100 100 100 GLY GLY A . n 
A 1 101 ASN 101 101 101 ASN ASN A . n 
A 1 102 LEU 102 102 102 LEU LEU A . n 
A 1 103 LYS 103 103 103 LYS LYS A . n 
A 1 104 GLU 104 104 104 GLU GLU A . n 
A 1 105 THR 105 105 105 THR THR A . n 
A 1 106 LEU 106 106 106 LEU LEU A . n 
A 1 107 PHE 107 107 107 PHE PHE A . n 
A 1 108 ASP 108 108 108 ASP ASP A . n 
A 1 109 TRP 109 109 109 TRP TRP A . n 
A 1 110 PRO 110 110 110 PRO PRO A . n 
A 1 111 ASP 111 111 111 ASP ASP A . n 
A 1 112 LYS 112 112 112 LYS LYS A . n 
A 1 113 LYS 113 113 113 LYS LYS A . n 
A 1 114 SER 114 114 114 SER SER A . n 
A 1 115 ASN 115 115 115 ASN ASN A . n 
A 1 116 GLU 116 116 116 GLU GLU A . n 
A 1 117 MET 117 117 117 MET MET A . n 
A 1 118 ILE 118 118 118 ILE ILE A . n 
A 1 119 LYS 119 119 119 LYS LYS A . n 
A 1 120 LYS 120 120 120 LYS LYS A . n 
A 1 121 SER 121 121 121 SER SER A . n 
A 1 122 GLU 122 122 122 GLU GLU A . n 
A 1 123 ARG 123 123 123 ARG ARG A . n 
A 1 124 THR 124 124 124 THR THR A . n 
A 1 125 LEU 125 125 125 LEU LEU A . n 
A 1 126 ARG 126 126 126 ARG ARG A . n 
A 1 127 GLU 127 127 127 GLU GLU A . n 
A 1 128 ASN 128 128 128 ASN ASN A . n 
A 1 129 GLN 129 129 129 GLN GLN A . n 
A 1 130 CYS 130 130 130 CYS CYS A . n 
A 1 131 ALA 131 131 131 ALA ALA A . n 
A 1 132 TYR 132 132 132 TYR TYR A . n 
A 1 133 ILE 133 133 133 ILE ILE A . n 
A 1 134 ASN 134 134 134 ASN ASN A . n 
A 1 135 ASP 135 135 135 ASP ASP A . n 
A 1 136 SER 136 136 136 SER SER A . n 
A 1 137 ILE 137 137 137 ILE ILE A . n 
A 1 138 GLY 138 138 138 GLY GLY A . n 
A 1 139 LEU 139 139 139 LEU LEU A . n 
A 1 140 HIS 140 140 140 HIS HIS A . n 
A 1 141 ARG 141 141 141 ARG ARG A . n 
A 1 142 VAL 142 142 142 VAL VAL A . n 
A 1 143 GLU 143 143 143 GLU GLU A . n 
A 1 144 ASN 144 144 144 ASN ASN A . n 
A 1 145 VAL 145 145 145 VAL VAL A . n 
A 1 146 SER 146 146 146 SER SER A . n 
A 1 147 HIS 147 147 147 HIS HIS A . n 
A 1 148 THR 148 148 148 THR THR A . n 
A 1 149 GLU 149 149 149 GLU GLU A . n 
A 1 150 PRO 150 150 150 PRO PRO A . n 
A 1 151 ALA 151 151 151 ALA ALA A . n 
A 1 152 VAL 152 152 152 VAL VAL A . n 
A 1 153 SER 153 153 153 SER SER A . n 
A 1 154 LEU 154 154 154 LEU LEU A . n 
A 1 155 HIS 155 155 155 HIS HIS A . n 
A 1 156 LEU 156 156 156 LEU LEU A . n 
A 1 157 TYR 157 157 157 TYR TYR A . n 
A 1 158 SER 158 158 158 SER SER A . n 
A 1 159 PRO 159 159 159 PRO PRO A . n 
A 1 160 PRO 160 160 160 PRO PRO A . n 
A 1 161 PHE 161 161 161 PHE PHE A . n 
A 1 162 ASP 162 162 162 ASP ASP A . n 
A 1 163 THR 163 163 163 THR THR A . n 
A 1 164 CYS 164 164 164 CYS CYS A . n 
A 1 165 HIS 165 165 165 HIS HIS A . n 
A 1 166 ALA 166 166 166 ALA ALA A . n 
A 1 167 PHE 167 167 167 PHE PHE A . n 
A 1 168 ASP 168 168 168 ASP ASP A . n 
A 1 169 GLN 169 169 169 GLN GLN A . n 
A 1 170 ARG 170 170 170 ARG ARG A . n 
A 1 171 THR 171 171 171 THR THR A . n 
A 1 172 GLY 172 172 172 GLY GLY A . n 
A 1 173 HIS 173 173 173 HIS HIS A . n 
A 1 174 LYS 174 174 174 LYS LYS A . n 
A 1 175 ASN 175 175 175 ASN ASN A . n 
A 1 176 LYS 176 176 176 LYS LYS A . n 
A 1 177 VAL 177 177 177 VAL VAL A . n 
A 1 178 THR 178 178 178 THR THR A . n 
A 1 179 MET 179 179 179 MET MET A . n 
A 1 180 THR 180 180 180 THR THR A . n 
A 1 181 PHE 181 181 181 PHE PHE A . n 
A 1 182 HIS 182 182 182 HIS HIS A . n 
A 1 183 SER 183 183 183 SER SER A . n 
A 1 184 LYS 184 184 184 LYS LYS A . n 
A 1 185 PHE 185 185 185 PHE PHE A . n 
A 1 186 GLY 186 186 186 GLY GLY A . n 
A 1 187 ILE 187 187 187 ILE ILE A . n 
A 1 188 ARG 188 188 188 ARG ARG A . n 
A 1 189 THR 189 189 189 THR THR A . n 
A 1 190 PRO 190 190 190 PRO PRO A . n 
A 1 191 PHE 191 191 ?   ?   ?   A . n 
A 1 192 THR 192 192 ?   ?   ?   A . n 
A 1 193 THR 193 193 ?   ?   ?   A . n 
A 1 194 SER 194 194 ?   ?   ?   A . n 
A 1 195 GLY 195 195 ?   ?   ?   A . n 
A 1 196 SER 196 196 ?   ?   ?   A . n 
A 1 197 LEU 197 197 ?   ?   ?   A . n 
A 1 198 GLU 198 198 ?   ?   ?   A . n 
A 1 199 ASN 199 199 ?   ?   ?   A . n 
A 1 200 ASN 200 200 ?   ?   ?   A . n 
A 1 201 SER 201 201 ?   ?   ?   A . n 
A 1 202 ALA 202 202 ?   ?   ?   A . n 
A 1 203 TRP 203 203 ?   ?   ?   A . n 
A 1 204 SER 204 204 ?   ?   ?   A . n 
A 1 205 HIS 205 205 ?   ?   ?   A . n 
A 1 206 PRO 206 206 ?   ?   ?   A . n 
A 1 207 GLN 207 207 ?   ?   ?   A . n 
A 1 208 PHE 208 208 ?   ?   ?   A . n 
A 1 209 GLU 209 209 ?   ?   ?   A . n 
A 1 210 LYS 210 210 ?   ?   ?   A . n 
# 
loop_
_pdbx_nonpoly_scheme.asym_id 
_pdbx_nonpoly_scheme.entity_id 
_pdbx_nonpoly_scheme.mon_id 
_pdbx_nonpoly_scheme.ndb_seq_num 
_pdbx_nonpoly_scheme.pdb_seq_num 
_pdbx_nonpoly_scheme.auth_seq_num 
_pdbx_nonpoly_scheme.pdb_mon_id 
_pdbx_nonpoly_scheme.auth_mon_id 
_pdbx_nonpoly_scheme.pdb_strand_id 
_pdbx_nonpoly_scheme.pdb_ins_code 
B 2 NA  1  301 1  NA  NA  A . 
C 3 SIN 1  302 1  SIN SIN A . 
D 4 HOH 1  401 7  HOH HOH A . 
D 4 HOH 2  402 78 HOH HOH A . 
D 4 HOH 3  403 87 HOH HOH A . 
D 4 HOH 4  404 19 HOH HOH A . 
D 4 HOH 5  405 41 HOH HOH A . 
D 4 HOH 6  406 42 HOH HOH A . 
D 4 HOH 7  407 70 HOH HOH A . 
D 4 HOH 8  408 80 HOH HOH A . 
D 4 HOH 9  409 67 HOH HOH A . 
D 4 HOH 10 410 43 HOH HOH A . 
D 4 HOH 11 411 64 HOH HOH A . 
D 4 HOH 12 412 39 HOH HOH A . 
D 4 HOH 13 413 12 HOH HOH A . 
D 4 HOH 14 414 31 HOH HOH A . 
D 4 HOH 15 415 27 HOH HOH A . 
D 4 HOH 16 416 26 HOH HOH A . 
D 4 HOH 17 417 6  HOH HOH A . 
D 4 HOH 18 418 44 HOH HOH A . 
D 4 HOH 19 419 14 HOH HOH A . 
D 4 HOH 20 420 79 HOH HOH A . 
D 4 HOH 21 421 82 HOH HOH A . 
D 4 HOH 22 422 57 HOH HOH A . 
D 4 HOH 23 423 54 HOH HOH A . 
D 4 HOH 24 424 62 HOH HOH A . 
D 4 HOH 25 425 63 HOH HOH A . 
D 4 HOH 26 426 81 HOH HOH A . 
D 4 HOH 27 427 23 HOH HOH A . 
D 4 HOH 28 428 49 HOH HOH A . 
D 4 HOH 29 429 52 HOH HOH A . 
D 4 HOH 30 430 61 HOH HOH A . 
D 4 HOH 31 431 1  HOH HOH A . 
D 4 HOH 32 432 2  HOH HOH A . 
D 4 HOH 33 433 3  HOH HOH A . 
D 4 HOH 34 434 4  HOH HOH A . 
D 4 HOH 35 435 5  HOH HOH A . 
D 4 HOH 36 436 8  HOH HOH A . 
D 4 HOH 37 437 9  HOH HOH A . 
D 4 HOH 38 438 10 HOH HOH A . 
D 4 HOH 39 439 11 HOH HOH A . 
D 4 HOH 40 440 13 HOH HOH A . 
D 4 HOH 41 441 15 HOH HOH A . 
D 4 HOH 42 442 16 HOH HOH A . 
D 4 HOH 43 443 17 HOH HOH A . 
D 4 HOH 44 444 18 HOH HOH A . 
D 4 HOH 45 445 20 HOH HOH A . 
D 4 HOH 46 446 21 HOH HOH A . 
D 4 HOH 47 447 22 HOH HOH A . 
D 4 HOH 48 448 24 HOH HOH A . 
D 4 HOH 49 449 25 HOH HOH A . 
D 4 HOH 50 450 28 HOH HOH A . 
D 4 HOH 51 451 29 HOH HOH A . 
D 4 HOH 52 452 30 HOH HOH A . 
D 4 HOH 53 453 32 HOH HOH A . 
D 4 HOH 54 454 33 HOH HOH A . 
D 4 HOH 55 455 34 HOH HOH A . 
D 4 HOH 56 456 35 HOH HOH A . 
D 4 HOH 57 457 36 HOH HOH A . 
D 4 HOH 58 458 37 HOH HOH A . 
D 4 HOH 59 459 38 HOH HOH A . 
D 4 HOH 60 460 40 HOH HOH A . 
D 4 HOH 61 461 45 HOH HOH A . 
D 4 HOH 62 462 46 HOH HOH A . 
D 4 HOH 63 463 47 HOH HOH A . 
D 4 HOH 64 464 48 HOH HOH A . 
D 4 HOH 65 465 50 HOH HOH A . 
D 4 HOH 66 466 51 HOH HOH A . 
D 4 HOH 67 467 53 HOH HOH A . 
D 4 HOH 68 468 55 HOH HOH A . 
D 4 HOH 69 469 56 HOH HOH A . 
D 4 HOH 70 470 58 HOH HOH A . 
D 4 HOH 71 471 59 HOH HOH A . 
D 4 HOH 72 472 60 HOH HOH A . 
D 4 HOH 73 473 65 HOH HOH A . 
D 4 HOH 74 474 66 HOH HOH A . 
D 4 HOH 75 475 68 HOH HOH A . 
D 4 HOH 76 476 71 HOH HOH A . 
D 4 HOH 77 477 72 HOH HOH A . 
D 4 HOH 78 478 73 HOH HOH A . 
D 4 HOH 79 479 74 HOH HOH A . 
D 4 HOH 80 480 75 HOH HOH A . 
D 4 HOH 81 481 76 HOH HOH A . 
D 4 HOH 82 482 77 HOH HOH A . 
D 4 HOH 83 483 84 HOH HOH A . 
D 4 HOH 84 484 85 HOH HOH A . 
D 4 HOH 85 485 86 HOH HOH A . 
D 4 HOH 86 486 88 HOH HOH A . 
D 4 HOH 87 487 89 HOH HOH A . 
# 
loop_
_software.citation_id 
_software.classification 
_software.compiler_name 
_software.compiler_version 
_software.contact_author 
_software.contact_author_email 
_software.date 
_software.description 
_software.dependencies 
_software.hardware 
_software.language 
_software.location 
_software.mods 
_software.name 
_software.os 
_software.os_version 
_software.type 
_software.version 
_software.pdbx_ordinal 
? 'data reduction'  ? ? ? ? ? ? ? ? ? ? ? MOSFLM      ? ? ? 7.1.0    1 
? 'data scaling'    ? ? ? ? ? ? ? ? ? ? ? Aimless     ? ? ? 0.3.11   2 
? phasing           ? ? ? ? ? ? ? ? ? ? ? PHASER      ? ? ? 2.5.6    3 
? refinement        ? ? ? ? ? ? ? ? ? ? ? PHENIX      ? ? ? 1.9-1692 4 
? 'data extraction' ? ? ? ? ? ? ? ? ? ? ? PDB_EXTRACT ? ? ? 3.15     5 
# 
_cell.angle_alpha                  90.000 
_cell.angle_alpha_esd              ? 
_cell.angle_beta                   90.000 
_cell.angle_beta_esd               ? 
_cell.angle_gamma                  90.000 
_cell.angle_gamma_esd              ? 
_cell.entry_id                     4YNI 
_cell.details                      ? 
_cell.formula_units_Z              ? 
_cell.length_a                     57.690 
_cell.length_a_esd                 ? 
_cell.length_b                     57.690 
_cell.length_b_esd                 ? 
_cell.length_c                     121.870 
_cell.length_c_esd                 ? 
_cell.volume                       ? 
_cell.volume_esd                   ? 
_cell.Z_PDB                        8 
_cell.reciprocal_angle_alpha       ? 
_cell.reciprocal_angle_beta        ? 
_cell.reciprocal_angle_gamma       ? 
_cell.reciprocal_angle_alpha_esd   ? 
_cell.reciprocal_angle_beta_esd    ? 
_cell.reciprocal_angle_gamma_esd   ? 
_cell.reciprocal_length_a          ? 
_cell.reciprocal_length_b          ? 
_cell.reciprocal_length_c          ? 
_cell.reciprocal_length_a_esd      ? 
_cell.reciprocal_length_b_esd      ? 
_cell.reciprocal_length_c_esd      ? 
_cell.pdbx_unique_axis             ? 
# 
_symmetry.entry_id                         4YNI 
_symmetry.cell_setting                     ? 
_symmetry.Int_Tables_number                96 
_symmetry.space_group_name_Hall            ? 
_symmetry.space_group_name_H-M             'P 43 21 2' 
_symmetry.pdbx_full_space_group_name_H-M   ? 
# 
_exptl.absorpt_coefficient_mu     ? 
_exptl.absorpt_correction_T_max   ? 
_exptl.absorpt_correction_T_min   ? 
_exptl.absorpt_correction_type    ? 
_exptl.absorpt_process_details    ? 
_exptl.entry_id                   4YNI 
_exptl.crystals_number            1 
_exptl.details                    ? 
_exptl.method                     'X-RAY DIFFRACTION' 
_exptl.method_details             ? 
# 
_exptl_crystal.colour                      ? 
_exptl_crystal.density_diffrn              ? 
_exptl_crystal.density_Matthews            2.09 
_exptl_crystal.density_method              ? 
_exptl_crystal.density_percent_sol         41.15 
_exptl_crystal.description                 ? 
_exptl_crystal.F_000                       ? 
_exptl_crystal.id                          1 
_exptl_crystal.preparation                 ? 
_exptl_crystal.size_max                    ? 
_exptl_crystal.size_mid                    ? 
_exptl_crystal.size_min                    ? 
_exptl_crystal.size_rad                    ? 
_exptl_crystal.colour_lustre               ? 
_exptl_crystal.colour_modifier             ? 
_exptl_crystal.colour_primary              ? 
_exptl_crystal.density_meas                ? 
_exptl_crystal.density_meas_esd            ? 
_exptl_crystal.density_meas_gt             ? 
_exptl_crystal.density_meas_lt             ? 
_exptl_crystal.density_meas_temp           ? 
_exptl_crystal.density_meas_temp_esd       ? 
_exptl_crystal.density_meas_temp_gt        ? 
_exptl_crystal.density_meas_temp_lt        ? 
_exptl_crystal.pdbx_crystal_image_url      ? 
_exptl_crystal.pdbx_crystal_image_format   ? 
_exptl_crystal.pdbx_mosaicity              ? 
_exptl_crystal.pdbx_mosaicity_esd          ? 
# 
_exptl_crystal_grow.apparatus       ? 
_exptl_crystal_grow.atmosphere      ? 
_exptl_crystal_grow.crystal_id      1 
_exptl_crystal_grow.details         ? 
_exptl_crystal_grow.method          'VAPOR DIFFUSION, HANGING DROP' 
_exptl_crystal_grow.method_ref      ? 
_exptl_crystal_grow.pH              5.2 
_exptl_crystal_grow.pressure        ? 
_exptl_crystal_grow.pressure_esd    ? 
_exptl_crystal_grow.seeding         ? 
_exptl_crystal_grow.seeding_ref     ? 
_exptl_crystal_grow.temp            291 
_exptl_crystal_grow.temp_details    ? 
_exptl_crystal_grow.temp_esd        ? 
_exptl_crystal_grow.time            ? 
_exptl_crystal_grow.pdbx_details    
;Hanging drops of 1 microL of 15 mg/mL WT-CDO (10mM sodiumphosphate, 20mM NaCl pH 7.5) and 3 microL reservoir buffer were allowed to equilibrate above the reservoir buffer (25% (w/v) polyethylene glycol 1500, 13 mM succinate, 44 mM mono sodium phosphate, 44 mM glycine) and 0.6 microL WT-CDO seeds (grown in the reservoir buffer)
;
_exptl_crystal_grow.pdbx_pH_range   ? 
# 
_diffrn.ambient_environment    ? 
_diffrn.ambient_temp           93 
_diffrn.ambient_temp_details   ? 
_diffrn.ambient_temp_esd       ? 
_diffrn.crystal_id             1 
_diffrn.crystal_support        ? 
_diffrn.crystal_treatment      ? 
_diffrn.details                ? 
_diffrn.id                     1 
_diffrn.ambient_pressure       ? 
_diffrn.ambient_pressure_esd   ? 
_diffrn.ambient_pressure_gt    ? 
_diffrn.ambient_pressure_lt    ? 
_diffrn.ambient_temp_gt        ? 
_diffrn.ambient_temp_lt        ? 
# 
_diffrn_detector.details                      'Osmic VariMax optics' 
_diffrn_detector.detector                     'IMAGE PLATE' 
_diffrn_detector.diffrn_id                    1 
_diffrn_detector.type                         'RIGAKU RAXIS IV++' 
_diffrn_detector.area_resol_mean              ? 
_diffrn_detector.dtime                        ? 
_diffrn_detector.pdbx_frames_total            ? 
_diffrn_detector.pdbx_collection_time_total   ? 
_diffrn_detector.pdbx_collection_date         2013-12-02 
# 
_diffrn_radiation.collimation                      ? 
_diffrn_radiation.diffrn_id                        1 
_diffrn_radiation.filter_edge                      ? 
_diffrn_radiation.inhomogeneity                    ? 
_diffrn_radiation.monochromator                    'Osmic VariMax optics' 
_diffrn_radiation.polarisn_norm                    ? 
_diffrn_radiation.polarisn_ratio                   ? 
_diffrn_radiation.probe                            ? 
_diffrn_radiation.type                             ? 
_diffrn_radiation.xray_symbol                      ? 
_diffrn_radiation.wavelength_id                    1 
_diffrn_radiation.pdbx_monochromatic_or_laue_m_l   M 
_diffrn_radiation.pdbx_wavelength_list             ? 
_diffrn_radiation.pdbx_wavelength                  ? 
_diffrn_radiation.pdbx_diffrn_protocol             'SINGLE WAVELENGTH' 
_diffrn_radiation.pdbx_analyzer                    ? 
_diffrn_radiation.pdbx_scattering_type             x-ray 
# 
_diffrn_radiation_wavelength.id           1 
_diffrn_radiation_wavelength.wavelength   1.54187 
_diffrn_radiation_wavelength.wt           1.0 
# 
_diffrn_source.current                     ? 
_diffrn_source.details                     ? 
_diffrn_source.diffrn_id                   1 
_diffrn_source.power                       ? 
_diffrn_source.size                        ? 
_diffrn_source.source                      'ROTATING ANODE' 
_diffrn_source.target                      ? 
_diffrn_source.type                        RIGAKU 
_diffrn_source.voltage                     ? 
_diffrn_source.take-off_angle              ? 
_diffrn_source.pdbx_wavelength_list        1.54187 
_diffrn_source.pdbx_wavelength             ? 
_diffrn_source.pdbx_synchrotron_beamline   ? 
_diffrn_source.pdbx_synchrotron_site       ? 
# 
_reflns.B_iso_Wilson_estimate            36.890 
_reflns.entry_id                         4YNI 
_reflns.data_reduction_details           ? 
_reflns.data_reduction_method            ? 
_reflns.d_resolution_high                2.400 
_reflns.d_resolution_low                 41.890 
_reflns.details                          ? 
_reflns.limit_h_max                      ? 
_reflns.limit_h_min                      ? 
_reflns.limit_k_max                      ? 
_reflns.limit_k_min                      ? 
_reflns.limit_l_max                      ? 
_reflns.limit_l_min                      ? 
_reflns.number_all                       ? 
_reflns.number_obs                       15515 
_reflns.observed_criterion               ? 
_reflns.observed_criterion_F_max         ? 
_reflns.observed_criterion_F_min         ? 
_reflns.observed_criterion_I_max         ? 
_reflns.observed_criterion_I_min         ? 
_reflns.observed_criterion_sigma_F       ? 
_reflns.observed_criterion_sigma_I       ? 
_reflns.percent_possible_obs             100.000 
_reflns.R_free_details                   ? 
_reflns.Rmerge_F_all                     ? 
_reflns.Rmerge_F_obs                     ? 
_reflns.Friedel_coverage                 ? 
_reflns.number_gt                        ? 
_reflns.threshold_expression             ? 
_reflns.pdbx_redundancy                  10.000 
_reflns.pdbx_Rmerge_I_obs                0.134 
_reflns.pdbx_Rmerge_I_all                ? 
_reflns.pdbx_Rsym_value                  ? 
_reflns.pdbx_netI_over_av_sigmaI         ? 
_reflns.pdbx_netI_over_sigmaI            11.500 
_reflns.pdbx_res_netI_over_av_sigmaI_2   ? 
_reflns.pdbx_res_netI_over_sigmaI_2      ? 
_reflns.pdbx_chi_squared                 ? 
_reflns.pdbx_scaling_rejects             168 
_reflns.pdbx_d_res_high_opt              ? 
_reflns.pdbx_d_res_low_opt               ? 
_reflns.pdbx_d_res_opt_method            ? 
_reflns.phase_calculation_details        ? 
_reflns.pdbx_Rrim_I_all                  ? 
_reflns.pdbx_Rpim_I_all                  0.044 
_reflns.pdbx_d_opt                       ? 
_reflns.pdbx_number_measured_all         85493 
_reflns.pdbx_diffrn_id                   1 
_reflns.pdbx_ordinal                     1 
_reflns.pdbx_CC_half                     0.996 
_reflns.pdbx_R_split                     ? 
# 
loop_
_reflns_shell.d_res_high 
_reflns_shell.d_res_low 
_reflns_shell.meanI_over_sigI_all 
_reflns_shell.meanI_over_sigI_obs 
_reflns_shell.number_measured_all 
_reflns_shell.number_measured_obs 
_reflns_shell.number_possible 
_reflns_shell.number_unique_all 
_reflns_shell.number_unique_obs 
_reflns_shell.percent_possible_all 
_reflns_shell.percent_possible_obs 
_reflns_shell.Rmerge_F_all 
_reflns_shell.Rmerge_F_obs 
_reflns_shell.Rmerge_I_all 
_reflns_shell.Rmerge_I_obs 
_reflns_shell.meanI_over_sigI_gt 
_reflns_shell.meanI_over_uI_all 
_reflns_shell.meanI_over_uI_gt 
_reflns_shell.number_measured_gt 
_reflns_shell.number_unique_gt 
_reflns_shell.percent_possible_gt 
_reflns_shell.Rmerge_F_gt 
_reflns_shell.Rmerge_I_gt 
_reflns_shell.pdbx_redundancy 
_reflns_shell.pdbx_Rsym_value 
_reflns_shell.pdbx_chi_squared 
_reflns_shell.pdbx_netI_over_sigmaI_all 
_reflns_shell.pdbx_netI_over_sigmaI_obs 
_reflns_shell.pdbx_Rrim_I_all 
_reflns_shell.pdbx_Rpim_I_all 
_reflns_shell.pdbx_rejects 
_reflns_shell.pdbx_ordinal 
_reflns_shell.pdbx_diffrn_id 
_reflns_shell.pdbx_CC_half 
_reflns_shell.pdbx_R_split 
2.400 2.490  ? 3.600  7266 ? ? 847 ? 100.000 ? ? ? ? 0.756 ? ? ? ? ? ? ? ? 8.600 ? ? ? ? ? 0.275 0 1 1 0.868 ? 
9.000 41.890 ? 17.100 1639 ? ? 215 ? 99.500  ? ? ? ? 0.061 ? ? ? ? ? ? ? ? 7.600 ? ? ? ? ? 0.022 0 2 1 0.995 ? 
# 
_refine.aniso_B[1][1]                            ? 
_refine.aniso_B[1][2]                            ? 
_refine.aniso_B[1][3]                            ? 
_refine.aniso_B[2][2]                            ? 
_refine.aniso_B[2][3]                            ? 
_refine.aniso_B[3][3]                            ? 
_refine.B_iso_max                                99.030 
_refine.B_iso_mean                               39.2970 
_refine.B_iso_min                                20.930 
_refine.correlation_coeff_Fo_to_Fc               ? 
_refine.correlation_coeff_Fo_to_Fc_free          ? 
_refine.details                                  ? 
_refine.diff_density_max                         ? 
_refine.diff_density_max_esd                     ? 
_refine.diff_density_min                         ? 
_refine.diff_density_min_esd                     ? 
_refine.diff_density_rms                         ? 
_refine.diff_density_rms_esd                     ? 
_refine.entry_id                                 4YNI 
_refine.pdbx_refine_id                           'X-RAY DIFFRACTION' 
_refine.ls_abs_structure_details                 ? 
_refine.ls_abs_structure_Flack                   ? 
_refine.ls_abs_structure_Flack_esd               ? 
_refine.ls_abs_structure_Rogers                  ? 
_refine.ls_abs_structure_Rogers_esd              ? 
_refine.ls_d_res_high                            2.4040 
_refine.ls_d_res_low                             41.890 
_refine.ls_extinction_coef                       ? 
_refine.ls_extinction_coef_esd                   ? 
_refine.ls_extinction_expression                 ? 
_refine.ls_extinction_method                     ? 
_refine.ls_goodness_of_fit_all                   ? 
_refine.ls_goodness_of_fit_all_esd               ? 
_refine.ls_goodness_of_fit_obs                   ? 
_refine.ls_goodness_of_fit_obs_esd               ? 
_refine.ls_hydrogen_treatment                    ? 
_refine.ls_matrix_type                           ? 
_refine.ls_number_constraints                    ? 
_refine.ls_number_parameters                     ? 
_refine.ls_number_reflns_all                     ? 
_refine.ls_number_reflns_obs                     15169 
_refine.ls_number_reflns_R_free                  779 
_refine.ls_number_reflns_R_work                  14390 
_refine.ls_number_restraints                     ? 
_refine.ls_percent_reflns_obs                    99.3900 
_refine.ls_percent_reflns_R_free                 5.1400 
_refine.ls_R_factor_all                          ? 
_refine.ls_R_factor_obs                          0.1776 
_refine.ls_R_factor_R_free                       0.2244 
_refine.ls_R_factor_R_free_error                 ? 
_refine.ls_R_factor_R_free_error_details         ? 
_refine.ls_R_factor_R_work                       0.1750 
_refine.ls_R_Fsqd_factor_obs                     ? 
_refine.ls_R_I_factor_obs                        ? 
_refine.ls_redundancy_reflns_all                 ? 
_refine.ls_redundancy_reflns_obs                 ? 
_refine.ls_restrained_S_all                      ? 
_refine.ls_restrained_S_obs                      ? 
_refine.ls_shift_over_esd_max                    ? 
_refine.ls_shift_over_esd_mean                   ? 
_refine.ls_structure_factor_coef                 ? 
_refine.ls_weighting_details                     ? 
_refine.ls_weighting_scheme                      ? 
_refine.ls_wR_factor_all                         ? 
_refine.ls_wR_factor_obs                         ? 
_refine.ls_wR_factor_R_free                      ? 
_refine.ls_wR_factor_R_work                      ? 
_refine.occupancy_max                            ? 
_refine.occupancy_min                            ? 
_refine.solvent_model_details                    'FLAT BULK SOLVENT MODEL' 
_refine.solvent_model_param_bsol                 ? 
_refine.solvent_model_param_ksol                 ? 
_refine.ls_R_factor_gt                           ? 
_refine.ls_goodness_of_fit_gt                    ? 
_refine.ls_goodness_of_fit_ref                   ? 
_refine.ls_shift_over_su_max                     ? 
_refine.ls_shift_over_su_max_lt                  ? 
_refine.ls_shift_over_su_mean                    ? 
_refine.ls_shift_over_su_mean_lt                 ? 
_refine.pdbx_ls_sigma_I                          ? 
_refine.pdbx_ls_sigma_F                          0.120 
_refine.pdbx_ls_sigma_Fsqd                       ? 
_refine.pdbx_data_cutoff_high_absF               ? 
_refine.pdbx_data_cutoff_high_rms_absF           ? 
_refine.pdbx_data_cutoff_low_absF                ? 
_refine.pdbx_isotropic_thermal_model             ? 
_refine.pdbx_ls_cross_valid_method               'FREE R-VALUE' 
_refine.pdbx_method_to_determine_struct          'MOLECULAR REPLACEMENT' 
_refine.pdbx_starting_model                      4KWJ 
_refine.pdbx_stereochemistry_target_values       ML 
_refine.pdbx_R_Free_selection_details            'Random selection' 
_refine.pdbx_stereochem_target_val_spec_case     ? 
_refine.pdbx_overall_ESU_R                       ? 
_refine.pdbx_overall_ESU_R_Free                  ? 
_refine.pdbx_solvent_vdw_probe_radii             1.1100 
_refine.pdbx_solvent_ion_probe_radii             ? 
_refine.pdbx_solvent_shrinkage_radii             0.9000 
_refine.pdbx_real_space_R                        ? 
_refine.pdbx_density_correlation                 ? 
_refine.pdbx_pd_number_of_powder_patterns        ? 
_refine.pdbx_pd_number_of_points                 ? 
_refine.pdbx_pd_meas_number_of_points            ? 
_refine.pdbx_pd_proc_ls_prof_R_factor            ? 
_refine.pdbx_pd_proc_ls_prof_wR_factor           ? 
_refine.pdbx_pd_Marquardt_correlation_coeff      ? 
_refine.pdbx_pd_Fsqrd_R_factor                   ? 
_refine.pdbx_pd_ls_matrix_band_width             ? 
_refine.pdbx_overall_phase_error                 23.6700 
_refine.pdbx_overall_SU_R_free_Cruickshank_DPI   ? 
_refine.pdbx_overall_SU_R_free_Blow_DPI          ? 
_refine.pdbx_overall_SU_R_Blow_DPI               ? 
_refine.pdbx_TLS_residual_ADP_flag               ? 
_refine.pdbx_diffrn_id                           1 
_refine.overall_SU_B                             ? 
_refine.overall_SU_ML                            0.2700 
_refine.overall_SU_R_Cruickshank_DPI             ? 
_refine.overall_SU_R_free                        ? 
_refine.overall_FOM_free_R_set                   ? 
_refine.overall_FOM_work_R_set                   ? 
_refine.pdbx_average_fsc_overall                 ? 
_refine.pdbx_average_fsc_work                    ? 
_refine.pdbx_average_fsc_free                    ? 
# 
_refine_hist.cycle_id                         final 
_refine_hist.pdbx_refine_id                   'X-RAY DIFFRACTION' 
_refine_hist.d_res_high                       2.4040 
_refine_hist.d_res_low                        41.890 
_refine_hist.pdbx_number_atoms_ligand         9 
_refine_hist.number_atoms_solvent             87 
_refine_hist.number_atoms_total               1615 
_refine_hist.pdbx_number_residues_total       187 
_refine_hist.pdbx_B_iso_mean_ligand           45.65 
_refine_hist.pdbx_B_iso_mean_solvent          41.16 
_refine_hist.pdbx_number_atoms_protein        1519 
_refine_hist.pdbx_number_atoms_nucleic_acid   0 
# 
loop_
_refine_ls_restr.pdbx_refine_id 
_refine_ls_restr.criterion 
_refine_ls_restr.dev_ideal 
_refine_ls_restr.dev_ideal_target 
_refine_ls_restr.number 
_refine_ls_restr.rejects 
_refine_ls_restr.type 
_refine_ls_restr.weight 
_refine_ls_restr.pdbx_restraint_function 
'X-RAY DIFFRACTION' ? 0.010  ? 1602 ? f_bond_d           ? ? 
'X-RAY DIFFRACTION' ? 1.068  ? 2171 ? f_angle_d          ? ? 
'X-RAY DIFFRACTION' ? 0.058  ? 230  ? f_chiral_restr     ? ? 
'X-RAY DIFFRACTION' ? 0.005  ? 285  ? f_plane_restr      ? ? 
'X-RAY DIFFRACTION' ? 13.542 ? 593  ? f_dihedral_angle_d ? ? 
# 
loop_
_refine_ls_shell.pdbx_refine_id 
_refine_ls_shell.d_res_high 
_refine_ls_shell.d_res_low 
_refine_ls_shell.number_reflns_all 
_refine_ls_shell.number_reflns_obs 
_refine_ls_shell.number_reflns_R_free 
_refine_ls_shell.number_reflns_R_work 
_refine_ls_shell.percent_reflns_obs 
_refine_ls_shell.percent_reflns_R_free 
_refine_ls_shell.R_factor_all 
_refine_ls_shell.R_factor_obs 
_refine_ls_shell.R_factor_R_free 
_refine_ls_shell.R_factor_R_free_error 
_refine_ls_shell.R_factor_R_work 
_refine_ls_shell.redundancy_reflns_all 
_refine_ls_shell.redundancy_reflns_obs 
_refine_ls_shell.wR_factor_all 
_refine_ls_shell.wR_factor_obs 
_refine_ls_shell.wR_factor_R_free 
_refine_ls_shell.wR_factor_R_work 
_refine_ls_shell.pdbx_total_number_of_bins_used 
_refine_ls_shell.pdbx_phase_error 
_refine_ls_shell.pdbx_fsc_work 
_refine_ls_shell.pdbx_fsc_free 
'X-RAY DIFFRACTION' 2.404  2.5547  2497 . 145 2352 100.0000 . . . 0.3071 . 0.2424 . . . . . . 6 . . . 
'X-RAY DIFFRACTION' 2.5547 2.7519  2555 . 129 2426 100.0000 . . . 0.3127 . 0.2268 . . . . . . 6 . . . 
'X-RAY DIFFRACTION' 2.7519 3.0288  2544 . 114 2430 100.0000 . . . 0.3029 . 0.2097 . . . . . . 6 . . . 
'X-RAY DIFFRACTION' 3.0288 3.4669  2520 . 111 2409 99.0000  . . . 0.2435 . 0.1897 . . . . . . 6 . . . 
'X-RAY DIFFRACTION' 3.4669 4.3672  2514 . 155 2359 99.0000  . . . 0.2150 . 0.1566 . . . . . . 6 . . . 
'X-RAY DIFFRACTION' 4.3672 41.8996 2539 . 125 2414 99.0000  . . . 0.1440 . 0.1361 . . . . . . 6 . . . 
# 
_struct.entry_id                     4YNI 
_struct.title                        'Iron free succinate bound rat cysteine dioxygenase' 
_struct.pdbx_model_details           ? 
_struct.pdbx_formula_weight          ? 
_struct.pdbx_formula_weight_method   ? 
_struct.pdbx_model_type_details      ? 
_struct.pdbx_CASP_flag               ? 
# 
_struct_keywords.entry_id        4YNI 
_struct_keywords.text            'non-heme mono-iron, Cupin, succinate, iron free, OXIDOREDUCTASE' 
_struct_keywords.pdbx_keywords   OXIDOREDUCTASE 
# 
loop_
_struct_asym.id 
_struct_asym.pdbx_blank_PDB_chainid_flag 
_struct_asym.pdbx_modified 
_struct_asym.entity_id 
_struct_asym.details 
A N N 1 ? 
B N N 2 ? 
C N N 3 ? 
D N N 4 ? 
# 
_struct_ref.id                         1 
_struct_ref.db_name                    UNP 
_struct_ref.db_code                    CDO1_RAT 
_struct_ref.pdbx_db_accession          P21816 
_struct_ref.pdbx_db_isoform            ? 
_struct_ref.entity_id                  1 
_struct_ref.pdbx_seq_one_letter_code   
;MERTELLKPRTLADLIRILHELFAGDEVNVEEVQAVLEAYESNPAEWALYAKFDQYRYTRNLVDQGNGKFNLMILCWGEG
HGSSIHDHTDSHCFLKLLQGNLKETLFDWPDKKSNEMIKKSERTLRENQCAYINDSIGLHRVENVSHTEPAVSLHLYSPP
FDTCHAFDQRTGHKNKVTMTFHSKFGIRTPFTTSGSLENN
;
_struct_ref.pdbx_align_begin           1 
# 
_struct_ref_seq.align_id                      1 
_struct_ref_seq.ref_id                        1 
_struct_ref_seq.pdbx_PDB_id_code              4YNI 
_struct_ref_seq.pdbx_strand_id                A 
_struct_ref_seq.seq_align_beg                 1 
_struct_ref_seq.pdbx_seq_align_beg_ins_code   ? 
_struct_ref_seq.seq_align_end                 200 
_struct_ref_seq.pdbx_seq_align_end_ins_code   ? 
_struct_ref_seq.pdbx_db_accession             P21816 
_struct_ref_seq.db_align_beg                  1 
_struct_ref_seq.pdbx_db_align_beg_ins_code    ? 
_struct_ref_seq.db_align_end                  200 
_struct_ref_seq.pdbx_db_align_end_ins_code    ? 
_struct_ref_seq.pdbx_auth_seq_align_beg       1 
_struct_ref_seq.pdbx_auth_seq_align_end       200 
# 
loop_
_struct_ref_seq_dif.align_id 
_struct_ref_seq_dif.pdbx_pdb_id_code 
_struct_ref_seq_dif.mon_id 
_struct_ref_seq_dif.pdbx_pdb_strand_id 
_struct_ref_seq_dif.seq_num 
_struct_ref_seq_dif.pdbx_pdb_ins_code 
_struct_ref_seq_dif.pdbx_seq_db_name 
_struct_ref_seq_dif.pdbx_seq_db_accession_code 
_struct_ref_seq_dif.db_mon_id 
_struct_ref_seq_dif.pdbx_seq_db_seq_num 
_struct_ref_seq_dif.details 
_struct_ref_seq_dif.pdbx_auth_seq_num 
_struct_ref_seq_dif.pdbx_ordinal 
1 4YNI SER A 201 ? UNP P21816 ? ? 'expression tag' 201 1  
1 4YNI ALA A 202 ? UNP P21816 ? ? 'expression tag' 202 2  
1 4YNI TRP A 203 ? UNP P21816 ? ? 'expression tag' 203 3  
1 4YNI SER A 204 ? UNP P21816 ? ? 'expression tag' 204 4  
1 4YNI HIS A 205 ? UNP P21816 ? ? 'expression tag' 205 5  
1 4YNI PRO A 206 ? UNP P21816 ? ? 'expression tag' 206 6  
1 4YNI GLN A 207 ? UNP P21816 ? ? 'expression tag' 207 7  
1 4YNI PHE A 208 ? UNP P21816 ? ? 'expression tag' 208 8  
1 4YNI GLU A 209 ? UNP P21816 ? ? 'expression tag' 209 9  
1 4YNI LYS A 210 ? UNP P21816 ? ? 'expression tag' 210 10 
# 
_pdbx_struct_assembly.id                   1 
_pdbx_struct_assembly.details              author_defined_assembly 
_pdbx_struct_assembly.method_details       ? 
_pdbx_struct_assembly.oligomeric_details   monomeric 
_pdbx_struct_assembly.oligomeric_count     1 
# 
_pdbx_struct_assembly_gen.assembly_id       1 
_pdbx_struct_assembly_gen.oper_expression   1 
_pdbx_struct_assembly_gen.asym_id_list      A,B,C,D 
# 
_pdbx_struct_oper_list.id                   1 
_pdbx_struct_oper_list.type                 'identity operation' 
_pdbx_struct_oper_list.name                 1_555 
_pdbx_struct_oper_list.symmetry_operation   x,y,z 
_pdbx_struct_oper_list.matrix[1][1]         1.0000000000 
_pdbx_struct_oper_list.matrix[1][2]         0.0000000000 
_pdbx_struct_oper_list.matrix[1][3]         0.0000000000 
_pdbx_struct_oper_list.vector[1]            0.0000000000 
_pdbx_struct_oper_list.matrix[2][1]         0.0000000000 
_pdbx_struct_oper_list.matrix[2][2]         1.0000000000 
_pdbx_struct_oper_list.matrix[2][3]         0.0000000000 
_pdbx_struct_oper_list.vector[2]            0.0000000000 
_pdbx_struct_oper_list.matrix[3][1]         0.0000000000 
_pdbx_struct_oper_list.matrix[3][2]         0.0000000000 
_pdbx_struct_oper_list.matrix[3][3]         1.0000000000 
_pdbx_struct_oper_list.vector[3]            0.0000000000 
# 
loop_
_struct_conf.conf_type_id 
_struct_conf.id 
_struct_conf.pdbx_PDB_helix_id 
_struct_conf.beg_label_comp_id 
_struct_conf.beg_label_asym_id 
_struct_conf.beg_label_seq_id 
_struct_conf.pdbx_beg_PDB_ins_code 
_struct_conf.end_label_comp_id 
_struct_conf.end_label_asym_id 
_struct_conf.end_label_seq_id 
_struct_conf.pdbx_end_PDB_ins_code 
_struct_conf.beg_auth_comp_id 
_struct_conf.beg_auth_asym_id 
_struct_conf.beg_auth_seq_id 
_struct_conf.end_auth_comp_id 
_struct_conf.end_auth_asym_id 
_struct_conf.end_auth_seq_id 
_struct_conf.pdbx_PDB_helix_class 
_struct_conf.details 
_struct_conf.pdbx_PDB_helix_length 
HELX_P HELX_P1 AA1 THR A 11 ? PHE A 23 ? THR A 11 PHE A 23 1 ? 13 
HELX_P HELX_P2 AA2 ASN A 29 ? TYR A 40 ? ASN A 29 TYR A 40 1 ? 12 
HELX_P HELX_P3 AA3 ASN A 43 ? ALA A 48 ? ASN A 43 ALA A 48 1 ? 6  
HELX_P HELX_P4 AA4 GLN A 65 ? LYS A 69 ? GLN A 65 LYS A 69 5 ? 5  
# 
_struct_conf_type.id          HELX_P 
_struct_conf_type.criteria    ? 
_struct_conf_type.reference   ? 
# 
loop_
_struct_conn.id 
_struct_conn.conn_type_id 
_struct_conn.pdbx_leaving_atom_flag 
_struct_conn.pdbx_PDB_id 
_struct_conn.ptnr1_label_asym_id 
_struct_conn.ptnr1_label_comp_id 
_struct_conn.ptnr1_label_seq_id 
_struct_conn.ptnr1_label_atom_id 
_struct_conn.pdbx_ptnr1_label_alt_id 
_struct_conn.pdbx_ptnr1_PDB_ins_code 
_struct_conn.pdbx_ptnr1_standard_comp_id 
_struct_conn.ptnr1_symmetry 
_struct_conn.ptnr2_label_asym_id 
_struct_conn.ptnr2_label_comp_id 
_struct_conn.ptnr2_label_seq_id 
_struct_conn.ptnr2_label_atom_id 
_struct_conn.pdbx_ptnr2_label_alt_id 
_struct_conn.pdbx_ptnr2_PDB_ins_code 
_struct_conn.ptnr1_auth_asym_id 
_struct_conn.ptnr1_auth_comp_id 
_struct_conn.ptnr1_auth_seq_id 
_struct_conn.ptnr2_auth_asym_id 
_struct_conn.ptnr2_auth_comp_id 
_struct_conn.ptnr2_auth_seq_id 
_struct_conn.ptnr2_symmetry 
_struct_conn.pdbx_ptnr3_label_atom_id 
_struct_conn.pdbx_ptnr3_label_seq_id 
_struct_conn.pdbx_ptnr3_label_comp_id 
_struct_conn.pdbx_ptnr3_label_asym_id 
_struct_conn.pdbx_ptnr3_label_alt_id 
_struct_conn.pdbx_ptnr3_PDB_ins_code 
_struct_conn.details 
_struct_conn.pdbx_dist_value 
_struct_conn.pdbx_value_order 
_struct_conn.pdbx_role 
covale1 covale none ? A CYS 93  SG  ? ? ? 1_555 A TYR 157 CE2 ? ? A CYS 93  A TYR 157 1_555 ? ? ? ? ? ? ? 1.844 ? ? 
metalc1 metalc ?    ? A ASP 135 OD1 ? ? ? 1_555 B NA  .   NA  ? ? A ASP 135 A NA  301 1_555 ? ? ? ? ? ? ? 2.235 ? ? 
metalc2 metalc ?    ? A GLY 138 O   ? ? ? 1_555 B NA  .   NA  ? ? A GLY 138 A NA  301 1_555 ? ? ? ? ? ? ? 3.012 ? ? 
# 
loop_
_struct_conn_type.id 
_struct_conn_type.criteria 
_struct_conn_type.reference 
covale ? ? 
metalc ? ? 
# 
_pdbx_struct_conn_angle.id                    1 
_pdbx_struct_conn_angle.ptnr1_label_atom_id   OD1 
_pdbx_struct_conn_angle.ptnr1_label_alt_id    ? 
_pdbx_struct_conn_angle.ptnr1_label_asym_id   A 
_pdbx_struct_conn_angle.ptnr1_label_comp_id   ASP 
_pdbx_struct_conn_angle.ptnr1_label_seq_id    135 
_pdbx_struct_conn_angle.ptnr1_auth_atom_id    ? 
_pdbx_struct_conn_angle.ptnr1_auth_asym_id    A 
_pdbx_struct_conn_angle.ptnr1_auth_comp_id    ASP 
_pdbx_struct_conn_angle.ptnr1_auth_seq_id     135 
_pdbx_struct_conn_angle.ptnr1_PDB_ins_code    ? 
_pdbx_struct_conn_angle.ptnr1_symmetry        1_555 
_pdbx_struct_conn_angle.ptnr2_label_atom_id   NA 
_pdbx_struct_conn_angle.ptnr2_label_alt_id    ? 
_pdbx_struct_conn_angle.ptnr2_label_asym_id   B 
_pdbx_struct_conn_angle.ptnr2_label_comp_id   NA 
_pdbx_struct_conn_angle.ptnr2_label_seq_id    . 
_pdbx_struct_conn_angle.ptnr2_auth_atom_id    ? 
_pdbx_struct_conn_angle.ptnr2_auth_asym_id    A 
_pdbx_struct_conn_angle.ptnr2_auth_comp_id    NA 
_pdbx_struct_conn_angle.ptnr2_auth_seq_id     301 
_pdbx_struct_conn_angle.ptnr2_PDB_ins_code    ? 
_pdbx_struct_conn_angle.ptnr2_symmetry        1_555 
_pdbx_struct_conn_angle.ptnr3_label_atom_id   O 
_pdbx_struct_conn_angle.ptnr3_label_alt_id    ? 
_pdbx_struct_conn_angle.ptnr3_label_asym_id   A 
_pdbx_struct_conn_angle.ptnr3_label_comp_id   GLY 
_pdbx_struct_conn_angle.ptnr3_label_seq_id    138 
_pdbx_struct_conn_angle.ptnr3_auth_atom_id    ? 
_pdbx_struct_conn_angle.ptnr3_auth_asym_id    A 
_pdbx_struct_conn_angle.ptnr3_auth_comp_id    GLY 
_pdbx_struct_conn_angle.ptnr3_auth_seq_id     138 
_pdbx_struct_conn_angle.ptnr3_PDB_ins_code    ? 
_pdbx_struct_conn_angle.ptnr3_symmetry        1_555 
_pdbx_struct_conn_angle.value                 114.8 
_pdbx_struct_conn_angle.value_esd             ? 
# 
_pdbx_modification_feature.ordinal                            1 
_pdbx_modification_feature.label_comp_id                      CYS 
_pdbx_modification_feature.label_asym_id                      A 
_pdbx_modification_feature.label_seq_id                       93 
_pdbx_modification_feature.label_alt_id                       ? 
_pdbx_modification_feature.modified_residue_label_comp_id     TYR 
_pdbx_modification_feature.modified_residue_label_asym_id     A 
_pdbx_modification_feature.modified_residue_label_seq_id      157 
_pdbx_modification_feature.modified_residue_label_alt_id      ? 
_pdbx_modification_feature.auth_comp_id                       CYS 
_pdbx_modification_feature.auth_asym_id                       A 
_pdbx_modification_feature.auth_seq_id                        93 
_pdbx_modification_feature.PDB_ins_code                       ? 
_pdbx_modification_feature.symmetry                           1_555 
_pdbx_modification_feature.modified_residue_auth_comp_id      TYR 
_pdbx_modification_feature.modified_residue_auth_asym_id      A 
_pdbx_modification_feature.modified_residue_auth_seq_id       157 
_pdbx_modification_feature.modified_residue_PDB_ins_code      ? 
_pdbx_modification_feature.modified_residue_symmetry          1_555 
_pdbx_modification_feature.comp_id_linking_atom               SG 
_pdbx_modification_feature.modified_residue_id_linking_atom   CE2 
_pdbx_modification_feature.modified_residue_id                . 
_pdbx_modification_feature.ref_pcm_id                         . 
_pdbx_modification_feature.ref_comp_id                        . 
_pdbx_modification_feature.type                               None 
_pdbx_modification_feature.category                           'Non-standard linkage' 
# 
_struct_mon_prot_cis.pdbx_id                1 
_struct_mon_prot_cis.label_comp_id          SER 
_struct_mon_prot_cis.label_seq_id           158 
_struct_mon_prot_cis.label_asym_id          A 
_struct_mon_prot_cis.label_alt_id           . 
_struct_mon_prot_cis.pdbx_PDB_ins_code      ? 
_struct_mon_prot_cis.auth_comp_id           SER 
_struct_mon_prot_cis.auth_seq_id            158 
_struct_mon_prot_cis.auth_asym_id           A 
_struct_mon_prot_cis.pdbx_label_comp_id_2   PRO 
_struct_mon_prot_cis.pdbx_label_seq_id_2    159 
_struct_mon_prot_cis.pdbx_label_asym_id_2   A 
_struct_mon_prot_cis.pdbx_PDB_ins_code_2    ? 
_struct_mon_prot_cis.pdbx_auth_comp_id_2    PRO 
_struct_mon_prot_cis.pdbx_auth_seq_id_2     159 
_struct_mon_prot_cis.pdbx_auth_asym_id_2    A 
_struct_mon_prot_cis.pdbx_PDB_model_num     1 
_struct_mon_prot_cis.pdbx_omega_angle       -3.34 
# 
loop_
_struct_sheet.id 
_struct_sheet.type 
_struct_sheet.number_strands 
_struct_sheet.details 
AA1 ? 7 ? 
AA2 ? 3 ? 
AA3 ? 3 ? 
# 
loop_
_struct_sheet_order.sheet_id 
_struct_sheet_order.range_id_1 
_struct_sheet_order.range_id_2 
_struct_sheet_order.offset 
_struct_sheet_order.sense 
AA1 1 2 ? anti-parallel 
AA1 2 3 ? anti-parallel 
AA1 3 4 ? anti-parallel 
AA1 4 5 ? anti-parallel 
AA1 5 6 ? parallel      
AA1 6 7 ? anti-parallel 
AA2 1 2 ? anti-parallel 
AA2 2 3 ? anti-parallel 
AA3 1 2 ? anti-parallel 
AA3 2 3 ? anti-parallel 
# 
loop_
_struct_sheet_range.sheet_id 
_struct_sheet_range.id 
_struct_sheet_range.beg_label_comp_id 
_struct_sheet_range.beg_label_asym_id 
_struct_sheet_range.beg_label_seq_id 
_struct_sheet_range.pdbx_beg_PDB_ins_code 
_struct_sheet_range.end_label_comp_id 
_struct_sheet_range.end_label_asym_id 
_struct_sheet_range.end_label_seq_id 
_struct_sheet_range.pdbx_end_PDB_ins_code 
_struct_sheet_range.beg_auth_comp_id 
_struct_sheet_range.beg_auth_asym_id 
_struct_sheet_range.beg_auth_seq_id 
_struct_sheet_range.end_auth_comp_id 
_struct_sheet_range.end_auth_asym_id 
_struct_sheet_range.end_auth_seq_id 
AA1 1 CYS A 130 ? ILE A 133 ? CYS A 130 ILE A 133 
AA1 2 HIS A 92  ? GLN A 99  ? HIS A 92  GLN A 99  
AA1 3 ALA A 151 ? SER A 158 ? ALA A 151 SER A 158 
AA1 4 ASN A 71  ? TRP A 77  ? ASN A 71  TRP A 77  
AA1 5 THR A 59  ? ASP A 64  ? THR A 59  ASP A 64  
AA1 6 SER A 183 ? LYS A 184 ? SER A 183 LYS A 184 
AA1 7 ILE A 187 ? ARG A 188 ? ILE A 187 ARG A 188 
AA2 1 ILE A 85  ? HIS A 86  ? ILE A 85  HIS A 86  
AA2 2 THR A 163 ? PHE A 167 ? THR A 163 PHE A 167 
AA2 3 LYS A 174 ? THR A 178 ? LYS A 174 THR A 178 
AA3 1 LYS A 119 ? LEU A 125 ? LYS A 119 LEU A 125 
AA3 2 LEU A 102 ? PHE A 107 ? LEU A 102 PHE A 107 
AA3 3 LEU A 139 ? GLU A 143 ? LEU A 139 GLU A 143 
# 
loop_
_pdbx_struct_sheet_hbond.sheet_id 
_pdbx_struct_sheet_hbond.range_id_1 
_pdbx_struct_sheet_hbond.range_id_2 
_pdbx_struct_sheet_hbond.range_1_label_atom_id 
_pdbx_struct_sheet_hbond.range_1_label_comp_id 
_pdbx_struct_sheet_hbond.range_1_label_asym_id 
_pdbx_struct_sheet_hbond.range_1_label_seq_id 
_pdbx_struct_sheet_hbond.range_1_PDB_ins_code 
_pdbx_struct_sheet_hbond.range_1_auth_atom_id 
_pdbx_struct_sheet_hbond.range_1_auth_comp_id 
_pdbx_struct_sheet_hbond.range_1_auth_asym_id 
_pdbx_struct_sheet_hbond.range_1_auth_seq_id 
_pdbx_struct_sheet_hbond.range_2_label_atom_id 
_pdbx_struct_sheet_hbond.range_2_label_comp_id 
_pdbx_struct_sheet_hbond.range_2_label_asym_id 
_pdbx_struct_sheet_hbond.range_2_label_seq_id 
_pdbx_struct_sheet_hbond.range_2_PDB_ins_code 
_pdbx_struct_sheet_hbond.range_2_auth_atom_id 
_pdbx_struct_sheet_hbond.range_2_auth_comp_id 
_pdbx_struct_sheet_hbond.range_2_auth_asym_id 
_pdbx_struct_sheet_hbond.range_2_auth_seq_id 
AA1 1 2 O ALA A 131 ? O ALA A 131 N LEU A 95  ? N LEU A 95  
AA1 2 3 N HIS A 92  ? N HIS A 92  O SER A 158 ? O SER A 158 
AA1 3 4 O HIS A 155 ? O HIS A 155 N MET A 73  ? N MET A 73  
AA1 4 5 O ILE A 74  ? O ILE A 74  N ASN A 61  ? N ASN A 61  
AA1 5 6 N LEU A 62  ? N LEU A 62  O SER A 183 ? O SER A 183 
AA1 6 7 N LYS A 184 ? N LYS A 184 O ILE A 187 ? O ILE A 187 
AA2 1 2 N ILE A 85  ? N ILE A 85  O PHE A 167 ? O PHE A 167 
AA2 2 3 N CYS A 164 ? N CYS A 164 O VAL A 177 ? O VAL A 177 
AA3 1 2 O LEU A 125 ? O LEU A 125 N LEU A 102 ? N LEU A 102 
AA3 2 3 N LYS A 103 ? N LYS A 103 O GLU A 143 ? O GLU A 143 
# 
loop_
_struct_site.id 
_struct_site.pdbx_evidence_code 
_struct_site.pdbx_auth_asym_id 
_struct_site.pdbx_auth_comp_id 
_struct_site.pdbx_auth_seq_id 
_struct_site.pdbx_auth_ins_code 
_struct_site.pdbx_num_residues 
_struct_site.details 
AC1 Software A NA  301 ? 5  'binding site for residue NA A 301'  
AC2 Software A SIN 302 ? 10 'binding site for residue SIN A 302' 
# 
loop_
_struct_site_gen.id 
_struct_site_gen.site_id 
_struct_site_gen.pdbx_num_res 
_struct_site_gen.label_comp_id 
_struct_site_gen.label_asym_id 
_struct_site_gen.label_seq_id 
_struct_site_gen.pdbx_auth_ins_code 
_struct_site_gen.auth_comp_id 
_struct_site_gen.auth_asym_id 
_struct_site_gen.auth_seq_id 
_struct_site_gen.label_atom_id 
_struct_site_gen.label_alt_id 
_struct_site_gen.symmetry 
_struct_site_gen.details 
1  AC1 5  ASP A 87  ? ASP A 87  . ? 1_555 ? 
2  AC1 5  HIS A 88  ? HIS A 88  . ? 1_555 ? 
3  AC1 5  ASN A 134 ? ASN A 134 . ? 1_555 ? 
4  AC1 5  ASP A 135 ? ASP A 135 . ? 1_555 ? 
5  AC1 5  GLY A 138 ? GLY A 138 . ? 1_555 ? 
6  AC2 10 TYR A 58  ? TYR A 58  . ? 1_555 ? 
7  AC2 10 ARG A 60  ? ARG A 60  . ? 1_555 ? 
8  AC2 10 LEU A 75  ? LEU A 75  . ? 1_555 ? 
9  AC2 10 HIS A 86  ? HIS A 86  . ? 1_555 ? 
10 AC2 10 HIS A 88  ? HIS A 88  . ? 1_555 ? 
11 AC2 10 CYS A 93  ? CYS A 93  . ? 1_555 ? 
12 AC2 10 HIS A 140 ? HIS A 140 . ? 1_555 ? 
13 AC2 10 TYR A 157 ? TYR A 157 . ? 1_555 ? 
14 AC2 10 MET A 179 ? MET A 179 . ? 1_555 ? 
15 AC2 10 HOH D .   ? HOH A 486 . ? 1_555 ? 
# 
_pdbx_entry_details.entry_id                   4YNI 
_pdbx_entry_details.compound_details           ? 
_pdbx_entry_details.source_details             ? 
_pdbx_entry_details.nonpolymer_details         ? 
_pdbx_entry_details.sequence_details           ? 
_pdbx_entry_details.has_ligand_of_interest     ? 
_pdbx_entry_details.has_protein_modification   Y 
# 
_pdbx_validate_close_contact.id               1 
_pdbx_validate_close_contact.PDB_model_num    1 
_pdbx_validate_close_contact.auth_atom_id_1   OE2 
_pdbx_validate_close_contact.auth_asym_id_1   A 
_pdbx_validate_close_contact.auth_comp_id_1   GLU 
_pdbx_validate_close_contact.auth_seq_id_1    46 
_pdbx_validate_close_contact.PDB_ins_code_1   ? 
_pdbx_validate_close_contact.label_alt_id_1   ? 
_pdbx_validate_close_contact.auth_atom_id_2   O 
_pdbx_validate_close_contact.auth_asym_id_2   A 
_pdbx_validate_close_contact.auth_comp_id_2   HOH 
_pdbx_validate_close_contact.auth_seq_id_2    446 
_pdbx_validate_close_contact.PDB_ins_code_2   ? 
_pdbx_validate_close_contact.label_alt_id_2   ? 
_pdbx_validate_close_contact.dist             2.03 
# 
_pdbx_validate_torsion.id              1 
_pdbx_validate_torsion.PDB_model_num   1 
_pdbx_validate_torsion.auth_comp_id    ASN 
_pdbx_validate_torsion.auth_asym_id    A 
_pdbx_validate_torsion.auth_seq_id     128 
_pdbx_validate_torsion.PDB_ins_code    ? 
_pdbx_validate_torsion.label_alt_id    ? 
_pdbx_validate_torsion.phi             77.79 
_pdbx_validate_torsion.psi             -7.64 
# 
_phasing.method   MR 
# 
loop_
_pdbx_unobs_or_zero_occ_residues.id 
_pdbx_unobs_or_zero_occ_residues.PDB_model_num 
_pdbx_unobs_or_zero_occ_residues.polymer_flag 
_pdbx_unobs_or_zero_occ_residues.occupancy_flag 
_pdbx_unobs_or_zero_occ_residues.auth_asym_id 
_pdbx_unobs_or_zero_occ_residues.auth_comp_id 
_pdbx_unobs_or_zero_occ_residues.auth_seq_id 
_pdbx_unobs_or_zero_occ_residues.PDB_ins_code 
_pdbx_unobs_or_zero_occ_residues.label_asym_id 
_pdbx_unobs_or_zero_occ_residues.label_comp_id 
_pdbx_unobs_or_zero_occ_residues.label_seq_id 
1  1 Y 1 A MET 1   ? A MET 1   
2  1 Y 1 A GLU 2   ? A GLU 2   
3  1 Y 1 A ARG 3   ? A ARG 3   
4  1 Y 1 A PHE 191 ? A PHE 191 
5  1 Y 1 A THR 192 ? A THR 192 
6  1 Y 1 A THR 193 ? A THR 193 
7  1 Y 1 A SER 194 ? A SER 194 
8  1 Y 1 A GLY 195 ? A GLY 195 
9  1 Y 1 A SER 196 ? A SER 196 
10 1 Y 1 A LEU 197 ? A LEU 197 
11 1 Y 1 A GLU 198 ? A GLU 198 
12 1 Y 1 A ASN 199 ? A ASN 199 
13 1 Y 1 A ASN 200 ? A ASN 200 
14 1 Y 1 A SER 201 ? A SER 201 
15 1 Y 1 A ALA 202 ? A ALA 202 
16 1 Y 1 A TRP 203 ? A TRP 203 
17 1 Y 1 A SER 204 ? A SER 204 
18 1 Y 1 A HIS 205 ? A HIS 205 
19 1 Y 1 A PRO 206 ? A PRO 206 
20 1 Y 1 A GLN 207 ? A GLN 207 
21 1 Y 1 A PHE 208 ? A PHE 208 
22 1 Y 1 A GLU 209 ? A GLU 209 
23 1 Y 1 A LYS 210 ? A LYS 210 
# 
loop_
_chem_comp_atom.comp_id 
_chem_comp_atom.atom_id 
_chem_comp_atom.type_symbol 
_chem_comp_atom.pdbx_aromatic_flag 
_chem_comp_atom.pdbx_stereo_config 
_chem_comp_atom.pdbx_ordinal 
ALA N    N  N N 1   
ALA CA   C  N S 2   
ALA C    C  N N 3   
ALA O    O  N N 4   
ALA CB   C  N N 5   
ALA OXT  O  N N 6   
ALA H    H  N N 7   
ALA H2   H  N N 8   
ALA HA   H  N N 9   
ALA HB1  H  N N 10  
ALA HB2  H  N N 11  
ALA HB3  H  N N 12  
ALA HXT  H  N N 13  
ARG N    N  N N 14  
ARG CA   C  N S 15  
ARG C    C  N N 16  
ARG O    O  N N 17  
ARG CB   C  N N 18  
ARG CG   C  N N 19  
ARG CD   C  N N 20  
ARG NE   N  N N 21  
ARG CZ   C  N N 22  
ARG NH1  N  N N 23  
ARG NH2  N  N N 24  
ARG OXT  O  N N 25  
ARG H    H  N N 26  
ARG H2   H  N N 27  
ARG HA   H  N N 28  
ARG HB2  H  N N 29  
ARG HB3  H  N N 30  
ARG HG2  H  N N 31  
ARG HG3  H  N N 32  
ARG HD2  H  N N 33  
ARG HD3  H  N N 34  
ARG HE   H  N N 35  
ARG HH11 H  N N 36  
ARG HH12 H  N N 37  
ARG HH21 H  N N 38  
ARG HH22 H  N N 39  
ARG HXT  H  N N 40  
ASN N    N  N N 41  
ASN CA   C  N S 42  
ASN C    C  N N 43  
ASN O    O  N N 44  
ASN CB   C  N N 45  
ASN CG   C  N N 46  
ASN OD1  O  N N 47  
ASN ND2  N  N N 48  
ASN OXT  O  N N 49  
ASN H    H  N N 50  
ASN H2   H  N N 51  
ASN HA   H  N N 52  
ASN HB2  H  N N 53  
ASN HB3  H  N N 54  
ASN HD21 H  N N 55  
ASN HD22 H  N N 56  
ASN HXT  H  N N 57  
ASP N    N  N N 58  
ASP CA   C  N S 59  
ASP C    C  N N 60  
ASP O    O  N N 61  
ASP CB   C  N N 62  
ASP CG   C  N N 63  
ASP OD1  O  N N 64  
ASP OD2  O  N N 65  
ASP OXT  O  N N 66  
ASP H    H  N N 67  
ASP H2   H  N N 68  
ASP HA   H  N N 69  
ASP HB2  H  N N 70  
ASP HB3  H  N N 71  
ASP HD2  H  N N 72  
ASP HXT  H  N N 73  
CYS N    N  N N 74  
CYS CA   C  N R 75  
CYS C    C  N N 76  
CYS O    O  N N 77  
CYS CB   C  N N 78  
CYS SG   S  N N 79  
CYS OXT  O  N N 80  
CYS H    H  N N 81  
CYS H2   H  N N 82  
CYS HA   H  N N 83  
CYS HB2  H  N N 84  
CYS HB3  H  N N 85  
CYS HG   H  N N 86  
CYS HXT  H  N N 87  
GLN N    N  N N 88  
GLN CA   C  N S 89  
GLN C    C  N N 90  
GLN O    O  N N 91  
GLN CB   C  N N 92  
GLN CG   C  N N 93  
GLN CD   C  N N 94  
GLN OE1  O  N N 95  
GLN NE2  N  N N 96  
GLN OXT  O  N N 97  
GLN H    H  N N 98  
GLN H2   H  N N 99  
GLN HA   H  N N 100 
GLN HB2  H  N N 101 
GLN HB3  H  N N 102 
GLN HG2  H  N N 103 
GLN HG3  H  N N 104 
GLN HE21 H  N N 105 
GLN HE22 H  N N 106 
GLN HXT  H  N N 107 
GLU N    N  N N 108 
GLU CA   C  N S 109 
GLU C    C  N N 110 
GLU O    O  N N 111 
GLU CB   C  N N 112 
GLU CG   C  N N 113 
GLU CD   C  N N 114 
GLU OE1  O  N N 115 
GLU OE2  O  N N 116 
GLU OXT  O  N N 117 
GLU H    H  N N 118 
GLU H2   H  N N 119 
GLU HA   H  N N 120 
GLU HB2  H  N N 121 
GLU HB3  H  N N 122 
GLU HG2  H  N N 123 
GLU HG3  H  N N 124 
GLU HE2  H  N N 125 
GLU HXT  H  N N 126 
GLY N    N  N N 127 
GLY CA   C  N N 128 
GLY C    C  N N 129 
GLY O    O  N N 130 
GLY OXT  O  N N 131 
GLY H    H  N N 132 
GLY H2   H  N N 133 
GLY HA2  H  N N 134 
GLY HA3  H  N N 135 
GLY HXT  H  N N 136 
HIS N    N  N N 137 
HIS CA   C  N S 138 
HIS C    C  N N 139 
HIS O    O  N N 140 
HIS CB   C  N N 141 
HIS CG   C  Y N 142 
HIS ND1  N  Y N 143 
HIS CD2  C  Y N 144 
HIS CE1  C  Y N 145 
HIS NE2  N  Y N 146 
HIS OXT  O  N N 147 
HIS H    H  N N 148 
HIS H2   H  N N 149 
HIS HA   H  N N 150 
HIS HB2  H  N N 151 
HIS HB3  H  N N 152 
HIS HD1  H  N N 153 
HIS HD2  H  N N 154 
HIS HE1  H  N N 155 
HIS HE2  H  N N 156 
HIS HXT  H  N N 157 
HOH O    O  N N 158 
HOH H1   H  N N 159 
HOH H2   H  N N 160 
ILE N    N  N N 161 
ILE CA   C  N S 162 
ILE C    C  N N 163 
ILE O    O  N N 164 
ILE CB   C  N S 165 
ILE CG1  C  N N 166 
ILE CG2  C  N N 167 
ILE CD1  C  N N 168 
ILE OXT  O  N N 169 
ILE H    H  N N 170 
ILE H2   H  N N 171 
ILE HA   H  N N 172 
ILE HB   H  N N 173 
ILE HG12 H  N N 174 
ILE HG13 H  N N 175 
ILE HG21 H  N N 176 
ILE HG22 H  N N 177 
ILE HG23 H  N N 178 
ILE HD11 H  N N 179 
ILE HD12 H  N N 180 
ILE HD13 H  N N 181 
ILE HXT  H  N N 182 
LEU N    N  N N 183 
LEU CA   C  N S 184 
LEU C    C  N N 185 
LEU O    O  N N 186 
LEU CB   C  N N 187 
LEU CG   C  N N 188 
LEU CD1  C  N N 189 
LEU CD2  C  N N 190 
LEU OXT  O  N N 191 
LEU H    H  N N 192 
LEU H2   H  N N 193 
LEU HA   H  N N 194 
LEU HB2  H  N N 195 
LEU HB3  H  N N 196 
LEU HG   H  N N 197 
LEU HD11 H  N N 198 
LEU HD12 H  N N 199 
LEU HD13 H  N N 200 
LEU HD21 H  N N 201 
LEU HD22 H  N N 202 
LEU HD23 H  N N 203 
LEU HXT  H  N N 204 
LYS N    N  N N 205 
LYS CA   C  N S 206 
LYS C    C  N N 207 
LYS O    O  N N 208 
LYS CB   C  N N 209 
LYS CG   C  N N 210 
LYS CD   C  N N 211 
LYS CE   C  N N 212 
LYS NZ   N  N N 213 
LYS OXT  O  N N 214 
LYS H    H  N N 215 
LYS H2   H  N N 216 
LYS HA   H  N N 217 
LYS HB2  H  N N 218 
LYS HB3  H  N N 219 
LYS HG2  H  N N 220 
LYS HG3  H  N N 221 
LYS HD2  H  N N 222 
LYS HD3  H  N N 223 
LYS HE2  H  N N 224 
LYS HE3  H  N N 225 
LYS HZ1  H  N N 226 
LYS HZ2  H  N N 227 
LYS HZ3  H  N N 228 
LYS HXT  H  N N 229 
MET N    N  N N 230 
MET CA   C  N S 231 
MET C    C  N N 232 
MET O    O  N N 233 
MET CB   C  N N 234 
MET CG   C  N N 235 
MET SD   S  N N 236 
MET CE   C  N N 237 
MET OXT  O  N N 238 
MET H    H  N N 239 
MET H2   H  N N 240 
MET HA   H  N N 241 
MET HB2  H  N N 242 
MET HB3  H  N N 243 
MET HG2  H  N N 244 
MET HG3  H  N N 245 
MET HE1  H  N N 246 
MET HE2  H  N N 247 
MET HE3  H  N N 248 
MET HXT  H  N N 249 
NA  NA   NA N N 250 
PHE N    N  N N 251 
PHE CA   C  N S 252 
PHE C    C  N N 253 
PHE O    O  N N 254 
PHE CB   C  N N 255 
PHE CG   C  Y N 256 
PHE CD1  C  Y N 257 
PHE CD2  C  Y N 258 
PHE CE1  C  Y N 259 
PHE CE2  C  Y N 260 
PHE CZ   C  Y N 261 
PHE OXT  O  N N 262 
PHE H    H  N N 263 
PHE H2   H  N N 264 
PHE HA   H  N N 265 
PHE HB2  H  N N 266 
PHE HB3  H  N N 267 
PHE HD1  H  N N 268 
PHE HD2  H  N N 269 
PHE HE1  H  N N 270 
PHE HE2  H  N N 271 
PHE HZ   H  N N 272 
PHE HXT  H  N N 273 
PRO N    N  N N 274 
PRO CA   C  N S 275 
PRO C    C  N N 276 
PRO O    O  N N 277 
PRO CB   C  N N 278 
PRO CG   C  N N 279 
PRO CD   C  N N 280 
PRO OXT  O  N N 281 
PRO H    H  N N 282 
PRO HA   H  N N 283 
PRO HB2  H  N N 284 
PRO HB3  H  N N 285 
PRO HG2  H  N N 286 
PRO HG3  H  N N 287 
PRO HD2  H  N N 288 
PRO HD3  H  N N 289 
PRO HXT  H  N N 290 
SER N    N  N N 291 
SER CA   C  N S 292 
SER C    C  N N 293 
SER O    O  N N 294 
SER CB   C  N N 295 
SER OG   O  N N 296 
SER OXT  O  N N 297 
SER H    H  N N 298 
SER H2   H  N N 299 
SER HA   H  N N 300 
SER HB2  H  N N 301 
SER HB3  H  N N 302 
SER HG   H  N N 303 
SER HXT  H  N N 304 
SIN C1   C  N N 305 
SIN O1   O  N N 306 
SIN O2   O  N N 307 
SIN C2   C  N N 308 
SIN C3   C  N N 309 
SIN C4   C  N N 310 
SIN O3   O  N N 311 
SIN O4   O  N N 312 
SIN HO2  H  N N 313 
SIN H21  H  N N 314 
SIN H22  H  N N 315 
SIN H31  H  N N 316 
SIN H32  H  N N 317 
SIN HO4  H  N N 318 
THR N    N  N N 319 
THR CA   C  N S 320 
THR C    C  N N 321 
THR O    O  N N 322 
THR CB   C  N R 323 
THR OG1  O  N N 324 
THR CG2  C  N N 325 
THR OXT  O  N N 326 
THR H    H  N N 327 
THR H2   H  N N 328 
THR HA   H  N N 329 
THR HB   H  N N 330 
THR HG1  H  N N 331 
THR HG21 H  N N 332 
THR HG22 H  N N 333 
THR HG23 H  N N 334 
THR HXT  H  N N 335 
TRP N    N  N N 336 
TRP CA   C  N S 337 
TRP C    C  N N 338 
TRP O    O  N N 339 
TRP CB   C  N N 340 
TRP CG   C  Y N 341 
TRP CD1  C  Y N 342 
TRP CD2  C  Y N 343 
TRP NE1  N  Y N 344 
TRP CE2  C  Y N 345 
TRP CE3  C  Y N 346 
TRP CZ2  C  Y N 347 
TRP CZ3  C  Y N 348 
TRP CH2  C  Y N 349 
TRP OXT  O  N N 350 
TRP H    H  N N 351 
TRP H2   H  N N 352 
TRP HA   H  N N 353 
TRP HB2  H  N N 354 
TRP HB3  H  N N 355 
TRP HD1  H  N N 356 
TRP HE1  H  N N 357 
TRP HE3  H  N N 358 
TRP HZ2  H  N N 359 
TRP HZ3  H  N N 360 
TRP HH2  H  N N 361 
TRP HXT  H  N N 362 
TYR N    N  N N 363 
TYR CA   C  N S 364 
TYR C    C  N N 365 
TYR O    O  N N 366 
TYR CB   C  N N 367 
TYR CG   C  Y N 368 
TYR CD1  C  Y N 369 
TYR CD2  C  Y N 370 
TYR CE1  C  Y N 371 
TYR CE2  C  Y N 372 
TYR CZ   C  Y N 373 
TYR OH   O  N N 374 
TYR OXT  O  N N 375 
TYR H    H  N N 376 
TYR H2   H  N N 377 
TYR HA   H  N N 378 
TYR HB2  H  N N 379 
TYR HB3  H  N N 380 
TYR HD1  H  N N 381 
TYR HD2  H  N N 382 
TYR HE1  H  N N 383 
TYR HE2  H  N N 384 
TYR HH   H  N N 385 
TYR HXT  H  N N 386 
VAL N    N  N N 387 
VAL CA   C  N S 388 
VAL C    C  N N 389 
VAL O    O  N N 390 
VAL CB   C  N N 391 
VAL CG1  C  N N 392 
VAL CG2  C  N N 393 
VAL OXT  O  N N 394 
VAL H    H  N N 395 
VAL H2   H  N N 396 
VAL HA   H  N N 397 
VAL HB   H  N N 398 
VAL HG11 H  N N 399 
VAL HG12 H  N N 400 
VAL HG13 H  N N 401 
VAL HG21 H  N N 402 
VAL HG22 H  N N 403 
VAL HG23 H  N N 404 
VAL HXT  H  N N 405 
# 
loop_
_chem_comp_bond.comp_id 
_chem_comp_bond.atom_id_1 
_chem_comp_bond.atom_id_2 
_chem_comp_bond.value_order 
_chem_comp_bond.pdbx_aromatic_flag 
_chem_comp_bond.pdbx_stereo_config 
_chem_comp_bond.pdbx_ordinal 
ALA N   CA   sing N N 1   
ALA N   H    sing N N 2   
ALA N   H2   sing N N 3   
ALA CA  C    sing N N 4   
ALA CA  CB   sing N N 5   
ALA CA  HA   sing N N 6   
ALA C   O    doub N N 7   
ALA C   OXT  sing N N 8   
ALA CB  HB1  sing N N 9   
ALA CB  HB2  sing N N 10  
ALA CB  HB3  sing N N 11  
ALA OXT HXT  sing N N 12  
ARG N   CA   sing N N 13  
ARG N   H    sing N N 14  
ARG N   H2   sing N N 15  
ARG CA  C    sing N N 16  
ARG CA  CB   sing N N 17  
ARG CA  HA   sing N N 18  
ARG C   O    doub N N 19  
ARG C   OXT  sing N N 20  
ARG CB  CG   sing N N 21  
ARG CB  HB2  sing N N 22  
ARG CB  HB3  sing N N 23  
ARG CG  CD   sing N N 24  
ARG CG  HG2  sing N N 25  
ARG CG  HG3  sing N N 26  
ARG CD  NE   sing N N 27  
ARG CD  HD2  sing N N 28  
ARG CD  HD3  sing N N 29  
ARG NE  CZ   sing N N 30  
ARG NE  HE   sing N N 31  
ARG CZ  NH1  sing N N 32  
ARG CZ  NH2  doub N N 33  
ARG NH1 HH11 sing N N 34  
ARG NH1 HH12 sing N N 35  
ARG NH2 HH21 sing N N 36  
ARG NH2 HH22 sing N N 37  
ARG OXT HXT  sing N N 38  
ASN N   CA   sing N N 39  
ASN N   H    sing N N 40  
ASN N   H2   sing N N 41  
ASN CA  C    sing N N 42  
ASN CA  CB   sing N N 43  
ASN CA  HA   sing N N 44  
ASN C   O    doub N N 45  
ASN C   OXT  sing N N 46  
ASN CB  CG   sing N N 47  
ASN CB  HB2  sing N N 48  
ASN CB  HB3  sing N N 49  
ASN CG  OD1  doub N N 50  
ASN CG  ND2  sing N N 51  
ASN ND2 HD21 sing N N 52  
ASN ND2 HD22 sing N N 53  
ASN OXT HXT  sing N N 54  
ASP N   CA   sing N N 55  
ASP N   H    sing N N 56  
ASP N   H2   sing N N 57  
ASP CA  C    sing N N 58  
ASP CA  CB   sing N N 59  
ASP CA  HA   sing N N 60  
ASP C   O    doub N N 61  
ASP C   OXT  sing N N 62  
ASP CB  CG   sing N N 63  
ASP CB  HB2  sing N N 64  
ASP CB  HB3  sing N N 65  
ASP CG  OD1  doub N N 66  
ASP CG  OD2  sing N N 67  
ASP OD2 HD2  sing N N 68  
ASP OXT HXT  sing N N 69  
CYS N   CA   sing N N 70  
CYS N   H    sing N N 71  
CYS N   H2   sing N N 72  
CYS CA  C    sing N N 73  
CYS CA  CB   sing N N 74  
CYS CA  HA   sing N N 75  
CYS C   O    doub N N 76  
CYS C   OXT  sing N N 77  
CYS CB  SG   sing N N 78  
CYS CB  HB2  sing N N 79  
CYS CB  HB3  sing N N 80  
CYS SG  HG   sing N N 81  
CYS OXT HXT  sing N N 82  
GLN N   CA   sing N N 83  
GLN N   H    sing N N 84  
GLN N   H2   sing N N 85  
GLN CA  C    sing N N 86  
GLN CA  CB   sing N N 87  
GLN CA  HA   sing N N 88  
GLN C   O    doub N N 89  
GLN C   OXT  sing N N 90  
GLN CB  CG   sing N N 91  
GLN CB  HB2  sing N N 92  
GLN CB  HB3  sing N N 93  
GLN CG  CD   sing N N 94  
GLN CG  HG2  sing N N 95  
GLN CG  HG3  sing N N 96  
GLN CD  OE1  doub N N 97  
GLN CD  NE2  sing N N 98  
GLN NE2 HE21 sing N N 99  
GLN NE2 HE22 sing N N 100 
GLN OXT HXT  sing N N 101 
GLU N   CA   sing N N 102 
GLU N   H    sing N N 103 
GLU N   H2   sing N N 104 
GLU CA  C    sing N N 105 
GLU CA  CB   sing N N 106 
GLU CA  HA   sing N N 107 
GLU C   O    doub N N 108 
GLU C   OXT  sing N N 109 
GLU CB  CG   sing N N 110 
GLU CB  HB2  sing N N 111 
GLU CB  HB3  sing N N 112 
GLU CG  CD   sing N N 113 
GLU CG  HG2  sing N N 114 
GLU CG  HG3  sing N N 115 
GLU CD  OE1  doub N N 116 
GLU CD  OE2  sing N N 117 
GLU OE2 HE2  sing N N 118 
GLU OXT HXT  sing N N 119 
GLY N   CA   sing N N 120 
GLY N   H    sing N N 121 
GLY N   H2   sing N N 122 
GLY CA  C    sing N N 123 
GLY CA  HA2  sing N N 124 
GLY CA  HA3  sing N N 125 
GLY C   O    doub N N 126 
GLY C   OXT  sing N N 127 
GLY OXT HXT  sing N N 128 
HIS N   CA   sing N N 129 
HIS N   H    sing N N 130 
HIS N   H2   sing N N 131 
HIS CA  C    sing N N 132 
HIS CA  CB   sing N N 133 
HIS CA  HA   sing N N 134 
HIS C   O    doub N N 135 
HIS C   OXT  sing N N 136 
HIS CB  CG   sing N N 137 
HIS CB  HB2  sing N N 138 
HIS CB  HB3  sing N N 139 
HIS CG  ND1  sing Y N 140 
HIS CG  CD2  doub Y N 141 
HIS ND1 CE1  doub Y N 142 
HIS ND1 HD1  sing N N 143 
HIS CD2 NE2  sing Y N 144 
HIS CD2 HD2  sing N N 145 
HIS CE1 NE2  sing Y N 146 
HIS CE1 HE1  sing N N 147 
HIS NE2 HE2  sing N N 148 
HIS OXT HXT  sing N N 149 
HOH O   H1   sing N N 150 
HOH O   H2   sing N N 151 
ILE N   CA   sing N N 152 
ILE N   H    sing N N 153 
ILE N   H2   sing N N 154 
ILE CA  C    sing N N 155 
ILE CA  CB   sing N N 156 
ILE CA  HA   sing N N 157 
ILE C   O    doub N N 158 
ILE C   OXT  sing N N 159 
ILE CB  CG1  sing N N 160 
ILE CB  CG2  sing N N 161 
ILE CB  HB   sing N N 162 
ILE CG1 CD1  sing N N 163 
ILE CG1 HG12 sing N N 164 
ILE CG1 HG13 sing N N 165 
ILE CG2 HG21 sing N N 166 
ILE CG2 HG22 sing N N 167 
ILE CG2 HG23 sing N N 168 
ILE CD1 HD11 sing N N 169 
ILE CD1 HD12 sing N N 170 
ILE CD1 HD13 sing N N 171 
ILE OXT HXT  sing N N 172 
LEU N   CA   sing N N 173 
LEU N   H    sing N N 174 
LEU N   H2   sing N N 175 
LEU CA  C    sing N N 176 
LEU CA  CB   sing N N 177 
LEU CA  HA   sing N N 178 
LEU C   O    doub N N 179 
LEU C   OXT  sing N N 180 
LEU CB  CG   sing N N 181 
LEU CB  HB2  sing N N 182 
LEU CB  HB3  sing N N 183 
LEU CG  CD1  sing N N 184 
LEU CG  CD2  sing N N 185 
LEU CG  HG   sing N N 186 
LEU CD1 HD11 sing N N 187 
LEU CD1 HD12 sing N N 188 
LEU CD1 HD13 sing N N 189 
LEU CD2 HD21 sing N N 190 
LEU CD2 HD22 sing N N 191 
LEU CD2 HD23 sing N N 192 
LEU OXT HXT  sing N N 193 
LYS N   CA   sing N N 194 
LYS N   H    sing N N 195 
LYS N   H2   sing N N 196 
LYS CA  C    sing N N 197 
LYS CA  CB   sing N N 198 
LYS CA  HA   sing N N 199 
LYS C   O    doub N N 200 
LYS C   OXT  sing N N 201 
LYS CB  CG   sing N N 202 
LYS CB  HB2  sing N N 203 
LYS CB  HB3  sing N N 204 
LYS CG  CD   sing N N 205 
LYS CG  HG2  sing N N 206 
LYS CG  HG3  sing N N 207 
LYS CD  CE   sing N N 208 
LYS CD  HD2  sing N N 209 
LYS CD  HD3  sing N N 210 
LYS CE  NZ   sing N N 211 
LYS CE  HE2  sing N N 212 
LYS CE  HE3  sing N N 213 
LYS NZ  HZ1  sing N N 214 
LYS NZ  HZ2  sing N N 215 
LYS NZ  HZ3  sing N N 216 
LYS OXT HXT  sing N N 217 
MET N   CA   sing N N 218 
MET N   H    sing N N 219 
MET N   H2   sing N N 220 
MET CA  C    sing N N 221 
MET CA  CB   sing N N 222 
MET CA  HA   sing N N 223 
MET C   O    doub N N 224 
MET C   OXT  sing N N 225 
MET CB  CG   sing N N 226 
MET CB  HB2  sing N N 227 
MET CB  HB3  sing N N 228 
MET CG  SD   sing N N 229 
MET CG  HG2  sing N N 230 
MET CG  HG3  sing N N 231 
MET SD  CE   sing N N 232 
MET CE  HE1  sing N N 233 
MET CE  HE2  sing N N 234 
MET CE  HE3  sing N N 235 
MET OXT HXT  sing N N 236 
PHE N   CA   sing N N 237 
PHE N   H    sing N N 238 
PHE N   H2   sing N N 239 
PHE CA  C    sing N N 240 
PHE CA  CB   sing N N 241 
PHE CA  HA   sing N N 242 
PHE C   O    doub N N 243 
PHE C   OXT  sing N N 244 
PHE CB  CG   sing N N 245 
PHE CB  HB2  sing N N 246 
PHE CB  HB3  sing N N 247 
PHE CG  CD1  doub Y N 248 
PHE CG  CD2  sing Y N 249 
PHE CD1 CE1  sing Y N 250 
PHE CD1 HD1  sing N N 251 
PHE CD2 CE2  doub Y N 252 
PHE CD2 HD2  sing N N 253 
PHE CE1 CZ   doub Y N 254 
PHE CE1 HE1  sing N N 255 
PHE CE2 CZ   sing Y N 256 
PHE CE2 HE2  sing N N 257 
PHE CZ  HZ   sing N N 258 
PHE OXT HXT  sing N N 259 
PRO N   CA   sing N N 260 
PRO N   CD   sing N N 261 
PRO N   H    sing N N 262 
PRO CA  C    sing N N 263 
PRO CA  CB   sing N N 264 
PRO CA  HA   sing N N 265 
PRO C   O    doub N N 266 
PRO C   OXT  sing N N 267 
PRO CB  CG   sing N N 268 
PRO CB  HB2  sing N N 269 
PRO CB  HB3  sing N N 270 
PRO CG  CD   sing N N 271 
PRO CG  HG2  sing N N 272 
PRO CG  HG3  sing N N 273 
PRO CD  HD2  sing N N 274 
PRO CD  HD3  sing N N 275 
PRO OXT HXT  sing N N 276 
SER N   CA   sing N N 277 
SER N   H    sing N N 278 
SER N   H2   sing N N 279 
SER CA  C    sing N N 280 
SER CA  CB   sing N N 281 
SER CA  HA   sing N N 282 
SER C   O    doub N N 283 
SER C   OXT  sing N N 284 
SER CB  OG   sing N N 285 
SER CB  HB2  sing N N 286 
SER CB  HB3  sing N N 287 
SER OG  HG   sing N N 288 
SER OXT HXT  sing N N 289 
SIN C1  O1   doub N N 290 
SIN C1  O2   sing N N 291 
SIN C1  C2   sing N N 292 
SIN O2  HO2  sing N N 293 
SIN C2  C3   sing N N 294 
SIN C2  H21  sing N N 295 
SIN C2  H22  sing N N 296 
SIN C3  C4   sing N N 297 
SIN C3  H31  sing N N 298 
SIN C3  H32  sing N N 299 
SIN C4  O3   doub N N 300 
SIN C4  O4   sing N N 301 
SIN O4  HO4  sing N N 302 
THR N   CA   sing N N 303 
THR N   H    sing N N 304 
THR N   H2   sing N N 305 
THR CA  C    sing N N 306 
THR CA  CB   sing N N 307 
THR CA  HA   sing N N 308 
THR C   O    doub N N 309 
THR C   OXT  sing N N 310 
THR CB  OG1  sing N N 311 
THR CB  CG2  sing N N 312 
THR CB  HB   sing N N 313 
THR OG1 HG1  sing N N 314 
THR CG2 HG21 sing N N 315 
THR CG2 HG22 sing N N 316 
THR CG2 HG23 sing N N 317 
THR OXT HXT  sing N N 318 
TRP N   CA   sing N N 319 
TRP N   H    sing N N 320 
TRP N   H2   sing N N 321 
TRP CA  C    sing N N 322 
TRP CA  CB   sing N N 323 
TRP CA  HA   sing N N 324 
TRP C   O    doub N N 325 
TRP C   OXT  sing N N 326 
TRP CB  CG   sing N N 327 
TRP CB  HB2  sing N N 328 
TRP CB  HB3  sing N N 329 
TRP CG  CD1  doub Y N 330 
TRP CG  CD2  sing Y N 331 
TRP CD1 NE1  sing Y N 332 
TRP CD1 HD1  sing N N 333 
TRP CD2 CE2  doub Y N 334 
TRP CD2 CE3  sing Y N 335 
TRP NE1 CE2  sing Y N 336 
TRP NE1 HE1  sing N N 337 
TRP CE2 CZ2  sing Y N 338 
TRP CE3 CZ3  doub Y N 339 
TRP CE3 HE3  sing N N 340 
TRP CZ2 CH2  doub Y N 341 
TRP CZ2 HZ2  sing N N 342 
TRP CZ3 CH2  sing Y N 343 
TRP CZ3 HZ3  sing N N 344 
TRP CH2 HH2  sing N N 345 
TRP OXT HXT  sing N N 346 
TYR N   CA   sing N N 347 
TYR N   H    sing N N 348 
TYR N   H2   sing N N 349 
TYR CA  C    sing N N 350 
TYR CA  CB   sing N N 351 
TYR CA  HA   sing N N 352 
TYR C   O    doub N N 353 
TYR C   OXT  sing N N 354 
TYR CB  CG   sing N N 355 
TYR CB  HB2  sing N N 356 
TYR CB  HB3  sing N N 357 
TYR CG  CD1  doub Y N 358 
TYR CG  CD2  sing Y N 359 
TYR CD1 CE1  sing Y N 360 
TYR CD1 HD1  sing N N 361 
TYR CD2 CE2  doub Y N 362 
TYR CD2 HD2  sing N N 363 
TYR CE1 CZ   doub Y N 364 
TYR CE1 HE1  sing N N 365 
TYR CE2 CZ   sing Y N 366 
TYR CE2 HE2  sing N N 367 
TYR CZ  OH   sing N N 368 
TYR OH  HH   sing N N 369 
TYR OXT HXT  sing N N 370 
VAL N   CA   sing N N 371 
VAL N   H    sing N N 372 
VAL N   H2   sing N N 373 
VAL CA  C    sing N N 374 
VAL CA  CB   sing N N 375 
VAL CA  HA   sing N N 376 
VAL C   O    doub N N 377 
VAL C   OXT  sing N N 378 
VAL CB  CG1  sing N N 379 
VAL CB  CG2  sing N N 380 
VAL CB  HB   sing N N 381 
VAL CG1 HG11 sing N N 382 
VAL CG1 HG12 sing N N 383 
VAL CG1 HG13 sing N N 384 
VAL CG2 HG21 sing N N 385 
VAL CG2 HG22 sing N N 386 
VAL CG2 HG23 sing N N 387 
VAL OXT HXT  sing N N 388 
# 
_pdbx_initial_refinement_model.id               1 
_pdbx_initial_refinement_model.entity_id_list   ? 
_pdbx_initial_refinement_model.type             'experimental model' 
_pdbx_initial_refinement_model.source_name      PDB 
_pdbx_initial_refinement_model.accession_code   4KWJ 
_pdbx_initial_refinement_model.details          ? 
# 
_atom_sites.entry_id                    4YNI 
_atom_sites.fract_transf_matrix[1][1]   0.00390907 
_atom_sites.fract_transf_matrix[1][2]   -0.00520988 
_atom_sites.fract_transf_matrix[1][3]   0.01606374 
_atom_sites.fract_transf_matrix[2][1]   0.00673959 
_atom_sites.fract_transf_matrix[2][2]   -0.01463722 
_atom_sites.fract_transf_matrix[2][3]   -0.00638728 
_atom_sites.fract_transf_matrix[3][1]   0.00732947 
_atom_sites.fract_transf_matrix[3][2]   0.00363821 
_atom_sites.fract_transf_matrix[3][3]   -0.00060365 
_atom_sites.fract_transf_vector[1]      1.295769 
_atom_sites.fract_transf_vector[2]      1.059340 
_atom_sites.fract_transf_vector[3]      0.156875 
# 
loop_
_atom_type.symbol 
C  
N  
NA 
O  
S  
# 
loop_
_atom_site.group_PDB 
_atom_site.id 
_atom_site.type_symbol 
_atom_site.label_atom_id 
_atom_site.label_alt_id 
_atom_site.label_comp_id 
_atom_site.label_asym_id 
_atom_site.label_entity_id 
_atom_site.label_seq_id 
_atom_site.pdbx_PDB_ins_code 
_atom_site.Cartn_x 
_atom_site.Cartn_y 
_atom_site.Cartn_z 
_atom_site.occupancy 
_atom_site.B_iso_or_equiv 
_atom_site.pdbx_formal_charge 
_atom_site.auth_seq_id 
_atom_site.auth_comp_id 
_atom_site.auth_asym_id 
_atom_site.auth_atom_id 
_atom_site.pdbx_PDB_model_num 
ATOM   1    N  N   . THR A 1 4   ? -9.397  -23.583 1.172   1.00 89.14 ? 4   THR A N   1 
ATOM   2    C  CA  . THR A 1 4   ? -8.529  -22.712 1.961   1.00 93.10 ? 4   THR A CA  1 
ATOM   3    C  C   . THR A 1 4   ? -7.065  -23.162 1.892   1.00 76.47 ? 4   THR A C   1 
ATOM   4    O  O   . THR A 1 4   ? -6.255  -22.827 2.764   0.80 62.75 ? 4   THR A O   1 
ATOM   5    C  CB  . THR A 1 4   ? -8.978  -22.657 3.442   1.00 92.78 ? 4   THR A CB  1 
ATOM   6    O  OG1 . THR A 1 4   ? -9.066  -23.990 3.969   1.00 92.33 ? 4   THR A OG1 1 
ATOM   7    C  CG2 . THR A 1 4   ? -10.334 -21.966 3.568   1.00 78.99 ? 4   THR A CG2 1 
ATOM   8    N  N   . GLU A 1 5   ? -6.734  -23.917 0.847   1.00 67.80 ? 5   GLU A N   1 
ATOM   9    C  CA  . GLU A 1 5   ? -5.374  -24.415 0.666   1.00 64.46 ? 5   GLU A CA  1 
ATOM   10   C  C   . GLU A 1 5   ? -4.440  -23.371 0.042   1.00 58.06 ? 5   GLU A C   1 
ATOM   11   O  O   . GLU A 1 5   ? -4.390  -23.212 -1.183  1.00 61.34 ? 5   GLU A O   1 
ATOM   12   C  CB  . GLU A 1 5   ? -5.377  -25.668 -0.203  1.00 69.45 ? 5   GLU A CB  1 
ATOM   13   C  CG  . GLU A 1 5   ? -3.976  -26.161 -0.518  1.00 67.12 ? 5   GLU A CG  1 
ATOM   14   C  CD  . GLU A 1 5   ? -3.953  -27.182 -1.634  1.00 80.77 ? 5   GLU A CD  1 
ATOM   15   O  OE1 . GLU A 1 5   ? -4.916  -27.200 -2.436  1.00 84.33 ? 5   GLU A OE1 1 
ATOM   16   O  OE2 . GLU A 1 5   ? -2.973  -27.965 -1.706  1.00 71.32 ? 5   GLU A OE2 1 
ATOM   17   N  N   . LEU A 1 6   ? -3.688  -22.680 0.891   1.00 54.66 ? 6   LEU A N   1 
ATOM   18   C  CA  . LEU A 1 6   ? -2.806  -21.615 0.438   1.00 45.85 ? 6   LEU A CA  1 
ATOM   19   C  C   . LEU A 1 6   ? -1.589  -22.150 -0.305  1.00 45.58 ? 6   LEU A C   1 
ATOM   20   O  O   . LEU A 1 6   ? -0.794  -22.906 0.261   1.00 39.64 ? 6   LEU A O   1 
ATOM   21   C  CB  . LEU A 1 6   ? -2.352  -20.779 1.626   1.00 42.63 ? 6   LEU A CB  1 
ATOM   22   C  CG  . LEU A 1 6   ? -3.418  -19.940 2.321   1.00 51.90 ? 6   LEU A CG  1 
ATOM   23   C  CD1 . LEU A 1 6   ? -2.776  -19.133 3.446   1.00 48.68 ? 6   LEU A CD1 1 
ATOM   24   C  CD2 . LEU A 1 6   ? -4.115  -19.030 1.314   1.00 46.97 ? 6   LEU A CD2 1 
ATOM   25   N  N   . LEU A 1 7   ? -1.424  -21.755 -1.566  1.00 43.02 ? 7   LEU A N   1 
ATOM   26   C  CA  . LEU A 1 7   ? -0.225  -22.158 -2.295  1.00 47.13 ? 7   LEU A CA  1 
ATOM   27   C  C   . LEU A 1 7   ? 0.657   -20.967 -2.655  1.00 44.11 ? 7   LEU A C   1 
ATOM   28   O  O   . LEU A 1 7   ? 0.213   -19.819 -2.643  1.00 35.96 ? 7   LEU A O   1 
ATOM   29   C  CB  . LEU A 1 7   ? -0.594  -22.943 -3.550  1.00 41.79 ? 7   LEU A CB  1 
ATOM   30   C  CG  . LEU A 1 7   ? -0.958  -24.409 -3.273  1.00 52.68 ? 7   LEU A CG  1 
ATOM   31   C  CD1 . LEU A 1 7   ? -1.288  -25.143 -4.566  1.00 45.24 ? 7   LEU A CD1 1 
ATOM   32   C  CD2 . LEU A 1 7   ? 0.163   -25.120 -2.520  1.00 43.90 ? 7   LEU A CD2 1 
ATOM   33   N  N   . LYS A 1 8   ? 1.921   -21.255 -2.946  1.00 32.68 ? 8   LYS A N   1 
ATOM   34   C  CA  . LYS A 1 8   ? 2.864   -20.227 -3.325  1.00 37.64 ? 8   LYS A CA  1 
ATOM   35   C  C   . LYS A 1 8   ? 2.508   -19.659 -4.697  1.00 38.53 ? 8   LYS A C   1 
ATOM   36   O  O   . LYS A 1 8   ? 2.461   -20.385 -5.675  1.00 38.50 ? 8   LYS A O   1 
ATOM   37   C  CB  . LYS A 1 8   ? 4.288   -20.791 -3.331  1.00 37.03 ? 8   LYS A CB  1 
ATOM   38   C  CG  . LYS A 1 8   ? 5.334   -19.865 -3.940  1.00 35.85 ? 8   LYS A CG  1 
ATOM   39   C  CD  . LYS A 1 8   ? 6.729   -20.382 -3.658  1.00 39.08 ? 8   LYS A CD  1 
ATOM   40   C  CE  . LYS A 1 8   ? 7.783   -19.549 -4.366  1.00 48.28 ? 8   LYS A CE  1 
ATOM   41   N  NZ  . LYS A 1 8   ? 7.915   -18.169 -3.811  1.00 54.76 ? 8   LYS A NZ  1 
ATOM   42   N  N   . PRO A 1 9   ? 2.243   -18.353 -4.771  1.00 38.91 ? 9   PRO A N   1 
ATOM   43   C  CA  . PRO A 1 9   ? 2.078   -17.766 -6.103  1.00 38.27 ? 9   PRO A CA  1 
ATOM   44   C  C   . PRO A 1 9   ? 3.389   -17.856 -6.884  1.00 38.77 ? 9   PRO A C   1 
ATOM   45   O  O   . PRO A 1 9   ? 4.432   -17.416 -6.399  1.00 38.42 ? 9   PRO A O   1 
ATOM   46   C  CB  . PRO A 1 9   ? 1.709   -16.312 -5.808  1.00 36.47 ? 9   PRO A CB  1 
ATOM   47   C  CG  . PRO A 1 9   ? 1.298   -16.302 -4.353  1.00 42.75 ? 9   PRO A CG  1 
ATOM   48   C  CD  . PRO A 1 9   ? 2.081   -17.367 -3.692  1.00 32.28 ? 9   PRO A CD  1 
ATOM   49   N  N   A ARG A 1 10  ? 3.331   -18.417 -8.086  0.51 40.46 ? 10  ARG A N   1 
ATOM   50   N  N   B ARG A 1 10  ? 3.346   -18.432 -8.080  0.49 40.45 ? 10  ARG A N   1 
ATOM   51   C  CA  A ARG A 1 10  ? 4.527   -18.575 -8.901  0.51 41.49 ? 10  ARG A CA  1 
ATOM   52   C  CA  B ARG A 1 10  ? 4.558   -18.543 -8.882  0.49 41.45 ? 10  ARG A CA  1 
ATOM   53   C  C   A ARG A 1 10  ? 4.806   -17.329 -9.747  0.51 38.45 ? 10  ARG A C   1 
ATOM   54   C  C   B ARG A 1 10  ? 4.828   -17.266 -9.671  0.49 38.42 ? 10  ARG A C   1 
ATOM   55   O  O   A ARG A 1 10  ? 5.942   -17.082 -10.145 0.51 38.08 ? 10  ARG A O   1 
ATOM   56   O  O   B ARG A 1 10  ? 5.976   -16.939 -9.964  0.49 38.04 ? 10  ARG A O   1 
ATOM   57   C  CB  A ARG A 1 10  ? 4.396   -19.824 -9.780  0.51 43.27 ? 10  ARG A CB  1 
ATOM   58   C  CB  B ARG A 1 10  ? 4.475   -19.747 -9.824  0.49 43.25 ? 10  ARG A CB  1 
ATOM   59   C  CG  A ARG A 1 10  ? 4.383   -21.129 -8.974  0.51 43.47 ? 10  ARG A CG  1 
ATOM   60   C  CG  B ARG A 1 10  ? 3.212   -19.838 -10.655 0.49 44.35 ? 10  ARG A CG  1 
ATOM   61   C  CD  A ARG A 1 10  ? 4.106   -22.347 -9.846  0.51 46.29 ? 10  ARG A CD  1 
ATOM   62   C  CD  B ARG A 1 10  ? 3.299   -21.037 -11.587 0.49 47.73 ? 10  ARG A CD  1 
ATOM   63   N  NE  A ARG A 1 10  ? 2.776   -22.291 -10.443 0.51 47.24 ? 10  ARG A NE  1 
ATOM   64   N  NE  B ARG A 1 10  ? 4.559   -21.027 -12.327 0.49 47.19 ? 10  ARG A NE  1 
ATOM   65   C  CZ  A ARG A 1 10  ? 2.349   -23.109 -11.402 0.51 52.86 ? 10  ARG A CZ  1 
ATOM   66   C  CZ  B ARG A 1 10  ? 4.719   -20.428 -13.500 0.49 44.99 ? 10  ARG A CZ  1 
ATOM   67   N  NH1 A ARG A 1 10  ? 3.153   -24.052 -11.882 0.51 44.05 ? 10  ARG A NH1 1 
ATOM   68   N  NH1 B ARG A 1 10  ? 3.695   -19.805 -14.064 0.49 43.45 ? 10  ARG A NH1 1 
ATOM   69   N  NH2 A ARG A 1 10  ? 1.117   -22.978 -11.884 0.51 53.59 ? 10  ARG A NH2 1 
ATOM   70   N  NH2 B ARG A 1 10  ? 5.896   -20.453 -14.110 0.49 42.90 ? 10  ARG A NH2 1 
ATOM   71   N  N   . THR A 1 11  ? 3.766   -16.542 -10.001 1.00 37.83 ? 11  THR A N   1 
ATOM   72   C  CA  . THR A 1 11  ? 3.888   -15.310 -10.785 1.00 37.50 ? 11  THR A CA  1 
ATOM   73   C  C   . THR A 1 11  ? 2.919   -14.276 -10.234 1.00 36.16 ? 11  THR A C   1 
ATOM   74   O  O   . THR A 1 11  ? 2.062   -14.622 -9.431  1.00 30.80 ? 11  THR A O   1 
ATOM   75   C  CB  . THR A 1 11  ? 3.566   -15.528 -12.273 1.00 34.35 ? 11  THR A CB  1 
ATOM   76   O  OG1 . THR A 1 11  ? 2.177   -15.867 -12.412 1.00 32.88 ? 11  THR A OG1 1 
ATOM   77   C  CG2 . THR A 1 11  ? 4.433   -16.632 -12.866 1.00 36.87 ? 11  THR A CG2 1 
ATOM   78   N  N   . LEU A 1 12  ? 3.045   -13.021 -10.666 1.00 31.69 ? 12  LEU A N   1 
ATOM   79   C  CA  . LEU A 1 12  ? 2.091   -11.993 -10.271 1.00 31.60 ? 12  LEU A CA  1 
ATOM   80   C  C   . LEU A 1 12  ? 0.675   -12.385 -10.706 1.00 33.28 ? 12  LEU A C   1 
ATOM   81   O  O   . LEU A 1 12  ? -0.292  -12.210 -9.957  1.00 31.78 ? 12  LEU A O   1 
ATOM   82   C  CB  . LEU A 1 12  ? 2.468   -10.630 -10.863 1.00 31.70 ? 12  LEU A CB  1 
ATOM   83   C  CG  . LEU A 1 12  ? 1.400   -9.537  -10.677 1.00 32.33 ? 12  LEU A CG  1 
ATOM   84   C  CD1 . LEU A 1 12  ? 1.088   -9.340  -9.189  1.00 31.19 ? 12  LEU A CD1 1 
ATOM   85   C  CD2 . LEU A 1 12  ? 1.800   -8.200  -11.326 1.00 27.62 ? 12  LEU A CD2 1 
ATOM   86   N  N   . ALA A 1 13  ? 0.555   -12.921 -11.917 1.00 30.36 ? 13  ALA A N   1 
ATOM   87   C  CA  . ALA A 1 13  ? -0.750  -13.313 -12.425 1.00 30.85 ? 13  ALA A CA  1 
ATOM   88   C  C   . ALA A 1 13  ? -1.328  -14.422 -11.563 1.00 34.16 ? 13  ALA A C   1 
ATOM   89   O  O   . ALA A 1 13  ? -2.533  -14.459 -11.290 1.00 32.47 ? 13  ALA A O   1 
ATOM   90   C  CB  . ALA A 1 13  ? -0.649  -13.761 -13.876 1.00 25.70 ? 13  ALA A CB  1 
ATOM   91   N  N   . ASP A 1 14  ? -0.455  -15.329 -11.144 1.00 31.92 ? 14  ASP A N   1 
ATOM   92   C  CA  . ASP A 1 14  ? -0.863  -16.425 -10.283 1.00 34.79 ? 14  ASP A CA  1 
ATOM   93   C  C   . ASP A 1 14  ? -1.326  -15.868 -8.935  1.00 31.34 ? 14  ASP A C   1 
ATOM   94   O  O   . ASP A 1 14  ? -2.357  -16.292 -8.419  1.00 29.70 ? 14  ASP A O   1 
ATOM   95   C  CB  . ASP A 1 14  ? 0.284   -17.429 -10.115 1.00 37.15 ? 14  ASP A CB  1 
ATOM   96   C  CG  . ASP A 1 14  ? -0.172  -18.745 -9.531  1.00 42.89 ? 14  ASP A CG  1 
ATOM   97   O  OD1 . ASP A 1 14  ? -1.313  -19.179 -9.845  1.00 39.67 ? 14  ASP A OD1 1 
ATOM   98   O  OD2 . ASP A 1 14  ? 0.618   -19.346 -8.755  1.00 46.56 ? 14  ASP A OD2 1 
ATOM   99   N  N   . LEU A 1 15  ? -0.577  -14.908 -8.384  1.00 30.11 ? 15  LEU A N   1 
ATOM   100  C  CA  . LEU A 1 15  ? -0.944  -14.226 -7.128  1.00 32.95 ? 15  LEU A CA  1 
ATOM   101  C  C   . LEU A 1 15  ? -2.345  -13.609 -7.193  1.00 29.73 ? 15  LEU A C   1 
ATOM   102  O  O   . LEU A 1 15  ? -3.154  -13.756 -6.266  1.00 27.22 ? 15  LEU A O   1 
ATOM   103  C  CB  . LEU A 1 15  ? 0.077   -13.123 -6.782  1.00 24.65 ? 15  LEU A CB  1 
ATOM   104  C  CG  . LEU A 1 15  ? -0.280  -12.156 -5.640  1.00 27.87 ? 15  LEU A CG  1 
ATOM   105  C  CD1 . LEU A 1 15  ? -0.295  -12.838 -4.282  1.00 22.92 ? 15  LEU A CD1 1 
ATOM   106  C  CD2 . LEU A 1 15  ? 0.652   -10.953 -5.591  1.00 24.18 ? 15  LEU A CD2 1 
ATOM   107  N  N   . ILE A 1 16  ? -2.617  -12.904 -8.287  1.00 30.51 ? 16  ILE A N   1 
ATOM   108  C  CA  . ILE A 1 16  ? -3.906  -12.257 -8.482  1.00 31.65 ? 16  ILE A CA  1 
ATOM   109  C  C   . ILE A 1 16  ? -5.037  -13.283 -8.510  1.00 32.95 ? 16  ILE A C   1 
ATOM   110  O  O   . ILE A 1 16  ? -6.117  -13.048 -7.956  1.00 31.66 ? 16  ILE A O   1 
ATOM   111  C  CB  . ILE A 1 16  ? -3.907  -11.429 -9.774  1.00 31.21 ? 16  ILE A CB  1 
ATOM   112  C  CG1 . ILE A 1 16  ? -2.877  -10.300 -9.664  1.00 29.86 ? 16  ILE A CG1 1 
ATOM   113  C  CG2 . ILE A 1 16  ? -5.295  -10.897 -10.073 1.00 30.97 ? 16  ILE A CG2 1 
ATOM   114  C  CD1 . ILE A 1 16  ? -2.672  -9.539  -10.969 1.00 34.06 ? 16  ILE A CD1 1 
ATOM   115  N  N   . ARG A 1 17  ? -4.783  -14.435 -9.125  1.00 32.24 ? 17  ARG A N   1 
ATOM   116  C  CA  . ARG A 1 17  ? -5.795  -15.487 -9.196  1.00 28.73 ? 17  ARG A CA  1 
ATOM   117  C  C   . ARG A 1 17  ? -6.094  -16.037 -7.806  1.00 31.31 ? 17  ARG A C   1 
ATOM   118  O  O   . ARG A 1 17  ? -7.259  -16.242 -7.449  1.00 36.16 ? 17  ARG A O   1 
ATOM   119  C  CB  . ARG A 1 17  ? -5.350  -16.610 -10.143 1.00 35.75 ? 17  ARG A CB  1 
ATOM   120  C  CG  . ARG A 1 17  ? -6.448  -17.628 -10.473 1.00 37.67 ? 17  ARG A CG  1 
ATOM   121  C  CD  . ARG A 1 17  ? -6.383  -18.804 -9.532  1.00 37.75 ? 17  ARG A CD  1 
ATOM   122  N  NE  . ARG A 1 17  ? -5.028  -19.354 -9.527  1.00 44.49 ? 17  ARG A NE  1 
ATOM   123  C  CZ  . ARG A 1 17  ? -4.535  -20.146 -8.583  1.00 38.55 ? 17  ARG A CZ  1 
ATOM   124  N  NH1 . ARG A 1 17  ? -5.291  -20.486 -7.541  1.00 35.31 ? 17  ARG A NH1 1 
ATOM   125  N  NH2 . ARG A 1 17  ? -3.278  -20.581 -8.682  1.00 31.84 ? 17  ARG A NH2 1 
ATOM   126  N  N   . ILE A 1 18  ? -5.044  -16.246 -7.012  1.00 29.57 ? 18  ILE A N   1 
ATOM   127  C  CA  . ILE A 1 18  ? -5.195  -16.685 -5.626  1.00 33.55 ? 18  ILE A CA  1 
ATOM   128  C  C   . ILE A 1 18  ? -5.950  -15.642 -4.770  1.00 33.36 ? 18  ILE A C   1 
ATOM   129  O  O   . ILE A 1 18  ? -6.800  -15.992 -3.953  1.00 32.83 ? 18  ILE A O   1 
ATOM   130  C  CB  . ILE A 1 18  ? -3.820  -16.993 -4.989  1.00 28.89 ? 18  ILE A CB  1 
ATOM   131  C  CG1 . ILE A 1 18  ? -3.220  -18.255 -5.607  1.00 27.27 ? 18  ILE A CG1 1 
ATOM   132  C  CG2 . ILE A 1 18  ? -3.945  -17.173 -3.481  1.00 30.96 ? 18  ILE A CG2 1 
ATOM   133  C  CD1 . ILE A 1 18  ? -1.731  -18.391 -5.378  1.00 30.79 ? 18  ILE A CD1 1 
ATOM   134  N  N   . LEU A 1 19  ? -5.647  -14.365 -4.971  1.00 29.22 ? 19  LEU A N   1 
ATOM   135  C  CA  . LEU A 1 19  ? -6.276  -13.314 -4.205  1.00 26.53 ? 19  LEU A CA  1 
ATOM   136  C  C   . LEU A 1 19  ? -7.766  -13.230 -4.503  1.00 28.97 ? 19  LEU A C   1 
ATOM   137  O  O   . LEU A 1 19  ? -8.564  -12.907 -3.627  1.00 30.96 ? 19  LEU A O   1 
ATOM   138  C  CB  . LEU A 1 19  ? -5.601  -11.968 -4.490  1.00 31.65 ? 19  LEU A CB  1 
ATOM   139  C  CG  . LEU A 1 19  ? -4.202  -11.764 -3.904  1.00 27.03 ? 19  LEU A CG  1 
ATOM   140  C  CD1 . LEU A 1 19  ? -3.580  -10.490 -4.472  1.00 23.55 ? 19  LEU A CD1 1 
ATOM   141  C  CD2 . LEU A 1 19  ? -4.285  -11.689 -2.394  1.00 27.49 ? 19  LEU A CD2 1 
ATOM   142  N  N   A HIS A 1 20  ? -8.138  -13.495 -5.746  0.65 30.37 ? 20  HIS A N   1 
ATOM   143  N  N   B HIS A 1 20  ? -8.141  -13.524 -5.745  0.35 30.42 ? 20  HIS A N   1 
ATOM   144  C  CA  A HIS A 1 20  ? -9.551  -13.521 -6.086  0.65 35.13 ? 20  HIS A CA  1 
ATOM   145  C  CA  B HIS A 1 20  ? -9.552  -13.528 -6.131  0.35 35.03 ? 20  HIS A CA  1 
ATOM   146  C  C   A HIS A 1 20  ? -10.290 -14.555 -5.248  0.65 35.13 ? 20  HIS A C   1 
ATOM   147  C  C   B HIS A 1 20  ? -10.332 -14.657 -5.447  0.35 34.90 ? 20  HIS A C   1 
ATOM   148  O  O   A HIS A 1 20  ? -11.443 -14.346 -4.873  0.65 35.64 ? 20  HIS A O   1 
ATOM   149  O  O   B HIS A 1 20  ? -11.562 -14.618 -5.385  0.35 34.53 ? 20  HIS A O   1 
ATOM   150  C  CB  A HIS A 1 20  ? -9.748  -13.812 -7.568  0.65 35.96 ? 20  HIS A CB  1 
ATOM   151  C  CB  B HIS A 1 20  ? -9.700  -13.645 -7.652  0.35 35.81 ? 20  HIS A CB  1 
ATOM   152  C  CG  A HIS A 1 20  ? -9.437  -12.651 -8.448  0.65 36.49 ? 20  HIS A CG  1 
ATOM   153  C  CG  B HIS A 1 20  ? -9.616  -12.337 -8.375  0.35 36.28 ? 20  HIS A CG  1 
ATOM   154  N  ND1 A HIS A 1 20  ? -9.165  -12.790 -9.792  0.65 34.32 ? 20  HIS A ND1 1 
ATOM   155  N  ND1 B HIS A 1 20  ? -10.731 -11.590 -8.693  0.35 37.86 ? 20  HIS A ND1 1 
ATOM   156  C  CD2 A HIS A 1 20  ? -9.349  -11.327 -8.178  0.65 36.32 ? 20  HIS A CD2 1 
ATOM   157  C  CD2 B HIS A 1 20  ? -8.555  -11.649 -8.856  0.35 35.04 ? 20  HIS A CD2 1 
ATOM   158  C  CE1 A HIS A 1 20  ? -8.934  -11.600 -10.313 0.65 35.30 ? 20  HIS A CE1 1 
ATOM   159  C  CE1 B HIS A 1 20  ? -10.358 -10.495 -9.334  0.35 36.55 ? 20  HIS A CE1 1 
ATOM   160  N  NE2 A HIS A 1 20  ? -9.039  -10.695 -9.357  0.65 35.54 ? 20  HIS A NE2 1 
ATOM   161  N  NE2 B HIS A 1 20  ? -9.042  -10.508 -9.446  0.35 35.58 ? 20  HIS A NE2 1 
ATOM   162  N  N   . GLU A 1 21  ? -9.614  -15.663 -4.955  1.00 29.31 ? 21  GLU A N   1 
ATOM   163  C  CA  . GLU A 1 21  ? -10.220 -16.750 -4.195  1.00 31.29 ? 21  GLU A CA  1 
ATOM   164  C  C   . GLU A 1 21  ? -10.394 -16.344 -2.734  1.00 37.24 ? 21  GLU A C   1 
ATOM   165  O  O   . GLU A 1 21  ? -11.465 -16.502 -2.155  1.00 36.12 ? 21  GLU A O   1 
ATOM   166  C  CB  . GLU A 1 21  ? -9.370  -18.021 -4.315  1.00 30.68 ? 21  GLU A CB  1 
ATOM   167  C  CG  . GLU A 1 21  ? -9.438  -18.619 -5.722  1.00 36.73 ? 21  GLU A CG  1 
ATOM   168  C  CD  . GLU A 1 21  ? -8.461  -19.755 -5.957  1.00 43.94 ? 21  GLU A CD  1 
ATOM   169  O  OE1 . GLU A 1 21  ? -7.766  -20.161 -5.003  1.00 42.83 ? 21  GLU A OE1 1 
ATOM   170  O  OE2 . GLU A 1 21  ? -8.391  -20.243 -7.109  1.00 50.27 ? 21  GLU A OE2 1 
ATOM   171  N  N   . LEU A 1 22  ? -9.324  -15.800 -2.159  1.00 35.31 ? 22  LEU A N   1 
ATOM   172  C  CA  . LEU A 1 22  ? -9.315  -15.320 -0.787  1.00 31.25 ? 22  LEU A CA  1 
ATOM   173  C  C   . LEU A 1 22  ? -10.338 -14.206 -0.528  1.00 34.55 ? 22  LEU A C   1 
ATOM   174  O  O   . LEU A 1 22  ? -10.768 -14.013 0.610   1.00 29.03 ? 22  LEU A O   1 
ATOM   175  C  CB  . LEU A 1 22  ? -7.918  -14.815 -0.429  1.00 26.98 ? 22  LEU A CB  1 
ATOM   176  C  CG  . LEU A 1 22  ? -6.834  -15.872 -0.404  1.00 29.19 ? 22  LEU A CG  1 
ATOM   177  C  CD1 . LEU A 1 22  ? -5.511  -15.244 -0.066  1.00 28.57 ? 22  LEU A CD1 1 
ATOM   178  C  CD2 . LEU A 1 22  ? -7.223  -16.929 0.618   1.00 33.66 ? 22  LEU A CD2 1 
ATOM   179  N  N   . PHE A 1 23  ? -10.722 -13.466 -1.565  1.00 29.66 ? 23  PHE A N   1 
ATOM   180  C  CA  . PHE A 1 23  ? -11.686 -12.390 -1.375  1.00 31.87 ? 23  PHE A CA  1 
ATOM   181  C  C   . PHE A 1 23  ? -13.025 -12.740 -2.006  1.00 34.31 ? 23  PHE A C   1 
ATOM   182  O  O   . PHE A 1 23  ? -13.860 -11.862 -2.241  1.00 36.77 ? 23  PHE A O   1 
ATOM   183  C  CB  . PHE A 1 23  ? -11.159 -11.072 -1.956  1.00 33.83 ? 23  PHE A CB  1 
ATOM   184  C  CG  . PHE A 1 23  ? -10.110 -10.411 -1.106  1.00 32.20 ? 23  PHE A CG  1 
ATOM   185  C  CD1 . PHE A 1 23  ? -10.464 -9.439  -0.183  1.00 32.26 ? 23  PHE A CD1 1 
ATOM   186  C  CD2 . PHE A 1 23  ? -8.773  -10.766 -1.228  1.00 27.34 ? 23  PHE A CD2 1 
ATOM   187  C  CE1 . PHE A 1 23  ? -9.504  -8.834  0.601   1.00 30.25 ? 23  PHE A CE1 1 
ATOM   188  C  CE2 . PHE A 1 23  ? -7.812  -10.159 -0.458  1.00 27.02 ? 23  PHE A CE2 1 
ATOM   189  C  CZ  . PHE A 1 23  ? -8.169  -9.201  0.461   1.00 29.88 ? 23  PHE A CZ  1 
ATOM   190  N  N   . ALA A 1 24  ? -13.225 -14.025 -2.278  1.00 31.82 ? 24  ALA A N   1 
ATOM   191  C  CA  . ALA A 1 24  ? -14.472 -14.486 -2.866  1.00 36.17 ? 24  ALA A CA  1 
ATOM   192  C  C   . ALA A 1 24  ? -15.657 -14.213 -1.930  1.00 42.02 ? 24  ALA A C   1 
ATOM   193  O  O   . ALA A 1 24  ? -16.770 -13.930 -2.389  1.00 38.70 ? 24  ALA A O   1 
ATOM   194  C  CB  . ALA A 1 24  ? -14.382 -15.961 -3.197  1.00 34.68 ? 24  ALA A CB  1 
ATOM   195  N  N   . GLY A 1 25  ? -15.394 -14.279 -0.623  1.00 40.29 ? 25  GLY A N   1 
ATOM   196  C  CA  . GLY A 1 25  ? -16.411 -14.099 0.405   1.00 39.71 ? 25  GLY A CA  1 
ATOM   197  C  C   . GLY A 1 25  ? -16.612 -12.672 0.888   1.00 41.57 ? 25  GLY A C   1 
ATOM   198  O  O   . GLY A 1 25  ? -16.212 -11.710 0.224   1.00 39.34 ? 25  GLY A O   1 
ATOM   199  N  N   . ASP A 1 26  ? -17.249 -12.536 2.048   1.00 43.67 ? 26  ASP A N   1 
ATOM   200  C  CA  . ASP A 1 26  ? -17.561 -11.222 2.615   1.00 45.91 ? 26  ASP A CA  1 
ATOM   201  C  C   . ASP A 1 26  ? -16.555 -10.803 3.681   1.00 48.16 ? 26  ASP A C   1 
ATOM   202  O  O   . ASP A 1 26  ? -16.539 -9.644  4.113   1.00 49.41 ? 26  ASP A O   1 
ATOM   203  C  CB  . ASP A 1 26  ? -18.963 -11.216 3.229   1.00 49.86 ? 26  ASP A CB  1 
ATOM   204  C  CG  . ASP A 1 26  ? -20.055 -11.349 2.199   1.00 57.56 ? 26  ASP A CG  1 
ATOM   205  O  OD1 . ASP A 1 26  ? -19.866 -10.864 1.057   1.00 60.00 ? 26  ASP A OD1 1 
ATOM   206  O  OD2 . ASP A 1 26  ? -21.106 -11.935 2.545   1.00 64.54 ? 26  ASP A OD2 1 
ATOM   207  N  N   . GLU A 1 27  ? -15.737 -11.757 4.119   1.00 42.52 ? 27  GLU A N   1 
ATOM   208  C  CA  . GLU A 1 27  ? -14.771 -11.512 5.182   1.00 46.50 ? 27  GLU A CA  1 
ATOM   209  C  C   . GLU A 1 27  ? -13.346 -11.681 4.668   1.00 42.72 ? 27  GLU A C   1 
ATOM   210  O  O   . GLU A 1 27  ? -13.123 -12.158 3.558   1.00 44.08 ? 27  GLU A O   1 
ATOM   211  C  CB  . GLU A 1 27  ? -15.038 -12.445 6.372   1.00 43.11 ? 27  GLU A CB  1 
ATOM   212  C  CG  . GLU A 1 27  ? -16.413 -12.210 7.033   1.00 39.00 ? 27  GLU A CG  1 
ATOM   213  C  CD  . GLU A 1 27  ? -16.606 -10.768 7.523   1.00 47.97 ? 27  GLU A CD  1 
ATOM   214  O  OE1 . GLU A 1 27  ? -15.625 -10.172 8.022   1.00 52.98 ? 27  GLU A OE1 1 
ATOM   215  O  OE2 . GLU A 1 27  ? -17.734 -10.226 7.403   1.00 42.38 ? 27  GLU A OE2 1 
ATOM   216  N  N   . VAL A 1 28  ? -12.376 -11.278 5.474   1.00 41.21 ? 28  VAL A N   1 
ATOM   217  C  CA  . VAL A 1 28  ? -10.987 -11.334 5.055   1.00 39.14 ? 28  VAL A CA  1 
ATOM   218  C  C   . VAL A 1 28  ? -10.131 -12.002 6.123   1.00 36.77 ? 28  VAL A C   1 
ATOM   219  O  O   . VAL A 1 28  ? -10.092 -11.557 7.268   1.00 45.51 ? 28  VAL A O   1 
ATOM   220  C  CB  . VAL A 1 28  ? -10.445 -9.911  4.753   1.00 43.18 ? 28  VAL A CB  1 
ATOM   221  C  CG1 . VAL A 1 28  ? -8.963  -9.954  4.343   1.00 28.54 ? 28  VAL A CG1 1 
ATOM   222  C  CG2 . VAL A 1 28  ? -11.324 -9.217  3.685   1.00 34.35 ? 28  VAL A CG2 1 
ATOM   223  N  N   . ASN A 1 29  ? -9.469  -13.091 5.753   1.00 35.39 ? 29  ASN A N   1 
ATOM   224  C  CA  . ASN A 1 29  ? -8.448  -13.690 6.600   1.00 29.77 ? 29  ASN A CA  1 
ATOM   225  C  C   . ASN A 1 29  ? -7.127  -12.958 6.377   1.00 35.00 ? 29  ASN A C   1 
ATOM   226  O  O   . ASN A 1 29  ? -6.316  -13.342 5.524   1.00 31.55 ? 29  ASN A O   1 
ATOM   227  C  CB  . ASN A 1 29  ? -8.298  -15.180 6.292   1.00 36.82 ? 29  ASN A CB  1 
ATOM   228  C  CG  . ASN A 1 29  ? -7.396  -15.900 7.278   1.00 36.34 ? 29  ASN A CG  1 
ATOM   229  O  OD1 . ASN A 1 29  ? -6.428  -15.332 7.789   1.00 38.38 ? 29  ASN A OD1 1 
ATOM   230  N  ND2 . ASN A 1 29  ? -7.708  -17.167 7.542   1.00 34.57 ? 29  ASN A ND2 1 
ATOM   231  N  N   . VAL A 1 30  ? -6.924  -11.902 7.156   1.00 29.88 ? 30  VAL A N   1 
ATOM   232  C  CA  . VAL A 1 30  ? -5.760  -11.050 7.026   1.00 30.27 ? 30  VAL A CA  1 
ATOM   233  C  C   . VAL A 1 30  ? -4.427  -11.817 6.984   1.00 33.17 ? 30  VAL A C   1 
ATOM   234  O  O   . VAL A 1 30  ? -3.549  -11.492 6.182   1.00 28.18 ? 30  VAL A O   1 
ATOM   235  C  CB  . VAL A 1 30  ? -5.715  -10.024 8.180   1.00 34.19 ? 30  VAL A CB  1 
ATOM   236  C  CG1 . VAL A 1 30  ? -4.336  -9.392  8.267   1.00 30.86 ? 30  VAL A CG1 1 
ATOM   237  C  CG2 . VAL A 1 30  ? -6.810  -8.970  8.002   1.00 27.11 ? 30  VAL A CG2 1 
ATOM   238  N  N   . GLU A 1 31  ? -4.271  -12.829 7.836   1.00 33.23 ? 31  GLU A N   1 
ATOM   239  C  CA  . GLU A 1 31  ? -2.978  -13.500 7.943   1.00 38.51 ? 31  GLU A CA  1 
ATOM   240  C  C   . GLU A 1 31  ? -2.716  -14.369 6.729   1.00 31.71 ? 31  GLU A C   1 
ATOM   241  O  O   . GLU A 1 31  ? -1.573  -14.568 6.342   1.00 32.11 ? 31  GLU A O   1 
ATOM   242  C  CB  . GLU A 1 31  ? -2.886  -14.353 9.213   1.00 40.63 ? 31  GLU A CB  1 
ATOM   243  C  CG  . GLU A 1 31  ? -2.862  -13.569 10.499  1.00 36.61 ? 31  GLU A CG  1 
ATOM   244  C  CD  . GLU A 1 31  ? -4.245  -13.211 10.936  1.00 44.62 ? 31  GLU A CD  1 
ATOM   245  O  OE1 . GLU A 1 31  ? -5.186  -13.865 10.425  1.00 48.44 ? 31  GLU A OE1 1 
ATOM   246  O  OE2 . GLU A 1 31  ? -4.395  -12.283 11.768  1.00 54.69 ? 31  GLU A OE2 1 
ATOM   247  N  N   . GLU A 1 32  ? -3.777  -14.890 6.129   1.00 31.12 ? 32  GLU A N   1 
ATOM   248  C  CA  . GLU A 1 32  ? -3.620  -15.688 4.919   1.00 35.28 ? 32  GLU A CA  1 
ATOM   249  C  C   . GLU A 1 32  ? -3.314  -14.809 3.705   1.00 35.02 ? 32  GLU A C   1 
ATOM   250  O  O   . GLU A 1 32  ? -2.460  -15.158 2.882   1.00 38.38 ? 32  GLU A O   1 
ATOM   251  C  CB  . GLU A 1 32  ? -4.865  -16.533 4.668   1.00 36.26 ? 32  GLU A CB  1 
ATOM   252  C  CG  . GLU A 1 32  ? -4.968  -17.724 5.611   1.00 43.65 ? 32  GLU A CG  1 
ATOM   253  C  CD  . GLU A 1 32  ? -6.130  -18.642 5.288   1.00 52.49 ? 32  GLU A CD  1 
ATOM   254  O  OE1 . GLU A 1 32  ? -6.843  -18.386 4.284   1.00 47.66 ? 32  GLU A OE1 1 
ATOM   255  O  OE2 . GLU A 1 32  ? -6.322  -19.618 6.050   1.00 63.00 ? 32  GLU A OE2 1 
ATOM   256  N  N   . VAL A 1 33  ? -4.012  -13.681 3.594   1.00 30.26 ? 33  VAL A N   1 
ATOM   257  C  CA  . VAL A 1 33  ? -3.719  -12.705 2.551   1.00 34.86 ? 33  VAL A CA  1 
ATOM   258  C  C   . VAL A 1 33  ? -2.261  -12.244 2.644   1.00 35.41 ? 33  VAL A C   1 
ATOM   259  O  O   . VAL A 1 33  ? -1.541  -12.168 1.643   1.00 29.68 ? 33  VAL A O   1 
ATOM   260  C  CB  . VAL A 1 33  ? -4.649  -11.486 2.648   1.00 28.96 ? 33  VAL A CB  1 
ATOM   261  C  CG1 . VAL A 1 33  ? -4.114  -10.354 1.785   1.00 29.83 ? 33  VAL A CG1 1 
ATOM   262  C  CG2 . VAL A 1 33  ? -6.069  -11.871 2.236   1.00 26.33 ? 33  VAL A CG2 1 
ATOM   263  N  N   . GLN A 1 34  ? -1.829  -11.955 3.866   1.00 35.56 ? 34  GLN A N   1 
ATOM   264  C  CA  . GLN A 1 34  ? -0.467  -11.503 4.096   1.00 40.07 ? 34  GLN A CA  1 
ATOM   265  C  C   . GLN A 1 34  ? 0.581   -12.576 3.789   1.00 36.00 ? 34  GLN A C   1 
ATOM   266  O  O   . GLN A 1 34  ? 1.661   -12.264 3.279   1.00 36.06 ? 34  GLN A O   1 
ATOM   267  C  CB  . GLN A 1 34  ? -0.292  -11.023 5.535   1.00 32.19 ? 34  GLN A CB  1 
ATOM   268  C  CG  . GLN A 1 34  ? 1.052   -10.371 5.726   1.00 39.08 ? 34  GLN A CG  1 
ATOM   269  C  CD  . GLN A 1 34  ? 1.135   -9.542  6.974   1.00 48.78 ? 34  GLN A CD  1 
ATOM   270  O  OE1 . GLN A 1 34  ? 0.190   -9.479  7.774   1.00 52.44 ? 34  GLN A OE1 1 
ATOM   271  N  NE2 . GLN A 1 34  ? 2.271   -8.890  7.155   1.00 45.98 ? 34  GLN A NE2 1 
ATOM   272  N  N   . ALA A 1 35  ? 0.275   -13.829 4.114   1.00 34.36 ? 35  ALA A N   1 
ATOM   273  C  CA  . ALA A 1 35  ? 1.206   -14.928 3.853   1.00 33.44 ? 35  ALA A CA  1 
ATOM   274  C  C   . ALA A 1 35  ? 1.400   -15.140 2.342   1.00 34.08 ? 35  ALA A C   1 
ATOM   275  O  O   . ALA A 1 35  ? 2.505   -15.431 1.874   1.00 34.20 ? 35  ALA A O   1 
ATOM   276  C  CB  . ALA A 1 35  ? 0.720   -16.198 4.513   1.00 29.26 ? 35  ALA A CB  1 
ATOM   277  N  N   . VAL A 1 36  ? 0.325   -14.966 1.586   1.00 27.62 ? 36  VAL A N   1 
ATOM   278  C  CA  . VAL A 1 36  ? 0.380   -15.157 0.152   1.00 34.10 ? 36  VAL A CA  1 
ATOM   279  C  C   . VAL A 1 36  ? 1.132   -14.021 -0.536  1.00 33.77 ? 36  VAL A C   1 
ATOM   280  O  O   . VAL A 1 36  ? 1.950   -14.274 -1.438  1.00 29.91 ? 36  VAL A O   1 
ATOM   281  C  CB  . VAL A 1 36  ? -1.043  -15.305 -0.440  1.00 35.85 ? 36  VAL A CB  1 
ATOM   282  C  CG1 . VAL A 1 36  ? -1.050  -14.941 -1.903  1.00 39.32 ? 36  VAL A CG1 1 
ATOM   283  C  CG2 . VAL A 1 36  ? -1.543  -16.748 -0.236  1.00 34.84 ? 36  VAL A CG2 1 
ATOM   284  N  N   . LEU A 1 37  ? 0.874   -12.782 -0.116  1.00 28.74 ? 37  LEU A N   1 
ATOM   285  C  CA  . LEU A 1 37  ? 1.639   -11.652 -0.647  1.00 28.80 ? 37  LEU A CA  1 
ATOM   286  C  C   . LEU A 1 37  ? 3.138   -11.869 -0.388  1.00 32.26 ? 37  LEU A C   1 
ATOM   287  O  O   . LEU A 1 37  ? 3.954   -11.667 -1.286  1.00 30.77 ? 37  LEU A O   1 
ATOM   288  C  CB  . LEU A 1 37  ? 1.166   -10.319 -0.043  1.00 26.95 ? 37  LEU A CB  1 
ATOM   289  C  CG  . LEU A 1 37  ? -0.236  -9.873  -0.474  1.00 33.65 ? 37  LEU A CG  1 
ATOM   290  C  CD1 . LEU A 1 37  ? -0.796  -8.770  0.416   1.00 25.02 ? 37  LEU A CD1 1 
ATOM   291  C  CD2 . LEU A 1 37  ? -0.253  -9.435  -1.945  1.00 28.44 ? 37  LEU A CD2 1 
ATOM   292  N  N   . GLU A 1 38  ? 3.495   -12.313 0.819   1.00 30.52 ? 38  GLU A N   1 
ATOM   293  C  CA  . GLU A 1 38  ? 4.905   -12.554 1.152   1.00 39.93 ? 38  GLU A CA  1 
ATOM   294  C  C   . GLU A 1 38  ? 5.510   -13.708 0.377   1.00 35.09 ? 38  GLU A C   1 
ATOM   295  O  O   . GLU A 1 38  ? 6.699   -13.716 0.100   1.00 39.58 ? 38  GLU A O   1 
ATOM   296  C  CB  . GLU A 1 38  ? 5.082   -12.824 2.649   1.00 33.86 ? 38  GLU A CB  1 
ATOM   297  C  CG  . GLU A 1 38  ? 4.852   -11.590 3.458   1.00 49.19 ? 38  GLU A CG  1 
ATOM   298  C  CD  . GLU A 1 38  ? 5.362   -11.705 4.856   1.00 57.31 ? 38  GLU A CD  1 
ATOM   299  O  OE1 . GLU A 1 38  ? 4.906   -12.630 5.574   1.00 63.39 ? 38  GLU A OE1 1 
ATOM   300  O  OE2 . GLU A 1 38  ? 6.215   -10.863 5.223   1.00 50.15 ? 38  GLU A OE2 1 
ATOM   301  N  N   . ALA A 1 39  ? 4.692   -14.698 0.052   1.00 32.21 ? 39  ALA A N   1 
ATOM   302  C  CA  . ALA A 1 39  ? 5.193   -15.876 -0.634  1.00 32.95 ? 39  ALA A CA  1 
ATOM   303  C  C   . ALA A 1 39  ? 5.544   -15.552 -2.084  1.00 33.22 ? 39  ALA A C   1 
ATOM   304  O  O   . ALA A 1 39  ? 6.403   -16.206 -2.675  1.00 33.89 ? 39  ALA A O   1 
ATOM   305  C  CB  . ALA A 1 39  ? 4.184   -17.002 -0.562  1.00 31.84 ? 39  ALA A CB  1 
ATOM   306  N  N   . TYR A 1 40  ? 4.880   -14.547 -2.655  1.00 33.59 ? 40  TYR A N   1 
ATOM   307  C  CA  . TYR A 1 40  ? 5.213   -14.102 -4.009  1.00 32.67 ? 40  TYR A CA  1 
ATOM   308  C  C   . TYR A 1 40  ? 6.615   -13.468 -4.028  1.00 34.20 ? 40  TYR A C   1 
ATOM   309  O  O   . TYR A 1 40  ? 6.883   -12.478 -3.327  1.00 33.49 ? 40  TYR A O   1 
ATOM   310  C  CB  . TYR A 1 40  ? 4.163   -13.105 -4.553  1.00 29.90 ? 40  TYR A CB  1 
ATOM   311  C  CG  . TYR A 1 40  ? 4.621   -12.434 -5.827  1.00 27.77 ? 40  TYR A CG  1 
ATOM   312  C  CD1 . TYR A 1 40  ? 5.028   -13.203 -6.915  1.00 32.89 ? 40  TYR A CD1 1 
ATOM   313  C  CD2 . TYR A 1 40  ? 4.689   -11.046 -5.940  1.00 30.69 ? 40  TYR A CD2 1 
ATOM   314  C  CE1 . TYR A 1 40  ? 5.476   -12.621 -8.100  1.00 32.52 ? 40  TYR A CE1 1 
ATOM   315  C  CE2 . TYR A 1 40  ? 5.150   -10.441 -7.131  1.00 30.83 ? 40  TYR A CE2 1 
ATOM   316  C  CZ  . TYR A 1 40  ? 5.540   -11.251 -8.209  1.00 34.58 ? 40  TYR A CZ  1 
ATOM   317  O  OH  . TYR A 1 40  ? 5.997   -10.720 -9.405  1.00 29.94 ? 40  TYR A OH  1 
ATOM   318  N  N   . GLU A 1 41  ? 7.513   -14.043 -4.820  1.00 29.94 ? 41  GLU A N   1 
ATOM   319  C  CA  . GLU A 1 41  ? 8.828   -13.441 -5.005  1.00 34.05 ? 41  GLU A CA  1 
ATOM   320  C  C   . GLU A 1 41  ? 8.765   -12.444 -6.159  1.00 33.67 ? 41  GLU A C   1 
ATOM   321  O  O   . GLU A 1 41  ? 8.450   -12.801 -7.291  1.00 34.12 ? 41  GLU A O   1 
ATOM   322  C  CB  . GLU A 1 41  ? 9.883   -14.514 -5.252  1.00 37.94 ? 41  GLU A CB  1 
ATOM   323  C  CG  . GLU A 1 41  ? 10.170  -15.373 -4.000  1.00 50.74 ? 41  GLU A CG  1 
ATOM   324  C  CD  . GLU A 1 41  ? 11.123  -16.541 -4.269  1.00 62.99 ? 41  GLU A CD  1 
ATOM   325  O  OE1 . GLU A 1 41  ? 12.209  -16.320 -4.854  1.00 68.09 ? 41  GLU A OE1 1 
ATOM   326  O  OE2 . GLU A 1 41  ? 10.785  -17.685 -3.890  1.00 61.84 ? 41  GLU A OE2 1 
ATOM   327  N  N   . SER A 1 42  ? 9.033   -11.183 -5.852  1.00 35.25 ? 42  SER A N   1 
ATOM   328  C  CA  . SER A 1 42  ? 8.986   -10.111 -6.846  1.00 33.07 ? 42  SER A CA  1 
ATOM   329  C  C   . SER A 1 42  ? 9.804   -10.425 -8.101  1.00 31.63 ? 42  SER A C   1 
ATOM   330  O  O   . SER A 1 42  ? 11.021  -10.606 -8.040  1.00 26.31 ? 42  SER A O   1 
ATOM   331  C  CB  . SER A 1 42  ? 9.480   -8.807  -6.222  1.00 28.40 ? 42  SER A CB  1 
ATOM   332  O  OG  . SER A 1 42  ? 9.533   -7.781  -7.183  1.00 27.02 ? 42  SER A OG  1 
ATOM   333  N  N   . ASN A 1 43  ? 9.114   -10.499 -9.231  1.00 31.18 ? 43  ASN A N   1 
ATOM   334  C  CA  . ASN A 1 43  ? 9.752   -10.635 -10.528 1.00 31.46 ? 43  ASN A CA  1 
ATOM   335  C  C   . ASN A 1 43  ? 9.512   -9.373  -11.339 1.00 31.57 ? 43  ASN A C   1 
ATOM   336  O  O   . ASN A 1 43  ? 8.424   -9.198  -11.894 1.00 26.52 ? 43  ASN A O   1 
ATOM   337  C  CB  . ASN A 1 43  ? 9.214   -11.863 -11.263 1.00 32.53 ? 43  ASN A CB  1 
ATOM   338  C  CG  . ASN A 1 43  ? 9.816   -12.030 -12.640 1.00 37.37 ? 43  ASN A CG  1 
ATOM   339  O  OD1 . ASN A 1 43  ? 10.737  -11.314 -13.020 1.00 40.60 ? 43  ASN A OD1 1 
ATOM   340  N  ND2 . ASN A 1 43  ? 9.298   -12.990 -13.398 1.00 44.55 ? 43  ASN A ND2 1 
ATOM   341  N  N   . PRO A 1 44  ? 10.537  -8.499  -11.421 1.00 33.74 ? 44  PRO A N   1 
ATOM   342  C  CA  . PRO A 1 44  ? 10.447  -7.151  -12.019 1.00 31.88 ? 44  PRO A CA  1 
ATOM   343  C  C   . PRO A 1 44  ? 9.812   -7.140  -13.413 1.00 29.54 ? 44  PRO A C   1 
ATOM   344  O  O   . PRO A 1 44  ? 9.030   -6.237  -13.708 1.00 33.18 ? 44  PRO A O   1 
ATOM   345  C  CB  . PRO A 1 44  ? 11.912  -6.690  -12.072 1.00 29.12 ? 44  PRO A CB  1 
ATOM   346  C  CG  . PRO A 1 44  ? 12.568  -7.429  -10.909 1.00 33.29 ? 44  PRO A CG  1 
ATOM   347  C  CD  . PRO A 1 44  ? 11.883  -8.784  -10.881 1.00 30.67 ? 44  PRO A CD  1 
ATOM   348  N  N   . ALA A 1 45  ? 10.133  -8.123  -14.247 1.00 27.56 ? 45  ALA A N   1 
ATOM   349  C  CA  . ALA A 1 45  ? 9.536   -8.221  -15.575 1.00 30.13 ? 45  ALA A CA  1 
ATOM   350  C  C   . ALA A 1 45  ? 8.002   -8.370  -15.533 1.00 32.82 ? 45  ALA A C   1 
ATOM   351  O  O   . ALA A 1 45  ? 7.300   -7.920  -16.449 1.00 30.60 ? 45  ALA A O   1 
ATOM   352  C  CB  . ALA A 1 45  ? 10.159  -9.391  -16.351 1.00 21.02 ? 45  ALA A CB  1 
ATOM   353  N  N   . GLU A 1 46  ? 7.484   -8.994  -14.477 1.00 28.88 ? 46  GLU A N   1 
ATOM   354  C  CA  . GLU A 1 46  ? 6.042   -9.223  -14.370 1.00 29.43 ? 46  GLU A CA  1 
ATOM   355  C  C   . GLU A 1 46  ? 5.257   -7.944  -14.066 1.00 34.23 ? 46  GLU A C   1 
ATOM   356  O  O   . GLU A 1 46  ? 4.083   -7.836  -14.433 1.00 41.46 ? 46  GLU A O   1 
ATOM   357  C  CB  . GLU A 1 46  ? 5.748   -10.281 -13.306 1.00 28.68 ? 46  GLU A CB  1 
ATOM   358  C  CG  . GLU A 1 46  ? 6.261   -11.684 -13.686 1.00 33.12 ? 46  GLU A CG  1 
ATOM   359  C  CD  . GLU A 1 46  ? 6.008   -12.730 -12.604 1.00 36.68 ? 46  GLU A CD  1 
ATOM   360  O  OE1 . GLU A 1 46  ? 5.516   -12.359 -11.513 1.00 38.64 ? 46  GLU A OE1 1 
ATOM   361  O  OE2 . GLU A 1 46  ? 6.298   -13.927 -12.842 1.00 38.29 ? 46  GLU A OE2 1 
ATOM   362  N  N   . TRP A 1 47  ? 5.891   -6.972  -13.413 1.00 30.93 ? 47  TRP A N   1 
ATOM   363  C  CA  . TRP A 1 47  ? 5.181   -5.745  -13.076 1.00 31.29 ? 47  TRP A CA  1 
ATOM   364  C  C   . TRP A 1 47  ? 5.740   -4.459  -13.690 1.00 31.91 ? 47  TRP A C   1 
ATOM   365  O  O   . TRP A 1 47  ? 5.267   -3.381  -13.357 1.00 29.66 ? 47  TRP A O   1 
ATOM   366  C  CB  . TRP A 1 47  ? 5.103   -5.576  -11.556 1.00 25.23 ? 47  TRP A CB  1 
ATOM   367  C  CG  . TRP A 1 47  ? 6.365   -5.812  -10.782 1.00 28.36 ? 47  TRP A CG  1 
ATOM   368  C  CD1 . TRP A 1 47  ? 6.693   -6.936  -10.062 1.00 24.76 ? 47  TRP A CD1 1 
ATOM   369  C  CD2 . TRP A 1 47  ? 7.440   -4.883  -10.582 1.00 26.82 ? 47  TRP A CD2 1 
ATOM   370  N  NE1 . TRP A 1 47  ? 7.909   -6.764  -9.451  1.00 22.33 ? 47  TRP A NE1 1 
ATOM   371  C  CE2 . TRP A 1 47  ? 8.391   -5.518  -9.754  1.00 27.34 ? 47  TRP A CE2 1 
ATOM   372  C  CE3 . TRP A 1 47  ? 7.696   -3.586  -11.031 1.00 25.54 ? 47  TRP A CE3 1 
ATOM   373  C  CZ2 . TRP A 1 47  ? 9.585   -4.897  -9.372  1.00 29.58 ? 47  TRP A CZ2 1 
ATOM   374  C  CZ3 . TRP A 1 47  ? 8.889   -2.970  -10.649 1.00 22.56 ? 47  TRP A CZ3 1 
ATOM   375  C  CH2 . TRP A 1 47  ? 9.813   -3.627  -9.829  1.00 24.71 ? 47  TRP A CH2 1 
ATOM   376  N  N   . ALA A 1 48  ? 6.716   -4.559  -14.588 1.00 26.47 ? 48  ALA A N   1 
ATOM   377  C  CA  . ALA A 1 48  ? 7.290   -3.357  -15.213 1.00 31.01 ? 48  ALA A CA  1 
ATOM   378  C  C   . ALA A 1 48  ? 6.240   -2.493  -15.925 1.00 28.23 ? 48  ALA A C   1 
ATOM   379  O  O   . ALA A 1 48  ? 6.362   -1.274  -15.964 1.00 30.21 ? 48  ALA A O   1 
ATOM   380  C  CB  . ALA A 1 48  ? 8.364   -3.732  -16.184 1.00 23.14 ? 48  ALA A CB  1 
ATOM   381  N  N   . LEU A 1 49  ? 5.227   -3.146  -16.485 1.00 28.55 ? 49  LEU A N   1 
ATOM   382  C  CA  . LEU A 1 49  ? 4.131   -2.483  -17.171 1.00 29.41 ? 49  LEU A CA  1 
ATOM   383  C  C   . LEU A 1 49  ? 3.432   -1.468  -16.277 1.00 32.44 ? 49  LEU A C   1 
ATOM   384  O  O   . LEU A 1 49  ? 2.955   -0.444  -16.747 1.00 27.90 ? 49  LEU A O   1 
ATOM   385  C  CB  . LEU A 1 49  ? 3.114   -3.522  -17.673 1.00 30.57 ? 49  LEU A CB  1 
ATOM   386  C  CG  . LEU A 1 49  ? 1.811   -2.919  -18.232 1.00 36.38 ? 49  LEU A CG  1 
ATOM   387  C  CD1 . LEU A 1 49  ? 2.080   -1.967  -19.398 1.00 31.46 ? 49  LEU A CD1 1 
ATOM   388  C  CD2 . LEU A 1 49  ? 0.782   -3.982  -18.623 1.00 31.47 ? 49  LEU A CD2 1 
ATOM   389  N  N   . TYR A 1 50  ? 3.375   -1.753  -14.984 1.00 31.89 ? 50  TYR A N   1 
ATOM   390  C  CA  . TYR A 1 50  ? 2.630   -0.907  -14.062 1.00 30.63 ? 50  TYR A CA  1 
ATOM   391  C  C   . TYR A 1 50  ? 3.514   0.101   -13.365 1.00 31.47 ? 50  TYR A C   1 
ATOM   392  O  O   . TYR A 1 50  ? 3.004   1.040   -12.759 1.00 28.43 ? 50  TYR A O   1 
ATOM   393  C  CB  . TYR A 1 50  ? 1.907   -1.758  -13.013 1.00 25.35 ? 50  TYR A CB  1 
ATOM   394  C  CG  . TYR A 1 50  ? 1.180   -2.936  -13.619 1.00 29.63 ? 50  TYR A CG  1 
ATOM   395  C  CD1 . TYR A 1 50  ? -0.042  -2.771  -14.281 1.00 28.27 ? 50  TYR A CD1 1 
ATOM   396  C  CD2 . TYR A 1 50  ? 1.720   -4.218  -13.537 1.00 29.83 ? 50  TYR A CD2 1 
ATOM   397  C  CE1 . TYR A 1 50  ? -0.698  -3.857  -14.839 1.00 25.54 ? 50  TYR A CE1 1 
ATOM   398  C  CE2 . TYR A 1 50  ? 1.073   -5.306  -14.096 1.00 30.92 ? 50  TYR A CE2 1 
ATOM   399  C  CZ  . TYR A 1 50  ? -0.130  -5.122  -14.741 1.00 26.48 ? 50  TYR A CZ  1 
ATOM   400  O  OH  . TYR A 1 50  ? -0.749  -6.217  -15.282 1.00 35.66 ? 50  TYR A OH  1 
ATOM   401  N  N   . ALA A 1 51  ? 4.832   -0.093  -13.433 1.00 27.74 ? 51  ALA A N   1 
ATOM   402  C  CA  . ALA A 1 51  ? 5.728   0.711   -12.608 1.00 28.99 ? 51  ALA A CA  1 
ATOM   403  C  C   . ALA A 1 51  ? 6.036   2.036   -13.284 1.00 33.56 ? 51  ALA A C   1 
ATOM   404  O  O   . ALA A 1 51  ? 7.136   2.242   -13.811 1.00 25.94 ? 51  ALA A O   1 
ATOM   405  C  CB  . ALA A 1 51  ? 7.000   -0.034  -12.309 1.00 26.71 ? 51  ALA A CB  1 
ATOM   406  N  N   . LYS A 1 52  ? 5.055   2.934   -13.260 1.00 30.90 ? 52  LYS A N   1 
ATOM   407  C  CA  . LYS A 1 52  ? 5.207   4.231   -13.901 1.00 32.82 ? 52  LYS A CA  1 
ATOM   408  C  C   . LYS A 1 52  ? 5.460   5.313   -12.856 1.00 30.89 ? 52  LYS A C   1 
ATOM   409  O  O   . LYS A 1 52  ? 4.611   5.597   -11.996 1.00 31.08 ? 52  LYS A O   1 
ATOM   410  C  CB  . LYS A 1 52  ? 3.990   4.532   -14.774 1.00 33.48 ? 52  LYS A CB  1 
ATOM   411  C  CG  . LYS A 1 52  ? 3.934   3.580   -15.991 1.00 36.89 ? 52  LYS A CG  1 
ATOM   412  C  CD  . LYS A 1 52  ? 2.726   3.811   -16.893 1.00 42.74 ? 52  LYS A CD  1 
ATOM   413  C  CE  . LYS A 1 52  ? 2.210   2.502   -17.537 1.00 49.62 ? 52  LYS A CE  1 
ATOM   414  N  NZ  . LYS A 1 52  ? 3.165   1.831   -18.506 1.00 46.25 ? 52  LYS A NZ  1 
ATOM   415  N  N   . PHE A 1 53  ? 6.669   5.870   -12.922 1.00 27.28 ? 53  PHE A N   1 
ATOM   416  C  CA  . PHE A 1 53  ? 7.131   6.887   -11.983 1.00 30.18 ? 53  PHE A CA  1 
ATOM   417  C  C   . PHE A 1 53  ? 6.790   8.286   -12.420 1.00 30.56 ? 53  PHE A C   1 
ATOM   418  O  O   . PHE A 1 53  ? 6.535   8.535   -13.595 1.00 33.36 ? 53  PHE A O   1 
ATOM   419  C  CB  . PHE A 1 53  ? 8.642   6.796   -11.800 1.00 28.76 ? 53  PHE A CB  1 
ATOM   420  C  CG  . PHE A 1 53  ? 9.076   5.577   -11.061 1.00 33.72 ? 53  PHE A CG  1 
ATOM   421  C  CD1 . PHE A 1 53  ? 9.492   5.667   -9.738  1.00 30.89 ? 53  PHE A CD1 1 
ATOM   422  C  CD2 . PHE A 1 53  ? 9.042   4.334   -11.676 1.00 25.28 ? 53  PHE A CD2 1 
ATOM   423  C  CE1 . PHE A 1 53  ? 9.901   4.552   -9.045  1.00 28.91 ? 53  PHE A CE1 1 
ATOM   424  C  CE2 . PHE A 1 53  ? 9.442   3.205   -10.984 1.00 31.01 ? 53  PHE A CE2 1 
ATOM   425  C  CZ  . PHE A 1 53  ? 9.878   3.315   -9.662  1.00 30.98 ? 53  PHE A CZ  1 
ATOM   426  N  N   . ASP A 1 54  ? 6.801   9.194   -11.450 1.00 32.08 ? 54  ASP A N   1 
ATOM   427  C  CA  . ASP A 1 54  ? 6.589   10.617  -11.671 1.00 25.95 ? 54  ASP A CA  1 
ATOM   428  C  C   . ASP A 1 54  ? 7.719   11.316  -10.949 1.00 31.23 ? 54  ASP A C   1 
ATOM   429  O  O   . ASP A 1 54  ? 8.129   10.874  -9.872  1.00 33.31 ? 54  ASP A O   1 
ATOM   430  C  CB  . ASP A 1 54  ? 5.218   11.063  -11.143 1.00 27.71 ? 54  ASP A CB  1 
ATOM   431  C  CG  . ASP A 1 54  ? 5.011   12.569  -11.236 1.00 35.59 ? 54  ASP A CG  1 
ATOM   432  O  OD1 . ASP A 1 54  ? 4.565   13.024  -12.296 1.00 30.56 ? 54  ASP A OD1 1 
ATOM   433  O  OD2 . ASP A 1 54  ? 5.283   13.303  -10.251 1.00 39.45 ? 54  ASP A OD2 1 
ATOM   434  N  N   . GLN A 1 55  ? 8.230   12.396  -11.530 1.00 36.11 ? 55  GLN A N   1 
ATOM   435  C  CA  . GLN A 1 55  ? 9.405   13.061  -10.974 1.00 36.27 ? 55  GLN A CA  1 
ATOM   436  C  C   . GLN A 1 55  ? 9.168   13.642  -9.582  1.00 31.52 ? 55  GLN A C   1 
ATOM   437  O  O   . GLN A 1 55  ? 10.070  13.671  -8.753  1.00 30.30 ? 55  GLN A O   1 
ATOM   438  C  CB  . GLN A 1 55  ? 9.877   14.179  -11.910 1.00 39.47 ? 55  GLN A CB  1 
ATOM   439  C  CG  . GLN A 1 55  ? 11.296  14.675  -11.639 1.00 46.70 ? 55  GLN A CG  1 
ATOM   440  C  CD  . GLN A 1 55  ? 11.699  15.822  -12.563 1.00 60.67 ? 55  GLN A CD  1 
ATOM   441  O  OE1 . GLN A 1 55  ? 10.924  16.239  -13.433 1.00 54.40 ? 55  GLN A OE1 1 
ATOM   442  N  NE2 . GLN A 1 55  ? 12.912  16.342  -12.371 1.00 62.25 ? 55  GLN A NE2 1 
ATOM   443  N  N   . TYR A 1 56  ? 7.958   14.113  -9.317  1.00 32.70 ? 56  TYR A N   1 
ATOM   444  C  CA  . TYR A 1 56  ? 7.781   14.965  -8.149  1.00 32.13 ? 56  TYR A CA  1 
ATOM   445  C  C   . TYR A 1 56  ? 7.188   14.245  -6.952  1.00 33.99 ? 56  TYR A C   1 
ATOM   446  O  O   . TYR A 1 56  ? 7.419   14.646  -5.815  1.00 38.50 ? 56  TYR A O   1 
ATOM   447  C  CB  . TYR A 1 56  ? 6.919   16.168  -8.511  1.00 29.11 ? 56  TYR A CB  1 
ATOM   448  C  CG  . TYR A 1 56  ? 7.459   16.956  -9.668  1.00 40.16 ? 56  TYR A CG  1 
ATOM   449  C  CD1 . TYR A 1 56  ? 8.570   17.783  -9.517  1.00 39.96 ? 56  TYR A CD1 1 
ATOM   450  C  CD2 . TYR A 1 56  ? 6.860   16.881  -10.919 1.00 43.70 ? 56  TYR A CD2 1 
ATOM   451  C  CE1 . TYR A 1 56  ? 9.069   18.506  -10.575 1.00 32.25 ? 56  TYR A CE1 1 
ATOM   452  C  CE2 . TYR A 1 56  ? 7.353   17.602  -11.987 1.00 40.82 ? 56  TYR A CE2 1 
ATOM   453  C  CZ  . TYR A 1 56  ? 8.452   18.417  -11.806 1.00 41.88 ? 56  TYR A CZ  1 
ATOM   454  O  OH  . TYR A 1 56  ? 8.934   19.134  -12.874 1.00 47.88 ? 56  TYR A OH  1 
ATOM   455  N  N   . ARG A 1 57  ? 6.423   13.188  -7.191  1.00 30.08 ? 57  ARG A N   1 
ATOM   456  C  CA  . ARG A 1 57  ? 5.858   12.440  -6.069  1.00 36.00 ? 57  ARG A CA  1 
ATOM   457  C  C   . ARG A 1 57  ? 5.534   11.009  -6.450  1.00 34.53 ? 57  ARG A C   1 
ATOM   458  O  O   . ARG A 1 57  ? 5.631   10.620  -7.616  1.00 36.13 ? 57  ARG A O   1 
ATOM   459  C  CB  . ARG A 1 57  ? 4.602   13.130  -5.516  1.00 34.43 ? 57  ARG A CB  1 
ATOM   460  C  CG  . ARG A 1 57  ? 3.539   13.456  -6.546  1.00 34.91 ? 57  ARG A CG  1 
ATOM   461  C  CD  . ARG A 1 57  ? 2.144   13.494  -5.909  1.00 41.99 ? 57  ARG A CD  1 
ATOM   462  N  NE  . ARG A 1 57  ? 1.663   12.136  -5.647  1.00 45.68 ? 57  ARG A NE  1 
ATOM   463  C  CZ  . ARG A 1 57  ? 0.425   11.819  -5.278  1.00 48.51 ? 57  ARG A CZ  1 
ATOM   464  N  NH1 . ARG A 1 57  ? -0.492  12.773  -5.120  1.00 41.31 ? 57  ARG A NH1 1 
ATOM   465  N  NH2 . ARG A 1 57  ? 0.107   10.539  -5.078  1.00 48.08 ? 57  ARG A NH2 1 
ATOM   466  N  N   . TYR A 1 58  ? 5.158   10.222  -5.451  1.00 35.91 ? 58  TYR A N   1 
ATOM   467  C  CA  . TYR A 1 58  ? 4.885   8.815   -5.690  1.00 34.53 ? 58  TYR A CA  1 
ATOM   468  C  C   . TYR A 1 58  ? 3.585   8.626   -6.489  1.00 32.86 ? 58  TYR A C   1 
ATOM   469  O  O   . TYR A 1 58  ? 2.668   9.470   -6.446  1.00 23.22 ? 58  TYR A O   1 
ATOM   470  C  CB  . TYR A 1 58  ? 4.831   8.058   -4.368  1.00 28.03 ? 58  TYR A CB  1 
ATOM   471  C  CG  . TYR A 1 58  ? 3.511   8.150   -3.618  1.00 32.03 ? 58  TYR A CG  1 
ATOM   472  C  CD1 . TYR A 1 58  ? 2.557   7.150   -3.735  1.00 27.66 ? 58  TYR A CD1 1 
ATOM   473  C  CD2 . TYR A 1 58  ? 3.234   9.220   -2.772  1.00 35.97 ? 58  TYR A CD2 1 
ATOM   474  C  CE1 . TYR A 1 58  ? 1.368   7.210   -3.038  1.00 27.83 ? 58  TYR A CE1 1 
ATOM   475  C  CE2 . TYR A 1 58  ? 2.036   9.289   -2.068  1.00 34.09 ? 58  TYR A CE2 1 
ATOM   476  C  CZ  . TYR A 1 58  ? 1.109   8.278   -2.210  1.00 31.06 ? 58  TYR A CZ  1 
ATOM   477  O  OH  . TYR A 1 58  ? -0.078  8.322   -1.523  1.00 36.47 ? 58  TYR A OH  1 
ATOM   478  N  N   . THR A 1 59  ? 3.520   7.524   -7.231  1.00 28.96 ? 59  THR A N   1 
ATOM   479  C  CA  . THR A 1 59  ? 2.346   7.258   -8.046  1.00 30.85 ? 59  THR A CA  1 
ATOM   480  C  C   . THR A 1 59  ? 1.655   5.973   -7.646  1.00 29.47 ? 59  THR A C   1 
ATOM   481  O  O   . THR A 1 59  ? 2.287   5.042   -7.122  1.00 27.99 ? 59  THR A O   1 
ATOM   482  C  CB  . THR A 1 59  ? 2.706   7.205   -9.525  1.00 28.65 ? 59  THR A CB  1 
ATOM   483  O  OG1 . THR A 1 59  ? 3.559   6.086   -9.775  1.00 23.67 ? 59  THR A OG1 1 
ATOM   484  C  CG2 . THR A 1 59  ? 3.436   8.477   -9.895  1.00 29.32 ? 59  THR A CG2 1 
ATOM   485  N  N   . ARG A 1 60  ? 0.344   5.956   -7.869  1.00 28.55 ? 60  ARG A N   1 
ATOM   486  C  CA  . ARG A 1 60  ? -0.483  4.788   -7.626  1.00 23.69 ? 60  ARG A CA  1 
ATOM   487  C  C   . ARG A 1 60  ? -0.916  4.215   -8.960  1.00 30.23 ? 60  ARG A C   1 
ATOM   488  O  O   . ARG A 1 60  ? -1.491  4.924   -9.778  1.00 33.52 ? 60  ARG A O   1 
ATOM   489  C  CB  . ARG A 1 60  ? -1.707  5.145   -6.779  1.00 35.40 ? 60  ARG A CB  1 
ATOM   490  C  CG  . ARG A 1 60  ? -1.395  5.851   -5.459  1.00 33.91 ? 60  ARG A CG  1 
ATOM   491  C  CD  . ARG A 1 60  ? -2.642  6.529   -4.866  1.00 37.53 ? 60  ARG A CD  1 
ATOM   492  N  NE  . ARG A 1 60  ? -3.468  5.627   -4.069  1.00 37.66 ? 60  ARG A NE  1 
ATOM   493  C  CZ  . ARG A 1 60  ? -4.706  5.264   -4.391  1.00 39.27 ? 60  ARG A CZ  1 
ATOM   494  N  NH1 . ARG A 1 60  ? -5.256  5.728   -5.502  1.00 51.71 ? 60  ARG A NH1 1 
ATOM   495  N  NH2 . ARG A 1 60  ? -5.400  4.447   -3.603  1.00 34.48 ? 60  ARG A NH2 1 
ATOM   496  N  N   . ASN A 1 61  ? -0.652  2.932   -9.177  1.00 30.20 ? 61  ASN A N   1 
ATOM   497  C  CA  . ASN A 1 61  ? -0.928  2.311   -10.463 1.00 27.78 ? 61  ASN A CA  1 
ATOM   498  C  C   . ASN A 1 61  ? -1.781  1.066   -10.316 1.00 30.08 ? 61  ASN A C   1 
ATOM   499  O  O   . ASN A 1 61  ? -1.327  0.031   -9.813  1.00 30.84 ? 61  ASN A O   1 
ATOM   500  C  CB  . ASN A 1 61  ? 0.390   1.996   -11.164 1.00 25.90 ? 61  ASN A CB  1 
ATOM   501  C  CG  . ASN A 1 61  ? 1.241   3.251   -11.380 1.00 30.89 ? 61  ASN A CG  1 
ATOM   502  O  OD1 . ASN A 1 61  ? 1.072   3.953   -12.374 1.00 34.88 ? 61  ASN A OD1 1 
ATOM   503  N  ND2 . ASN A 1 61  ? 2.145   3.541   -10.444 1.00 22.76 ? 61  ASN A ND2 1 
ATOM   504  N  N   . LEU A 1 62  ? -3.034  1.182   -10.742 1.00 32.07 ? 62  LEU A N   1 
ATOM   505  C  CA  . LEU A 1 62  ? -4.009  0.105   -10.590 1.00 31.20 ? 62  LEU A CA  1 
ATOM   506  C  C   . LEU A 1 62  ? -3.643  -1.100  -11.450 1.00 34.77 ? 62  LEU A C   1 
ATOM   507  O  O   . LEU A 1 62  ? -3.366  -0.980  -12.669 1.00 30.51 ? 62  LEU A O   1 
ATOM   508  C  CB  . LEU A 1 62  ? -5.423  0.597   -10.949 1.00 36.07 ? 62  LEU A CB  1 
ATOM   509  C  CG  . LEU A 1 62  ? -6.578  -0.396  -10.740 1.00 36.28 ? 62  LEU A CG  1 
ATOM   510  C  CD1 . LEU A 1 62  ? -6.686  -0.798  -9.271  1.00 26.93 ? 62  LEU A CD1 1 
ATOM   511  C  CD2 . LEU A 1 62  ? -7.892  0.193   -11.236 1.00 28.63 ? 62  LEU A CD2 1 
ATOM   512  N  N   . VAL A 1 63  ? -3.635  -2.258  -10.798 1.00 30.04 ? 63  VAL A N   1 
ATOM   513  C  CA  . VAL A 1 63  ? -3.363  -3.516  -11.463 1.00 30.65 ? 63  VAL A CA  1 
ATOM   514  C  C   . VAL A 1 63  ? -4.617  -4.380  -11.609 1.00 31.60 ? 63  VAL A C   1 
ATOM   515  O  O   . VAL A 1 63  ? -4.800  -5.059  -12.626 1.00 30.70 ? 63  VAL A O   1 
ATOM   516  C  CB  . VAL A 1 63  ? -2.306  -4.323  -10.712 1.00 30.40 ? 63  VAL A CB  1 
ATOM   517  C  CG1 . VAL A 1 63  ? -2.033  -5.639  -11.455 1.00 32.16 ? 63  VAL A CG1 1 
ATOM   518  C  CG2 . VAL A 1 63  ? -1.035  -3.507  -10.535 1.00 23.58 ? 63  VAL A CG2 1 
ATOM   519  N  N   . ASP A 1 64  ? -5.477  -4.360  -10.595 1.00 29.13 ? 64  ASP A N   1 
ATOM   520  C  CA  . ASP A 1 64  ? -6.614  -5.275  -10.570 1.00 31.22 ? 64  ASP A CA  1 
ATOM   521  C  C   . ASP A 1 64  ? -7.709  -4.779  -9.626  1.00 36.59 ? 64  ASP A C   1 
ATOM   522  O  O   . ASP A 1 64  ? -7.427  -4.296  -8.521  1.00 27.96 ? 64  ASP A O   1 
ATOM   523  C  CB  . ASP A 1 64  ? -6.149  -6.675  -10.169 1.00 31.43 ? 64  ASP A CB  1 
ATOM   524  C  CG  . ASP A 1 64  ? -7.204  -7.727  -10.412 1.00 31.88 ? 64  ASP A CG  1 
ATOM   525  O  OD1 . ASP A 1 64  ? -7.307  -8.220  -11.551 1.00 36.51 ? 64  ASP A OD1 1 
ATOM   526  O  OD2 . ASP A 1 64  ? -7.935  -8.054  -9.465  1.00 30.53 ? 64  ASP A OD2 1 
ATOM   527  N  N   . GLN A 1 65  ? -8.961  -4.879  -10.066 1.00 35.24 ? 65  GLN A N   1 
ATOM   528  C  CA  . GLN A 1 65  ? -10.067 -4.368  -9.259  1.00 37.54 ? 65  GLN A CA  1 
ATOM   529  C  C   . GLN A 1 65  ? -10.738 -5.464  -8.438  1.00 37.94 ? 65  GLN A C   1 
ATOM   530  O  O   . GLN A 1 65  ? -11.836 -5.255  -7.923  1.00 38.03 ? 65  GLN A O   1 
ATOM   531  C  CB  . GLN A 1 65  ? -11.107 -3.677  -10.140 1.00 35.42 ? 65  GLN A CB  1 
ATOM   532  C  CG  . GLN A 1 65  ? -10.667 -2.335  -10.661 1.00 39.47 ? 65  GLN A CG  1 
ATOM   533  C  CD  . GLN A 1 65  ? -11.453 -1.908  -11.891 1.00 44.48 ? 65  GLN A CD  1 
ATOM   534  O  OE1 . GLN A 1 65  ? -11.757 -2.728  -12.767 1.00 50.29 ? 65  GLN A OE1 1 
ATOM   535  N  NE2 . GLN A 1 65  ? -11.777 -0.620  -11.970 1.00 39.68 ? 65  GLN A NE2 1 
ATOM   536  N  N   . GLY A 1 66  ? -10.087 -6.622  -8.328  1.00 31.27 ? 66  GLY A N   1 
ATOM   537  C  CA  . GLY A 1 66  ? -10.545 -7.683  -7.441  1.00 36.97 ? 66  GLY A CA  1 
ATOM   538  C  C   . GLY A 1 66  ? -12.050 -7.901  -7.437  1.00 43.68 ? 66  GLY A C   1 
ATOM   539  O  O   . GLY A 1 66  ? -12.666 -8.069  -6.376  1.00 40.54 ? 66  GLY A O   1 
ATOM   540  N  N   . ASN A 1 67  ? -12.636 -7.868  -8.635  1.00 41.44 ? 67  ASN A N   1 
ATOM   541  C  CA  . ASN A 1 67  ? -14.068 -8.050  -8.816  1.00 37.37 ? 67  ASN A CA  1 
ATOM   542  C  C   . ASN A 1 67  ? -14.876 -7.171  -7.868  1.00 36.88 ? 67  ASN A C   1 
ATOM   543  O  O   . ASN A 1 67  ? -15.889 -7.606  -7.344  1.00 37.85 ? 67  ASN A O   1 
ATOM   544  C  CB  . ASN A 1 67  ? -14.455 -9.526  -8.613  1.00 36.08 ? 67  ASN A CB  1 
ATOM   545  C  CG  . ASN A 1 67  ? -13.645 -10.483 -9.500  1.00 48.25 ? 67  ASN A CG  1 
ATOM   546  O  OD1 . ASN A 1 67  ? -13.122 -11.493 -9.017  1.00 54.15 ? 67  ASN A OD1 1 
ATOM   547  N  ND2 . ASN A 1 67  ? -13.555 -10.180 -10.803 1.00 46.67 ? 67  ASN A ND2 1 
ATOM   548  N  N   . GLY A 1 68  ? -14.409 -5.951  -7.621  1.00 39.70 ? 68  GLY A N   1 
ATOM   549  C  CA  . GLY A 1 68  ? -15.095 -5.038  -6.712  1.00 37.65 ? 68  GLY A CA  1 
ATOM   550  C  C   . GLY A 1 68  ? -14.773 -5.174  -5.222  1.00 38.06 ? 68  GLY A C   1 
ATOM   551  O  O   . GLY A 1 68  ? -15.123 -4.296  -4.426  1.00 34.49 ? 68  GLY A O   1 
ATOM   552  N  N   . LYS A 1 69  ? -14.095 -6.256  -4.844  1.00 37.40 ? 69  LYS A N   1 
ATOM   553  C  CA  . LYS A 1 69  ? -13.809 -6.539  -3.432  1.00 38.93 ? 69  LYS A CA  1 
ATOM   554  C  C   . LYS A 1 69  ? -12.559 -5.842  -2.901  1.00 34.90 ? 69  LYS A C   1 
ATOM   555  O  O   . LYS A 1 69  ? -12.447 -5.604  -1.704  1.00 31.61 ? 69  LYS A O   1 
ATOM   556  C  CB  . LYS A 1 69  ? -13.663 -8.043  -3.219  1.00 39.21 ? 69  LYS A CB  1 
ATOM   557  C  CG  . LYS A 1 69  ? -14.964 -8.816  -3.364  1.00 44.73 ? 69  LYS A CG  1 
ATOM   558  C  CD  . LYS A 1 69  ? -15.858 -8.651  -2.136  1.00 38.39 ? 69  LYS A CD  1 
ATOM   559  C  CE  . LYS A 1 69  ? -17.130 -9.478  -2.278  1.00 42.65 ? 69  LYS A CE  1 
ATOM   560  N  NZ  . LYS A 1 69  ? -16.862 -10.898 -2.657  1.00 41.38 ? 69  LYS A NZ  1 
ATOM   561  N  N   . PHE A 1 70  ? -11.621 -5.527  -3.793  1.00 33.31 ? 70  PHE A N   1 
ATOM   562  C  CA  . PHE A 1 70  ? -10.362 -4.892  -3.401  1.00 32.80 ? 70  PHE A CA  1 
ATOM   563  C  C   . PHE A 1 70  ? -9.723  -4.189  -4.593  1.00 34.36 ? 70  PHE A C   1 
ATOM   564  O  O   . PHE A 1 70  ? -10.025 -4.514  -5.743  1.00 38.56 ? 70  PHE A O   1 
ATOM   565  C  CB  . PHE A 1 70  ? -9.383  -5.927  -2.803  1.00 28.72 ? 70  PHE A CB  1 
ATOM   566  C  CG  . PHE A 1 70  ? -8.904  -6.986  -3.789  1.00 31.09 ? 70  PHE A CG  1 
ATOM   567  C  CD1 . PHE A 1 70  ? -7.999  -6.672  -4.801  1.00 27.43 ? 70  PHE A CD1 1 
ATOM   568  C  CD2 . PHE A 1 70  ? -9.329  -8.306  -3.672  1.00 34.07 ? 70  PHE A CD2 1 
ATOM   569  C  CE1 . PHE A 1 70  ? -7.557  -7.647  -5.697  1.00 31.59 ? 70  PHE A CE1 1 
ATOM   570  C  CE2 . PHE A 1 70  ? -8.896  -9.293  -4.562  1.00 30.56 ? 70  PHE A CE2 1 
ATOM   571  C  CZ  . PHE A 1 70  ? -8.005  -8.968  -5.576  1.00 33.06 ? 70  PHE A CZ  1 
ATOM   572  N  N   . ASN A 1 71  ? -8.840  -3.235  -4.339  1.00 30.76 ? 71  ASN A N   1 
ATOM   573  C  CA  . ASN A 1 71  ? -7.945  -2.782  -5.402  1.00 30.69 ? 71  ASN A CA  1 
ATOM   574  C  C   . ASN A 1 71  ? -6.499  -3.239  -5.163  1.00 32.08 ? 71  ASN A C   1 
ATOM   575  O  O   . ASN A 1 71  ? -5.927  -3.014  -4.096  1.00 29.67 ? 71  ASN A O   1 
ATOM   576  C  CB  . ASN A 1 71  ? -7.990  -1.262  -5.544  1.00 28.84 ? 71  ASN A CB  1 
ATOM   577  C  CG  . ASN A 1 71  ? -9.213  -0.772  -6.320  1.00 36.84 ? 71  ASN A CG  1 
ATOM   578  O  OD1 . ASN A 1 71  ? -9.934  -1.562  -6.943  1.00 33.80 ? 71  ASN A OD1 1 
ATOM   579  N  ND2 . ASN A 1 71  ? -9.451  0.544   -6.278  1.00 35.46 ? 71  ASN A ND2 1 
ATOM   580  N  N   . LEU A 1 72  ? -5.917  -3.883  -6.163  1.00 29.44 ? 72  LEU A N   1 
ATOM   581  C  CA  . LEU A 1 72  ? -4.494  -4.192  -6.166  1.00 28.80 ? 72  LEU A CA  1 
ATOM   582  C  C   . LEU A 1 72  ? -3.741  -3.134  -6.966  1.00 31.53 ? 72  LEU A C   1 
ATOM   583  O  O   . LEU A 1 72  ? -4.019  -2.931  -8.155  1.00 29.37 ? 72  LEU A O   1 
ATOM   584  C  CB  . LEU A 1 72  ? -4.228  -5.578  -6.769  1.00 24.00 ? 72  LEU A CB  1 
ATOM   585  C  CG  . LEU A 1 72  ? -2.804  -6.119  -6.551  1.00 25.86 ? 72  LEU A CG  1 
ATOM   586  C  CD1 . LEU A 1 72  ? -2.549  -6.441  -5.049  1.00 23.36 ? 72  LEU A CD1 1 
ATOM   587  C  CD2 . LEU A 1 72  ? -2.520  -7.342  -7.430  1.00 22.77 ? 72  LEU A CD2 1 
ATOM   588  N  N   . MET A 1 73  ? -2.786  -2.455  -6.339  1.00 30.85 ? 73  MET A N   1 
ATOM   589  C  CA  . MET A 1 73  ? -2.067  -1.398  -7.064  1.00 26.61 ? 73  MET A CA  1 
ATOM   590  C  C   . MET A 1 73  ? -0.575  -1.444  -6.838  1.00 31.34 ? 73  MET A C   1 
ATOM   591  O  O   . MET A 1 73  ? -0.097  -1.978  -5.830  1.00 28.49 ? 73  MET A O   1 
ATOM   592  C  CB  . MET A 1 73  ? -2.590  -0.023  -6.671  1.00 27.71 ? 73  MET A CB  1 
ATOM   593  C  CG  . MET A 1 73  ? -2.586  0.281   -5.163  1.00 27.08 ? 73  MET A CG  1 
ATOM   594  S  SD  . MET A 1 73  ? -3.601  1.756   -4.827  1.00 28.97 ? 73  MET A SD  1 
ATOM   595  C  CE  . MET A 1 73  ? -5.254  1.048   -4.968  1.00 30.66 ? 73  MET A CE  1 
ATOM   596  N  N   . ILE A 1 74  ? 0.168   -0.889  -7.786  1.00 26.32 ? 74  ILE A N   1 
ATOM   597  C  CA  . ILE A 1 74  ? 1.599   -0.768  -7.598  1.00 28.92 ? 74  ILE A CA  1 
ATOM   598  C  C   . ILE A 1 74  ? 1.982   0.706   -7.412  1.00 32.16 ? 74  ILE A C   1 
ATOM   599  O  O   . ILE A 1 74  ? 1.586   1.580   -8.191  1.00 25.27 ? 74  ILE A O   1 
ATOM   600  C  CB  . ILE A 1 74  ? 2.368   -1.398  -8.756  1.00 28.15 ? 74  ILE A CB  1 
ATOM   601  C  CG1 . ILE A 1 74  ? 2.464   -2.898  -8.501  1.00 25.27 ? 74  ILE A CG1 1 
ATOM   602  C  CG2 . ILE A 1 74  ? 3.762   -0.787  -8.886  1.00 22.56 ? 74  ILE A CG2 1 
ATOM   603  C  CD1 . ILE A 1 74  ? 3.046   -3.656  -9.622  1.00 31.25 ? 74  ILE A CD1 1 
ATOM   604  N  N   . LEU A 1 75  ? 2.718   0.965   -6.336  1.00 27.84 ? 75  LEU A N   1 
ATOM   605  C  CA  . LEU A 1 75  ? 3.147   2.304   -6.021  1.00 26.84 ? 75  LEU A CA  1 
ATOM   606  C  C   . LEU A 1 75  ? 4.611   2.470   -6.337  1.00 25.90 ? 75  LEU A C   1 
ATOM   607  O  O   . LEU A 1 75  ? 5.426   1.603   -6.037  1.00 26.66 ? 75  LEU A O   1 
ATOM   608  C  CB  . LEU A 1 75  ? 2.869   2.632   -4.550  1.00 28.42 ? 75  LEU A CB  1 
ATOM   609  C  CG  . LEU A 1 75  ? 1.463   3.206   -4.326  1.00 27.79 ? 75  LEU A CG  1 
ATOM   610  C  CD1 . LEU A 1 75  ? 0.383   2.232   -4.822  1.00 20.93 ? 75  LEU A CD1 1 
ATOM   611  C  CD2 . LEU A 1 75  ? 1.263   3.592   -2.861  1.00 25.49 ? 75  LEU A CD2 1 
ATOM   612  N  N   . CYS A 1 76  ? 4.936   3.605   -6.947  1.00 28.66 ? 76  CYS A N   1 
ATOM   613  C  CA  . CYS A 1 76  ? 6.295   3.897   -7.378  1.00 28.42 ? 76  CYS A CA  1 
ATOM   614  C  C   . CYS A 1 76  ? 6.824   5.142   -6.696  1.00 26.43 ? 76  CYS A C   1 
ATOM   615  O  O   . CYS A 1 76  ? 6.303   6.234   -6.898  1.00 22.40 ? 76  CYS A O   1 
ATOM   616  C  CB  . CYS A 1 76  ? 6.344   4.075   -8.893  1.00 25.07 ? 76  CYS A CB  1 
ATOM   617  S  SG  . CYS A 1 76  ? 5.790   2.640   -9.767  1.00 26.31 ? 76  CYS A SG  1 
ATOM   618  N  N   . TRP A 1 77  ? 7.883   4.963   -5.917  1.00 29.29 ? 77  TRP A N   1 
ATOM   619  C  CA  . TRP A 1 77  ? 8.454   6.031   -5.103  1.00 26.75 ? 77  TRP A CA  1 
ATOM   620  C  C   . TRP A 1 77  ? 9.845   6.432   -5.590  1.00 24.62 ? 77  TRP A C   1 
ATOM   621  O  O   . TRP A 1 77  ? 10.801  5.657   -5.465  1.00 26.71 ? 77  TRP A O   1 
ATOM   622  C  CB  . TRP A 1 77  ? 8.550   5.594   -3.632  1.00 27.66 ? 77  TRP A CB  1 
ATOM   623  C  CG  . TRP A 1 77  ? 7.400   4.783   -3.116  1.00 30.17 ? 77  TRP A CG  1 
ATOM   624  C  CD1 . TRP A 1 77  ? 7.098   3.479   -3.431  1.00 26.13 ? 77  TRP A CD1 1 
ATOM   625  C  CD2 . TRP A 1 77  ? 6.412   5.203   -2.168  1.00 26.10 ? 77  TRP A CD2 1 
ATOM   626  N  NE1 . TRP A 1 77  ? 5.987   3.070   -2.736  1.00 28.91 ? 77  TRP A NE1 1 
ATOM   627  C  CE2 . TRP A 1 77  ? 5.546   4.110   -1.955  1.00 30.21 ? 77  TRP A CE2 1 
ATOM   628  C  CE3 . TRP A 1 77  ? 6.175   6.398   -1.478  1.00 27.67 ? 77  TRP A CE3 1 
ATOM   629  C  CZ2 . TRP A 1 77  ? 4.461   4.181   -1.085  1.00 27.31 ? 77  TRP A CZ2 1 
ATOM   630  C  CZ3 . TRP A 1 77  ? 5.103   6.467   -0.619  1.00 27.45 ? 77  TRP A CZ3 1 
ATOM   631  C  CH2 . TRP A 1 77  ? 4.258   5.366   -0.424  1.00 29.23 ? 77  TRP A CH2 1 
ATOM   632  N  N   . GLY A 1 78  ? 9.975   7.646   -6.113  1.00 27.09 ? 78  GLY A N   1 
ATOM   633  C  CA  . GLY A 1 78  ? 11.299  8.176   -6.403  1.00 26.47 ? 78  GLY A CA  1 
ATOM   634  C  C   . GLY A 1 78  ? 12.051  8.462   -5.104  1.00 32.00 ? 78  GLY A C   1 
ATOM   635  O  O   . GLY A 1 78  ? 11.461  8.440   -4.011  1.00 32.22 ? 78  GLY A O   1 
ATOM   636  N  N   . GLU A 1 79  ? 13.349  8.720   -5.218  1.00 30.55 ? 79  GLU A N   1 
ATOM   637  C  CA  . GLU A 1 79  ? 14.161  9.167   -4.080  1.00 37.89 ? 79  GLU A CA  1 
ATOM   638  C  C   . GLU A 1 79  ? 13.493  10.282  -3.293  1.00 33.48 ? 79  GLU A C   1 
ATOM   639  O  O   . GLU A 1 79  ? 13.065  11.283  -3.869  1.00 36.85 ? 79  GLU A O   1 
ATOM   640  C  CB  . GLU A 1 79  ? 15.536  9.650   -4.547  1.00 34.81 ? 79  GLU A CB  1 
ATOM   641  C  CG  . GLU A 1 79  ? 16.392  8.574   -5.175  1.00 42.27 ? 79  GLU A CG  1 
ATOM   642  C  CD  . GLU A 1 79  ? 16.185  8.420   -6.679  1.00 57.45 ? 79  GLU A CD  1 
ATOM   643  O  OE1 . GLU A 1 79  ? 15.107  8.816   -7.220  1.00 57.80 ? 79  GLU A OE1 1 
ATOM   644  O  OE2 . GLU A 1 79  ? 17.125  7.888   -7.316  1.00 59.86 ? 79  GLU A OE2 1 
ATOM   645  N  N   . GLY A 1 80  ? 13.401  10.107  -1.977  1.00 28.28 ? 80  GLY A N   1 
ATOM   646  C  CA  . GLY A 1 80  ? 12.853  11.144  -1.123  1.00 31.79 ? 80  GLY A CA  1 
ATOM   647  C  C   . GLY A 1 80  ? 11.341  11.285  -1.178  1.00 32.41 ? 80  GLY A C   1 
ATOM   648  O  O   . GLY A 1 80  ? 10.769  12.093  -0.450  1.00 29.69 ? 80  GLY A O   1 
ATOM   649  N  N   . HIS A 1 81  ? 10.685  10.503  -2.031  1.00 28.26 ? 81  HIS A N   1 
ATOM   650  C  CA  . HIS A 1 81  ? 9.229   10.546  -2.112  1.00 28.77 ? 81  HIS A CA  1 
ATOM   651  C  C   . HIS A 1 81  ? 8.570   9.844   -0.934  1.00 29.96 ? 81  HIS A C   1 
ATOM   652  O  O   . HIS A 1 81  ? 8.895   8.695   -0.625  1.00 35.45 ? 81  HIS A O   1 
ATOM   653  C  CB  . HIS A 1 81  ? 8.727   9.894   -3.398  1.00 31.04 ? 81  HIS A CB  1 
ATOM   654  C  CG  . HIS A 1 81  ? 8.982   10.697  -4.630  1.00 31.64 ? 81  HIS A CG  1 
ATOM   655  N  ND1 . HIS A 1 81  ? 8.555   10.289  -5.880  1.00 34.38 ? 81  HIS A ND1 1 
ATOM   656  C  CD2 . HIS A 1 81  ? 9.619   11.877  -4.819  1.00 29.08 ? 81  HIS A CD2 1 
ATOM   657  C  CE1 . HIS A 1 81  ? 8.916   11.185  -6.779  1.00 34.35 ? 81  HIS A CE1 1 
ATOM   658  N  NE2 . HIS A 1 81  ? 9.563   12.159  -6.161  1.00 30.49 ? 81  HIS A NE2 1 
ATOM   659  N  N   . GLY A 1 82  ? 7.631   10.530  -0.292  1.00 29.16 ? 82  GLY A N   1 
ATOM   660  C  CA  . GLY A 1 82  ? 6.842   9.925   0.762   1.00 32.44 ? 82  GLY A CA  1 
ATOM   661  C  C   . GLY A 1 82  ? 5.360   10.225  0.621   1.00 36.63 ? 82  GLY A C   1 
ATOM   662  O  O   . GLY A 1 82  ? 4.931   10.989  -0.243  1.00 34.37 ? 82  GLY A O   1 
ATOM   663  N  N   . SER A 1 83  ? 4.564   9.592   1.465   1.00 37.07 ? 83  SER A N   1 
ATOM   664  C  CA  . SER A 1 83  ? 3.147   9.891   1.536   1.00 38.86 ? 83  SER A CA  1 
ATOM   665  C  C   . SER A 1 83  ? 2.900   10.807  2.719   1.00 37.54 ? 83  SER A C   1 
ATOM   666  O  O   . SER A 1 83  ? 3.784   11.047  3.540   1.00 36.23 ? 83  SER A O   1 
ATOM   667  C  CB  . SER A 1 83  ? 2.324   8.614   1.692   1.00 40.45 ? 83  SER A CB  1 
ATOM   668  O  OG  . SER A 1 83  ? 2.579   8.013   2.961   1.00 38.42 ? 83  SER A OG  1 
ATOM   669  N  N   . SER A 1 84  ? 1.715   11.321  2.832   1.00 40.25 ? 84  SER A N   1 
ATOM   670  C  CA  . SER A 1 84  ? 1.319   11.997  4.024   1.00 41.25 ? 84  SER A CA  1 
ATOM   671  C  C   . SER A 1 84  ? 0.990   10.977  5.083   1.00 43.00 ? 84  SER A C   1 
ATOM   672  O  O   . SER A 1 84  ? 1.025   9.816   4.825   1.00 37.35 ? 84  SER A O   1 
ATOM   673  C  CB  . SER A 1 84  ? 0.138   12.884  3.754   1.00 44.06 ? 84  SER A CB  1 
ATOM   674  O  OG  . SER A 1 84  ? 0.274   13.496  2.515   1.00 53.34 ? 84  SER A OG  1 
ATOM   675  N  N   . ILE A 1 85  ? 0.757   11.415  6.315   1.00 47.13 ? 85  ILE A N   1 
ATOM   676  C  CA  . ILE A 1 85  ? 0.187   10.540  7.329   1.00 41.97 ? 85  ILE A CA  1 
ATOM   677  C  C   . ILE A 1 85  ? -1.285  10.315  6.975   1.00 42.69 ? 85  ILE A C   1 
ATOM   678  O  O   . ILE A 1 85  ? -2.067  11.267  6.904   1.00 39.57 ? 85  ILE A O   1 
ATOM   679  C  CB  . ILE A 1 85  ? 0.324   11.120  8.727   1.00 35.78 ? 85  ILE A CB  1 
ATOM   680  C  CG1 . ILE A 1 85  ? 1.806   11.365  9.028   1.00 39.69 ? 85  ILE A CG1 1 
ATOM   681  C  CG2 . ILE A 1 85  ? -0.323  10.187  9.744   1.00 34.90 ? 85  ILE A CG2 1 
ATOM   682  C  CD1 . ILE A 1 85  ? 2.062   12.142  10.311  1.00 39.69 ? 85  ILE A CD1 1 
ATOM   683  N  N   . HIS A 1 86  ? -1.627  9.047   6.740   1.00 37.61 ? 86  HIS A N   1 
ATOM   684  C  CA  . HIS A 1 86  ? -2.895  8.623   6.150   1.00 34.69 ? 86  HIS A CA  1 
ATOM   685  C  C   . HIS A 1 86  ? -3.681  7.705   7.067   1.00 35.99 ? 86  HIS A C   1 
ATOM   686  O  O   . HIS A 1 86  ? -3.104  6.967   7.868   1.00 35.01 ? 86  HIS A O   1 
ATOM   687  C  CB  . HIS A 1 86  ? -2.660  7.854   4.842   1.00 40.45 ? 86  HIS A CB  1 
ATOM   688  C  CG  . HIS A 1 86  ? -2.521  8.713   3.627   1.00 51.57 ? 86  HIS A CG  1 
ATOM   689  N  ND1 . HIS A 1 86  ? -2.024  8.229   2.436   1.00 53.17 ? 86  HIS A ND1 1 
ATOM   690  C  CD2 . HIS A 1 86  ? -2.826  10.015  3.405   1.00 51.94 ? 86  HIS A CD2 1 
ATOM   691  C  CE1 . HIS A 1 86  ? -2.011  9.199   1.539   1.00 53.54 ? 86  HIS A CE1 1 
ATOM   692  N  NE2 . HIS A 1 86  ? -2.494  10.293  2.101   1.00 51.31 ? 86  HIS A NE2 1 
ATOM   693  N  N   . ASP A 1 87  ? -4.999  7.718   6.909   1.00 36.94 ? 87  ASP A N   1 
ATOM   694  C  CA  . ASP A 1 87  ? -5.830  6.640   7.416   1.00 34.38 ? 87  ASP A CA  1 
ATOM   695  C  C   . ASP A 1 87  ? -6.269  5.812   6.205   1.00 32.48 ? 87  ASP A C   1 
ATOM   696  O  O   . ASP A 1 87  ? -5.761  6.014   5.100   1.00 31.09 ? 87  ASP A O   1 
ATOM   697  C  CB  . ASP A 1 87  ? -7.018  7.178   8.226   1.00 31.61 ? 87  ASP A CB  1 
ATOM   698  C  CG  . ASP A 1 87  ? -7.969  8.052   7.403   1.00 37.73 ? 87  ASP A CG  1 
ATOM   699  O  OD1 . ASP A 1 87  ? -7.607  8.507   6.298   1.00 39.08 ? 87  ASP A OD1 1 
ATOM   700  O  OD2 . ASP A 1 87  ? -9.098  8.298   7.879   1.00 39.75 ? 87  ASP A OD2 1 
ATOM   701  N  N   . HIS A 1 88  ? -7.106  4.822   6.423   1.00 34.32 ? 88  HIS A N   1 
ATOM   702  C  CA  . HIS A 1 88  ? -7.486  3.894   5.389   1.00 30.62 ? 88  HIS A CA  1 
ATOM   703  C  C   . HIS A 1 88  ? -8.950  3.639   5.255   1.00 30.07 ? 88  HIS A C   1 
ATOM   704  O  O   . HIS A 1 88  ? -9.356  2.658   4.700   1.00 28.34 ? 88  HIS A O   1 
ATOM   705  C  CB  . HIS A 1 88  ? -6.693  2.626   5.532   1.00 37.08 ? 88  HIS A CB  1 
ATOM   706  C  CG  . HIS A 1 88  ? -5.233  2.862   5.438   1.00 36.89 ? 88  HIS A CG  1 
ATOM   707  N  ND1 . HIS A 1 88  ? -4.476  3.194   6.526   1.00 32.33 ? 88  HIS A ND1 1 
ATOM   708  C  CD2 . HIS A 1 88  ? -4.410  2.915   4.378   1.00 31.89 ? 88  HIS A CD2 1 
ATOM   709  C  CE1 . HIS A 1 88  ? -3.241  3.399   6.149   1.00 34.76 ? 88  HIS A CE1 1 
ATOM   710  N  NE2 . HIS A 1 88  ? -3.174  3.235   4.850   1.00 40.22 ? 88  HIS A NE2 1 
ATOM   711  N  N   . THR A 1 89  ? -9.723  4.564   5.785   1.00 32.15 ? 89  THR A N   1 
ATOM   712  C  CA  . THR A 1 89  ? -11.124 4.681   5.481   1.00 28.46 ? 89  THR A CA  1 
ATOM   713  C  C   . THR A 1 89  ? -11.884 3.434   5.798   1.00 34.53 ? 89  THR A C   1 
ATOM   714  O  O   . THR A 1 89  ? -12.697 2.994   5.047   1.00 34.07 ? 89  THR A O   1 
ATOM   715  C  CB  . THR A 1 89  ? -11.268 5.042   4.000   1.00 36.08 ? 89  THR A CB  1 
ATOM   716  O  OG1 . THR A 1 89  ? -10.539 6.225   3.742   1.00 31.63 ? 89  THR A OG1 1 
ATOM   717  C  CG2 . THR A 1 89  ? -12.657 5.285   3.620   1.00 27.37 ? 89  THR A CG2 1 
ATOM   718  N  N   . ASP A 1 90  ? -11.545 2.844   6.921   1.00 33.83 ? 90  ASP A N   1 
ATOM   719  C  CA  . ASP A 1 90  ? -12.149 1.618   7.429   1.00 35.20 ? 90  ASP A CA  1 
ATOM   720  C  C   . ASP A 1 90  ? -11.933 0.377   6.540   1.00 37.39 ? 90  ASP A C   1 
ATOM   721  O  O   . ASP A 1 90  ? -12.745 -0.549  6.545   1.00 35.04 ? 90  ASP A O   1 
ATOM   722  C  CB  . ASP A 1 90  ? -13.640 1.874   7.670   1.00 35.51 ? 90  ASP A CB  1 
ATOM   723  C  CG  . ASP A 1 90  ? -13.867 2.836   8.844   1.00 39.83 ? 90  ASP A CG  1 
ATOM   724  O  OD1 . ASP A 1 90  ? -13.284 2.580   9.925   1.00 44.24 ? 90  ASP A OD1 1 
ATOM   725  O  OD2 . ASP A 1 90  ? -14.573 3.861   8.680   1.00 34.12 ? 90  ASP A OD2 1 
ATOM   726  N  N   . SER A 1 91  ? -10.810 0.333   5.827   1.00 31.77 ? 91  SER A N   1 
ATOM   727  C  CA  . SER A 1 91  ? -10.499 -0.808  4.962   1.00 33.08 ? 91  SER A CA  1 
ATOM   728  C  C   . SER A 1 91  ? -9.194  -1.495  5.355   1.00 34.71 ? 91  SER A C   1 
ATOM   729  O  O   . SER A 1 91  ? -8.359  -0.931  6.078   1.00 30.81 ? 91  SER A O   1 
ATOM   730  C  CB  . SER A 1 91  ? -10.411 -0.366  3.492   1.00 30.46 ? 91  SER A CB  1 
ATOM   731  O  OG  . SER A 1 91  ? -11.537 0.411   3.111   1.00 37.53 ? 91  SER A OG  1 
ATOM   732  N  N   . HIS A 1 92  ? -9.018  -2.718  4.870   1.00 30.65 ? 92  HIS A N   1 
ATOM   733  C  CA  . HIS A 1 92  ? -7.732  -3.386  4.975   1.00 29.14 ? 92  HIS A CA  1 
ATOM   734  C  C   . HIS A 1 92  ? -6.689  -2.755  4.045   1.00 30.09 ? 92  HIS A C   1 
ATOM   735  O  O   . HIS A 1 92  ? -7.009  -2.268  2.953   1.00 32.78 ? 92  HIS A O   1 
ATOM   736  C  CB  . HIS A 1 92  ? -7.878  -4.869  4.657   1.00 33.82 ? 92  HIS A CB  1 
ATOM   737  C  CG  . HIS A 1 92  ? -8.845  -5.584  5.547   1.00 33.28 ? 92  HIS A CG  1 
ATOM   738  N  ND1 . HIS A 1 92  ? -8.499  -6.055  6.796   1.00 34.35 ? 92  HIS A ND1 1 
ATOM   739  C  CD2 . HIS A 1 92  ? -10.148 -5.903  5.374   1.00 32.30 ? 92  HIS A CD2 1 
ATOM   740  C  CE1 . HIS A 1 92  ? -9.544  -6.639  7.349   1.00 32.45 ? 92  HIS A CE1 1 
ATOM   741  N  NE2 . HIS A 1 92  ? -10.558 -6.567  6.505   1.00 32.63 ? 92  HIS A NE2 1 
ATOM   742  N  N   . CYS A 1 93  ? -5.439  -2.774  4.482   1.00 30.15 ? 93  CYS A N   1 
ATOM   743  C  CA  . CYS A 1 93  ? -4.356  -2.219  3.695   1.00 30.87 ? 93  CYS A CA  1 
ATOM   744  C  C   . CYS A 1 93  ? -3.090  -3.063  3.845   1.00 30.74 ? 93  CYS A C   1 
ATOM   745  O  O   . CYS A 1 93  ? -2.456  -3.072  4.908   1.00 27.47 ? 93  CYS A O   1 
ATOM   746  C  CB  . CYS A 1 93  ? -4.082  -0.773  4.107   1.00 28.43 ? 93  CYS A CB  1 
ATOM   747  S  SG  . CYS A 1 93  ? -2.997  0.078   2.964   1.00 27.61 ? 93  CYS A SG  1 
ATOM   748  N  N   . PHE A 1 94  ? -2.751  -3.783  2.777   1.00 26.53 ? 94  PHE A N   1 
ATOM   749  C  CA  . PHE A 1 94  ? -1.535  -4.590  2.718   1.00 25.63 ? 94  PHE A CA  1 
ATOM   750  C  C   . PHE A 1 94  ? -0.482  -3.913  1.849   1.00 29.36 ? 94  PHE A C   1 
ATOM   751  O  O   . PHE A 1 94  ? -0.780  -3.302  0.820   1.00 28.35 ? 94  PHE A O   1 
ATOM   752  C  CB  . PHE A 1 94  ? -1.812  -5.998  2.168   1.00 25.87 ? 94  PHE A CB  1 
ATOM   753  C  CG  . PHE A 1 94  ? -2.855  -6.768  2.932   1.00 26.75 ? 94  PHE A CG  1 
ATOM   754  C  CD1 . PHE A 1 94  ? -2.489  -7.776  3.804   1.00 28.67 ? 94  PHE A CD1 1 
ATOM   755  C  CD2 . PHE A 1 94  ? -4.208  -6.497  2.753   1.00 24.09 ? 94  PHE A CD2 1 
ATOM   756  C  CE1 . PHE A 1 94  ? -3.450  -8.490  4.501   1.00 29.53 ? 94  PHE A CE1 1 
ATOM   757  C  CE2 . PHE A 1 94  ? -5.166  -7.198  3.423   1.00 27.01 ? 94  PHE A CE2 1 
ATOM   758  C  CZ  . PHE A 1 94  ? -4.795  -8.197  4.313   1.00 33.00 ? 94  PHE A CZ  1 
ATOM   759  N  N   . LEU A 1 95  ? 0.762   -4.046  2.272   1.00 23.34 ? 95  LEU A N   1 
ATOM   760  C  CA  . LEU A 1 95  ? 1.862   -3.437  1.583   1.00 27.50 ? 95  LEU A CA  1 
ATOM   761  C  C   . LEU A 1 95  ? 2.950   -4.498  1.443   1.00 33.14 ? 95  LEU A C   1 
ATOM   762  O  O   . LEU A 1 95  ? 3.337   -5.111  2.430   1.00 36.71 ? 95  LEU A O   1 
ATOM   763  C  CB  . LEU A 1 95  ? 2.352   -2.212  2.369   1.00 30.66 ? 95  LEU A CB  1 
ATOM   764  C  CG  . LEU A 1 95  ? 3.563   -1.408  1.886   1.00 38.47 ? 95  LEU A CG  1 
ATOM   765  C  CD1 . LEU A 1 95  ? 3.773   -0.179  2.778   1.00 33.04 ? 95  LEU A CD1 1 
ATOM   766  C  CD2 . LEU A 1 95  ? 4.833   -2.256  1.810   1.00 33.70 ? 95  LEU A CD2 1 
ATOM   767  N  N   . LYS A 1 96  ? 3.431   -4.731  0.228   1.00 31.38 ? 96  LYS A N   1 
ATOM   768  C  CA  . LYS A 1 96  ? 4.611   -5.564  0.034   1.00 28.79 ? 96  LYS A CA  1 
ATOM   769  C  C   . LYS A 1 96  ? 5.641   -4.826  -0.817  1.00 29.89 ? 96  LYS A C   1 
ATOM   770  O  O   . LYS A 1 96  ? 5.295   -4.275  -1.870  1.00 31.22 ? 96  LYS A O   1 
ATOM   771  C  CB  . LYS A 1 96  ? 4.249   -6.894  -0.634  1.00 28.84 ? 96  LYS A CB  1 
ATOM   772  C  CG  . LYS A 1 96  ? 5.467   -7.730  -1.013  1.00 28.58 ? 96  LYS A CG  1 
ATOM   773  C  CD  . LYS A 1 96  ? 5.126   -8.710  -2.130  1.00 32.52 ? 96  LYS A CD  1 
ATOM   774  C  CE  . LYS A 1 96  ? 6.336   -9.564  -2.531  1.00 29.58 ? 96  LYS A CE  1 
ATOM   775  N  NZ  . LYS A 1 96  ? 6.740   -10.533 -1.474  1.00 29.58 ? 96  LYS A NZ  1 
ATOM   776  N  N   . LEU A 1 97  ? 6.897   -4.817  -0.367  1.00 30.14 ? 97  LEU A N   1 
ATOM   777  C  CA  . LEU A 1 97  ? 7.996   -4.249  -1.144  1.00 25.98 ? 97  LEU A CA  1 
ATOM   778  C  C   . LEU A 1 97  ? 8.306   -5.107  -2.347  1.00 33.88 ? 97  LEU A C   1 
ATOM   779  O  O   . LEU A 1 97  ? 8.523   -6.313  -2.202  1.00 39.89 ? 97  LEU A O   1 
ATOM   780  C  CB  . LEU A 1 97  ? 9.260   -4.120  -0.302  1.00 34.74 ? 97  LEU A CB  1 
ATOM   781  C  CG  . LEU A 1 97  ? 9.563   -2.733  0.234   1.00 32.67 ? 97  LEU A CG  1 
ATOM   782  C  CD1 . LEU A 1 97  ? 9.739   -1.739  -0.897  1.00 24.91 ? 97  LEU A CD1 1 
ATOM   783  C  CD2 . LEU A 1 97  ? 8.384   -2.355  1.088   1.00 42.05 ? 97  LEU A CD2 1 
ATOM   784  N  N   . LEU A 1 98  ? 8.336   -4.502  -3.531  1.00 28.66 ? 98  LEU A N   1 
ATOM   785  C  CA  . LEU A 1 98  ? 8.754   -5.225  -4.732  1.00 34.63 ? 98  LEU A CA  1 
ATOM   786  C  C   . LEU A 1 98  ? 10.222  -4.928  -5.020  1.00 36.64 ? 98  LEU A C   1 
ATOM   787  O  O   . LEU A 1 98  ? 10.984  -5.815  -5.398  1.00 42.46 ? 98  LEU A O   1 
ATOM   788  C  CB  . LEU A 1 98  ? 7.885   -4.860  -5.939  1.00 23.17 ? 98  LEU A CB  1 
ATOM   789  C  CG  . LEU A 1 98  ? 6.440   -5.328  -5.790  1.00 28.85 ? 98  LEU A CG  1 
ATOM   790  C  CD1 . LEU A 1 98  ? 5.603   -4.964  -7.005  1.00 22.37 ? 98  LEU A CD1 1 
ATOM   791  C  CD2 . LEU A 1 98  ? 6.387   -6.825  -5.498  1.00 27.43 ? 98  LEU A CD2 1 
ATOM   792  N  N   . GLN A 1 99  ? 10.606  -3.673  -4.857  1.00 36.85 ? 99  GLN A N   1 
ATOM   793  C  CA  . GLN A 1 99  ? 11.960  -3.222  -5.084  1.00 33.96 ? 99  GLN A CA  1 
ATOM   794  C  C   . GLN A 1 99  ? 12.369  -2.111  -4.112  1.00 35.51 ? 99  GLN A C   1 
ATOM   795  O  O   . GLN A 1 99  ? 11.581  -1.261  -3.812  1.00 29.44 ? 99  GLN A O   1 
ATOM   796  C  CB  . GLN A 1 99  ? 12.050  -2.755  -6.521  1.00 30.07 ? 99  GLN A CB  1 
ATOM   797  C  CG  . GLN A 1 99  ? 13.211  -1.867  -6.829  1.00 32.44 ? 99  GLN A CG  1 
ATOM   798  C  CD  . GLN A 1 99  ? 13.218  -1.391  -8.244  1.00 40.50 ? 99  GLN A CD  1 
ATOM   799  O  OE1 . GLN A 1 99  ? 13.102  -2.157  -9.168  1.00 46.63 ? 99  GLN A OE1 1 
ATOM   800  N  NE2 . GLN A 1 99  ? 13.366  -0.125  -8.414  1.00 39.43 ? 99  GLN A NE2 1 
ATOM   801  N  N   . GLY A 1 100 ? 13.614  -2.098  -3.661  1.00 35.53 ? 100 GLY A N   1 
ATOM   802  C  CA  . GLY A 1 100 ? 14.120  -1.018  -2.824  1.00 31.56 ? 100 GLY A CA  1 
ATOM   803  C  C   . GLY A 1 100 ? 13.671  -1.119  -1.376  1.00 38.29 ? 100 GLY A C   1 
ATOM   804  O  O   . GLY A 1 100 ? 13.290  -2.190  -0.922  1.00 39.34 ? 100 GLY A O   1 
ATOM   805  N  N   . ASN A 1 101 ? 13.706  0.006   -0.661  1.00 38.60 ? 101 ASN A N   1 
ATOM   806  C  CA  . ASN A 1 101 ? 13.331  0.061   0.755   1.00 33.15 ? 101 ASN A CA  1 
ATOM   807  C  C   . ASN A 1 101 ? 12.330  1.179   1.047   1.00 28.66 ? 101 ASN A C   1 
ATOM   808  O  O   . ASN A 1 101 ? 12.353  2.220   0.409   1.00 27.62 ? 101 ASN A O   1 
ATOM   809  C  CB  . ASN A 1 101 ? 14.568  0.269   1.636   1.00 38.01 ? 101 ASN A CB  1 
ATOM   810  C  CG  . ASN A 1 101 ? 15.528  -0.898  1.588   1.00 42.40 ? 101 ASN A CG  1 
ATOM   811  O  OD1 . ASN A 1 101 ? 15.362  -1.895  2.298   1.00 47.00 ? 101 ASN A OD1 1 
ATOM   812  N  ND2 . ASN A 1 101 ? 16.550  -0.778  0.755   1.00 44.24 ? 101 ASN A ND2 1 
ATOM   813  N  N   . LEU A 1 102 ? 11.460  0.964   2.025   1.00 31.07 ? 102 LEU A N   1 
ATOM   814  C  CA  . LEU A 1 102 ? 10.545  2.005   2.471   1.00 28.15 ? 102 LEU A CA  1 
ATOM   815  C  C   . LEU A 1 102 ? 10.562  2.071   3.980   1.00 34.33 ? 102 LEU A C   1 
ATOM   816  O  O   . LEU A 1 102 ? 10.710  1.045   4.648   1.00 34.89 ? 102 LEU A O   1 
ATOM   817  C  CB  . LEU A 1 102 ? 9.123   1.742   1.974   1.00 27.86 ? 102 LEU A CB  1 
ATOM   818  C  CG  . LEU A 1 102 ? 8.829   1.910   0.487   1.00 29.38 ? 102 LEU A CG  1 
ATOM   819  C  CD1 . LEU A 1 102 ? 7.416   1.375   0.165   1.00 25.96 ? 102 LEU A CD1 1 
ATOM   820  C  CD2 . LEU A 1 102 ? 8.996   3.390   0.054   1.00 23.50 ? 102 LEU A CD2 1 
ATOM   821  N  N   . LYS A 1 103 ? 10.415  3.276   4.520   1.00 32.28 ? 103 LYS A N   1 
ATOM   822  C  CA  . LYS A 1 103 ? 10.277  3.431   5.962   1.00 36.44 ? 103 LYS A CA  1 
ATOM   823  C  C   . LYS A 1 103 ? 8.818   3.655   6.328   1.00 33.81 ? 103 LYS A C   1 
ATOM   824  O  O   . LYS A 1 103 ? 8.185   4.576   5.824   1.00 36.20 ? 103 LYS A O   1 
ATOM   825  C  CB  . LYS A 1 103 ? 11.137  4.591   6.491   1.00 30.89 ? 103 LYS A CB  1 
ATOM   826  C  CG  . LYS A 1 103 ? 11.136  4.688   8.016   1.00 36.99 ? 103 LYS A CG  1 
ATOM   827  C  CD  . LYS A 1 103 ? 12.031  5.805   8.548   1.00 42.96 ? 103 LYS A CD  1 
ATOM   828  C  CE  . LYS A 1 103 ? 11.440  7.192   8.297   1.00 48.70 ? 103 LYS A CE  1 
ATOM   829  N  NZ  . LYS A 1 103 ? 11.874  8.214   9.310   1.00 47.28 ? 103 LYS A NZ  1 
ATOM   830  N  N   . GLU A 1 104 ? 8.287   2.802   7.203   1.00 41.54 ? 104 GLU A N   1 
ATOM   831  C  CA  . GLU A 1 104 ? 6.938   2.982   7.734   1.00 34.05 ? 104 GLU A CA  1 
ATOM   832  C  C   . GLU A 1 104 ? 6.991   3.608   9.118   1.00 36.95 ? 104 GLU A C   1 
ATOM   833  O  O   . GLU A 1 104 ? 7.687   3.106   10.007  1.00 33.47 ? 104 GLU A O   1 
ATOM   834  C  CB  . GLU A 1 104 ? 6.187   1.649   7.804   1.00 33.28 ? 104 GLU A CB  1 
ATOM   835  C  CG  . GLU A 1 104 ? 4.829   1.777   8.499   1.00 36.45 ? 104 GLU A CG  1 
ATOM   836  C  CD  . GLU A 1 104 ? 3.969   0.519   8.419   1.00 37.68 ? 104 GLU A CD  1 
ATOM   837  O  OE1 . GLU A 1 104 ? 4.499   -0.606  8.565   1.00 39.08 ? 104 GLU A OE1 1 
ATOM   838  O  OE2 . GLU A 1 104 ? 2.742   0.666   8.221   1.00 34.83 ? 104 GLU A OE2 1 
ATOM   839  N  N   . THR A 1 105 ? 6.264   4.708   9.305   1.00 37.31 ? 105 THR A N   1 
ATOM   840  C  CA  . THR A 1 105 ? 6.184   5.334   10.622  1.00 40.57 ? 105 THR A CA  1 
ATOM   841  C  C   . THR A 1 105 ? 4.750   5.275   11.132  1.00 37.02 ? 105 THR A C   1 
ATOM   842  O  O   . THR A 1 105 ? 3.825   5.758   10.466  1.00 33.68 ? 105 THR A O   1 
ATOM   843  C  CB  . THR A 1 105 ? 6.673   6.801   10.597  1.00 37.03 ? 105 THR A CB  1 
ATOM   844  O  OG1 . THR A 1 105 ? 8.016   6.844   10.114  1.00 32.62 ? 105 THR A OG1 1 
ATOM   845  C  CG2 . THR A 1 105 ? 6.629   7.422   11.987  1.00 35.96 ? 105 THR A CG2 1 
ATOM   846  N  N   . LEU A 1 106 ? 4.572   4.670   12.305  1.00 39.89 ? 106 LEU A N   1 
ATOM   847  C  CA  . LEU A 1 106 ? 3.242   4.538   12.909  1.00 37.41 ? 106 LEU A CA  1 
ATOM   848  C  C   . LEU A 1 106 ? 2.913   5.710   13.825  1.00 42.37 ? 106 LEU A C   1 
ATOM   849  O  O   . LEU A 1 106 ? 3.759   6.179   14.593  1.00 39.43 ? 106 LEU A O   1 
ATOM   850  C  CB  . LEU A 1 106 ? 3.123   3.235   13.701  1.00 43.58 ? 106 LEU A CB  1 
ATOM   851  C  CG  . LEU A 1 106 ? 3.360   1.897   12.999  1.00 51.18 ? 106 LEU A CG  1 
ATOM   852  C  CD1 . LEU A 1 106 ? 2.494   0.811   13.651  1.00 57.38 ? 106 LEU A CD1 1 
ATOM   853  C  CD2 . LEU A 1 106 ? 3.105   1.976   11.495  1.00 41.48 ? 106 LEU A CD2 1 
ATOM   854  N  N   . PHE A 1 107 ? 1.667   6.164   13.739  1.00 39.48 ? 107 PHE A N   1 
ATOM   855  C  CA  . PHE A 1 107 ? 1.175   7.273   14.540  1.00 37.64 ? 107 PHE A CA  1 
ATOM   856  C  C   . PHE A 1 107 ? -0.162  6.908   15.198  1.00 42.00 ? 107 PHE A C   1 
ATOM   857  O  O   . PHE A 1 107 ? -1.014  6.297   14.570  1.00 36.17 ? 107 PHE A O   1 
ATOM   858  C  CB  . PHE A 1 107 ? 0.998   8.525   13.675  1.00 37.63 ? 107 PHE A CB  1 
ATOM   859  C  CG  . PHE A 1 107 ? 2.296   9.159   13.227  1.00 49.45 ? 107 PHE A CG  1 
ATOM   860  C  CD1 . PHE A 1 107 ? 2.903   10.151  13.995  1.00 45.88 ? 107 PHE A CD1 1 
ATOM   861  C  CD2 . PHE A 1 107 ? 2.896   8.787   12.024  1.00 38.74 ? 107 PHE A CD2 1 
ATOM   862  C  CE1 . PHE A 1 107 ? 4.084   10.745  13.579  1.00 39.55 ? 107 PHE A CE1 1 
ATOM   863  C  CE2 . PHE A 1 107 ? 4.082   9.384   11.603  1.00 35.44 ? 107 PHE A CE2 1 
ATOM   864  C  CZ  . PHE A 1 107 ? 4.675   10.361  12.382  1.00 40.29 ? 107 PHE A CZ  1 
ATOM   865  N  N   . ASP A 1 108 ? -0.354  7.295   16.455  1.00 39.00 ? 108 ASP A N   1 
ATOM   866  C  CA  . ASP A 1 108 ? -1.655  7.143   17.090  1.00 37.06 ? 108 ASP A CA  1 
ATOM   867  C  C   . ASP A 1 108 ? -2.656  8.140   16.551  1.00 41.67 ? 108 ASP A C   1 
ATOM   868  O  O   . ASP A 1 108 ? -2.286  9.237   16.123  1.00 42.69 ? 108 ASP A O   1 
ATOM   869  C  CB  . ASP A 1 108 ? -1.551  7.330   18.599  1.00 42.04 ? 108 ASP A CB  1 
ATOM   870  C  CG  . ASP A 1 108 ? -0.924  6.155   19.282  1.00 52.35 ? 108 ASP A CG  1 
ATOM   871  O  OD1 . ASP A 1 108 ? -1.234  5.013   18.883  1.00 60.88 ? 108 ASP A OD1 1 
ATOM   872  O  OD2 . ASP A 1 108 ? -0.121  6.375   20.217  1.00 58.49 ? 108 ASP A OD2 1 
ATOM   873  N  N   . TRP A 1 109 ? -3.930  7.775   16.602  1.00 36.64 ? 109 TRP A N   1 
ATOM   874  C  CA  . TRP A 1 109 ? -4.984  8.737   16.344  1.00 38.42 ? 109 TRP A CA  1 
ATOM   875  C  C   . TRP A 1 109 ? -4.827  9.922   17.296  1.00 39.67 ? 109 TRP A C   1 
ATOM   876  O  O   . TRP A 1 109 ? -4.621  9.733   18.492  1.00 41.51 ? 109 TRP A O   1 
ATOM   877  C  CB  . TRP A 1 109 ? -6.358  8.079   16.504  1.00 32.70 ? 109 TRP A CB  1 
ATOM   878  C  CG  . TRP A 1 109 ? -6.711  7.149   15.381  1.00 38.37 ? 109 TRP A CG  1 
ATOM   879  C  CD1 . TRP A 1 109 ? -6.499  5.804   15.333  1.00 39.00 ? 109 TRP A CD1 1 
ATOM   880  C  CD2 . TRP A 1 109 ? -7.329  7.504   14.136  1.00 33.07 ? 109 TRP A CD2 1 
ATOM   881  N  NE1 . TRP A 1 109 ? -6.957  5.297   14.141  1.00 36.57 ? 109 TRP A NE1 1 
ATOM   882  C  CE2 . TRP A 1 109 ? -7.469  6.319   13.389  1.00 35.40 ? 109 TRP A CE2 1 
ATOM   883  C  CE3 . TRP A 1 109 ? -7.794  8.704   13.592  1.00 28.87 ? 109 TRP A CE3 1 
ATOM   884  C  CZ2 . TRP A 1 109 ? -8.045  6.300   12.122  1.00 35.73 ? 109 TRP A CZ2 1 
ATOM   885  C  CZ3 . TRP A 1 109 ? -8.363  8.684   12.335  1.00 36.38 ? 109 TRP A CZ3 1 
ATOM   886  C  CH2 . TRP A 1 109 ? -8.481  7.489   11.609  1.00 33.11 ? 109 TRP A CH2 1 
ATOM   887  N  N   . PRO A 1 110 ? -4.894  11.149  16.765  1.00 46.23 ? 110 PRO A N   1 
ATOM   888  C  CA  . PRO A 1 110 ? -4.731  12.328  17.624  1.00 52.80 ? 110 PRO A CA  1 
ATOM   889  C  C   . PRO A 1 110 ? -6.006  12.715  18.379  1.00 58.06 ? 110 PRO A C   1 
ATOM   890  O  O   . PRO A 1 110 ? -7.101  12.302  17.991  1.00 58.14 ? 110 PRO A O   1 
ATOM   891  C  CB  . PRO A 1 110 ? -4.350  13.425  16.630  1.00 49.79 ? 110 PRO A CB  1 
ATOM   892  C  CG  . PRO A 1 110 ? -5.052  13.021  15.368  1.00 46.48 ? 110 PRO A CG  1 
ATOM   893  C  CD  . PRO A 1 110 ? -4.999  11.512  15.339  1.00 40.55 ? 110 PRO A CD  1 
ATOM   894  N  N   . ASP A 1 111 ? -5.851  13.501  19.445  1.00 74.16 ? 111 ASP A N   1 
ATOM   895  C  CA  . ASP A 1 111 ? -6.982  14.126  20.133  1.00 79.41 ? 111 ASP A CA  1 
ATOM   896  C  C   . ASP A 1 111 ? -7.523  15.272  19.286  1.00 79.89 ? 111 ASP A C   1 
ATOM   897  O  O   . ASP A 1 111 ? -7.073  15.487  18.163  1.00 78.63 ? 111 ASP A O   1 
ATOM   898  C  CB  . ASP A 1 111 ? -6.571  14.639  21.521  1.00 70.24 ? 111 ASP A CB  1 
ATOM   899  C  CG  . ASP A 1 111 ? -6.014  13.538  22.409  1.00 88.05 ? 111 ASP A CG  1 
ATOM   900  O  OD1 . ASP A 1 111 ? -6.231  12.346  22.085  1.00 82.26 ? 111 ASP A OD1 1 
ATOM   901  O  OD2 . ASP A 1 111 ? -5.370  13.864  23.435  1.00 99.03 ? 111 ASP A OD2 1 
ATOM   902  N  N   . LYS A 1 112 ? -8.489  16.013  19.813  1.00 87.07 ? 112 LYS A N   1 
ATOM   903  C  CA  . LYS A 1 112 ? -8.963  17.200  19.108  1.00 89.85 ? 112 LYS A CA  1 
ATOM   904  C  C   . LYS A 1 112 ? -8.095  18.398  19.509  1.00 88.20 ? 112 LYS A C   1 
ATOM   905  O  O   . LYS A 1 112 ? -8.200  19.487  18.935  1.00 87.14 ? 112 LYS A O   1 
ATOM   906  C  CB  . LYS A 1 112 ? -10.446 17.461  19.404  1.00 92.62 ? 112 LYS A CB  1 
ATOM   907  C  CG  . LYS A 1 112 ? -11.188 18.247  18.308  1.00 94.56 ? 112 LYS A CG  1 
ATOM   908  C  CD  . LYS A 1 112 ? -12.493 17.554  17.893  1.00 86.42 ? 112 LYS A CD  1 
ATOM   909  C  CE  . LYS A 1 112 ? -13.308 18.409  16.926  1.00 73.27 ? 112 LYS A CE  1 
ATOM   910  N  NZ  . LYS A 1 112 ? -14.530 17.690  16.452  1.00 78.64 ? 112 LYS A NZ  1 
ATOM   911  N  N   . LYS A 1 113 ? -7.221  18.174  20.487  1.00 82.73 ? 113 LYS A N   1 
ATOM   912  C  CA  . LYS A 1 113 ? -6.300  19.204  20.951  1.00 82.64 ? 113 LYS A CA  1 
ATOM   913  C  C   . LYS A 1 113 ? -5.097  19.303  20.022  1.00 75.31 ? 113 LYS A C   1 
ATOM   914  O  O   . LYS A 1 113 ? -4.408  18.314  19.781  1.00 78.89 ? 113 LYS A O   1 
ATOM   915  C  CB  . LYS A 1 113 ? -5.846  18.918  22.390  1.00 84.79 ? 113 LYS A CB  1 
ATOM   916  C  CG  . LYS A 1 113 ? -6.940  19.119  23.440  1.00 85.28 ? 113 LYS A CG  1 
ATOM   917  C  CD  . LYS A 1 113 ? -6.424  18.914  24.857  1.00 73.49 ? 113 LYS A CD  1 
ATOM   918  C  CE  . LYS A 1 113 ? -6.866  20.053  25.782  1.00 87.05 ? 113 LYS A CE  1 
ATOM   919  N  NZ  . LYS A 1 113 ? -8.351  20.155  26.000  1.00 80.07 ? 113 LYS A NZ  1 
ATOM   920  N  N   . SER A 1 114 ? -4.828  20.487  19.535  1.00 65.30 ? 114 SER A N   1 
ATOM   921  C  CA  . SER A 1 114 ? -3.809  20.569  18.562  1.00 64.32 ? 114 SER A CA  1 
ATOM   922  C  C   . SER A 1 114 ? -2.585  20.242  19.349  1.00 65.71 ? 114 SER A C   1 
ATOM   923  O  O   . SER A 1 114 ? -2.211  20.934  20.242  1.00 77.09 ? 114 SER A O   1 
ATOM   924  C  CB  . SER A 1 114 ? -3.762  21.980  17.991  1.00 63.76 ? 114 SER A CB  1 
ATOM   925  O  OG  . SER A 1 114 ? -2.495  22.312  17.502  1.00 63.86 ? 114 SER A OG  1 
ATOM   926  N  N   . ASN A 1 115 ? -1.962  19.163  18.970  1.00 61.92 ? 115 ASN A N   1 
ATOM   927  C  CA  . ASN A 1 115 ? -0.649  18.753  19.447  1.00 60.67 ? 115 ASN A CA  1 
ATOM   928  C  C   . ASN A 1 115 ? 0.175   18.051  18.377  1.00 62.74 ? 115 ASN A C   1 
ATOM   929  O  O   . ASN A 1 115 ? -0.371  17.371  17.506  1.00 60.55 ? 115 ASN A O   1 
ATOM   930  C  CB  . ASN A 1 115 ? -0.793  17.832  20.656  1.00 62.75 ? 115 ASN A CB  1 
ATOM   931  C  CG  . ASN A 1 115 ? -1.227  18.576  21.899  1.00 78.52 ? 115 ASN A CG  1 
ATOM   932  O  OD1 . ASN A 1 115 ? -2.271  18.279  22.490  1.00 79.32 ? 115 ASN A OD1 1 
ATOM   933  N  ND2 . ASN A 1 115 ? -0.425  19.556  22.305  1.00 75.10 ? 115 ASN A ND2 1 
ATOM   934  N  N   . GLU A 1 116 ? 1.491   18.223  18.450  1.00 59.14 ? 116 GLU A N   1 
ATOM   935  C  CA  . GLU A 1 116 ? 2.418   17.433  17.644  1.00 57.86 ? 116 GLU A CA  1 
ATOM   936  C  C   . GLU A 1 116 ? 2.124   15.928  17.770  1.00 56.77 ? 116 GLU A C   1 
ATOM   937  O  O   . GLU A 1 116 ? 2.034   15.372  18.879  1.00 48.44 ? 116 GLU A O   1 
ATOM   938  C  CB  . GLU A 1 116 ? 3.869   17.733  18.056  1.00 53.82 ? 116 GLU A CB  1 
ATOM   939  C  CG  . GLU A 1 116 ? 4.891   16.694  17.606  1.00 50.21 ? 116 GLU A CG  1 
ATOM   940  C  CD  . GLU A 1 116 ? 5.701   17.131  16.378  1.00 62.68 ? 116 GLU A CD  1 
ATOM   941  O  OE1 . GLU A 1 116 ? 5.866   18.360  16.174  1.00 63.23 ? 116 GLU A OE1 1 
ATOM   942  O  OE2 . GLU A 1 116 ? 6.177   16.240  15.624  1.00 59.69 ? 116 GLU A OE2 1 
ATOM   943  N  N   . MET A 1 117 ? 1.951   15.274  16.626  1.00 54.59 ? 117 MET A N   1 
ATOM   944  C  CA  . MET A 1 117 ? 1.753   13.829  16.610  1.00 50.66 ? 117 MET A CA  1 
ATOM   945  C  C   . MET A 1 117 ? 3.080   13.127  16.871  1.00 50.24 ? 117 MET A C   1 
ATOM   946  O  O   . MET A 1 117 ? 4.101   13.492  16.283  1.00 56.66 ? 117 MET A O   1 
ATOM   947  C  CB  . MET A 1 117 ? 1.173   13.384  15.276  1.00 48.13 ? 117 MET A CB  1 
ATOM   948  C  CG  . MET A 1 117 ? -0.042  14.166  14.830  1.00 51.46 ? 117 MET A CG  1 
ATOM   949  S  SD  . MET A 1 117 ? -0.566  13.652  13.176  1.00 39.13 ? 117 MET A SD  1 
ATOM   950  C  CE  . MET A 1 117 ? -1.121  11.990  13.513  1.00 41.60 ? 117 MET A CE  1 
ATOM   951  N  N   . ILE A 1 118 ? 3.089   12.136  17.753  1.00 52.88 ? 118 ILE A N   1 
ATOM   952  C  CA  . ILE A 1 118 ? 4.353   11.462  18.050  1.00 55.46 ? 118 ILE A CA  1 
ATOM   953  C  C   . ILE A 1 118 ? 4.379   10.024  17.534  1.00 54.44 ? 118 ILE A C   1 
ATOM   954  O  O   . ILE A 1 118 ? 3.367   9.302   17.529  1.00 48.21 ? 118 ILE A O   1 
ATOM   955  C  CB  . ILE A 1 118 ? 4.685   11.452  19.568  1.00 61.20 ? 118 ILE A CB  1 
ATOM   956  C  CG1 . ILE A 1 118 ? 4.644   12.871  20.151  1.00 61.18 ? 118 ILE A CG1 1 
ATOM   957  C  CG2 . ILE A 1 118 ? 6.064   10.834  19.799  1.00 50.63 ? 118 ILE A CG2 1 
ATOM   958  C  CD1 . ILE A 1 118 ? 5.777   13.767  19.681  1.00 64.06 ? 118 ILE A CD1 1 
ATOM   959  N  N   . LYS A 1 119 ? 5.567   9.635   17.091  1.00 54.01 ? 119 LYS A N   1 
ATOM   960  C  CA  . LYS A 1 119 ? 5.804   8.341   16.491  1.00 51.35 ? 119 LYS A CA  1 
ATOM   961  C  C   . LYS A 1 119 ? 5.727   7.225   17.521  1.00 55.40 ? 119 LYS A C   1 
ATOM   962  O  O   . LYS A 1 119 ? 6.613   7.106   18.373  1.00 60.69 ? 119 LYS A O   1 
ATOM   963  C  CB  . LYS A 1 119 ? 7.176   8.332   15.818  1.00 45.98 ? 119 LYS A CB  1 
ATOM   964  C  CG  . LYS A 1 119 ? 7.487   9.605   15.049  1.00 45.45 ? 119 LYS A CG  1 
ATOM   965  C  CD  . LYS A 1 119 ? 8.918   9.582   14.523  1.00 56.28 ? 119 LYS A CD  1 
ATOM   966  C  CE  . LYS A 1 119 ? 9.359   10.940  13.974  1.00 58.18 ? 119 LYS A CE  1 
ATOM   967  N  NZ  . LYS A 1 119 ? 8.438   11.474  12.925  1.00 55.09 ? 119 LYS A NZ  1 
ATOM   968  N  N   . LYS A 1 120 ? 4.672   6.414   17.453  1.00 51.72 ? 120 LYS A N   1 
ATOM   969  C  CA  . LYS A 1 120 ? 4.636   5.159   18.202  1.00 47.50 ? 120 LYS A CA  1 
ATOM   970  C  C   . LYS A 1 120 ? 5.900   4.366   17.926  1.00 53.25 ? 120 LYS A C   1 
ATOM   971  O  O   . LYS A 1 120 ? 6.655   4.028   18.832  1.00 60.24 ? 120 LYS A O   1 
ATOM   972  C  CB  . LYS A 1 120 ? 3.425   4.312   17.825  1.00 44.26 ? 120 LYS A CB  1 
ATOM   973  C  CG  . LYS A 1 120 ? 2.124   4.734   18.459  1.00 59.27 ? 120 LYS A CG  1 
ATOM   974  C  CD  . LYS A 1 120 ? 1.180   3.532   18.600  1.00 65.05 ? 120 LYS A CD  1 
ATOM   975  C  CE  . LYS A 1 120 ? 1.413   2.759   19.902  1.00 64.65 ? 120 LYS A CE  1 
ATOM   976  N  NZ  . LYS A 1 120 ? 0.960   3.510   21.118  1.00 66.76 ? 120 LYS A NZ  1 
ATOM   977  N  N   . SER A 1 121 ? 6.122   4.085   16.648  1.00 55.86 ? 121 SER A N   1 
ATOM   978  C  CA  . SER A 1 121 ? 7.277   3.323   16.214  1.00 43.91 ? 121 SER A CA  1 
ATOM   979  C  C   . SER A 1 121 ? 7.498   3.491   14.719  1.00 45.16 ? 121 SER A C   1 
ATOM   980  O  O   . SER A 1 121 ? 6.740   4.190   14.031  1.00 42.90 ? 121 SER A O   1 
ATOM   981  C  CB  . SER A 1 121 ? 7.097   1.846   16.543  1.00 41.02 ? 121 SER A CB  1 
ATOM   982  O  OG  . SER A 1 121 ? 6.050   1.296   15.768  1.00 45.79 ? 121 SER A OG  1 
ATOM   983  N  N   . GLU A 1 122 ? 8.547   2.848   14.224  1.00 40.33 ? 122 GLU A N   1 
ATOM   984  C  CA  . GLU A 1 122 ? 8.816   2.809   12.798  1.00 41.84 ? 122 GLU A CA  1 
ATOM   985  C  C   . GLU A 1 122 ? 9.565   1.550   12.469  1.00 38.61 ? 122 GLU A C   1 
ATOM   986  O  O   . GLU A 1 122 ? 10.187  0.953   13.338  1.00 42.54 ? 122 GLU A O   1 
ATOM   987  C  CB  . GLU A 1 122 ? 9.620   4.026   12.348  1.00 45.07 ? 122 GLU A CB  1 
ATOM   988  C  CG  . GLU A 1 122 ? 10.974  4.122   12.986  1.00 44.68 ? 122 GLU A CG  1 
ATOM   989  C  CD  . GLU A 1 122 ? 11.813  5.213   12.370  1.00 49.64 ? 122 GLU A CD  1 
ATOM   990  O  OE1 . GLU A 1 122 ? 11.558  6.405   12.665  1.00 42.38 ? 122 GLU A OE1 1 
ATOM   991  O  OE2 . GLU A 1 122 ? 12.732  4.868   11.591  1.00 58.89 ? 122 GLU A OE2 1 
ATOM   992  N  N   . ARG A 1 123 ? 9.484   1.132   11.214  1.00 42.57 ? 123 ARG A N   1 
ATOM   993  C  CA  . ARG A 1 123 ? 10.237  -0.019  10.774  1.00 36.70 ? 123 ARG A CA  1 
ATOM   994  C  C   . ARG A 1 123 ? 10.741  0.158   9.350   1.00 44.71 ? 123 ARG A C   1 
ATOM   995  O  O   . ARG A 1 123 ? 10.172  0.912   8.553   1.00 42.55 ? 123 ARG A O   1 
ATOM   996  C  CB  . ARG A 1 123 ? 9.407   -1.299  10.907  1.00 39.39 ? 123 ARG A CB  1 
ATOM   997  C  CG  . ARG A 1 123 ? 8.156   -1.388  10.081  1.00 48.33 ? 123 ARG A CG  1 
ATOM   998  C  CD  . ARG A 1 123 ? 7.439   -2.717  10.359  1.00 47.02 ? 123 ARG A CD  1 
ATOM   999  N  NE  . ARG A 1 123 ? 8.110   -3.860  9.742   1.00 44.62 ? 123 ARG A NE  1 
ATOM   1000 C  CZ  . ARG A 1 123 ? 7.487   -4.814  9.047   1.00 59.27 ? 123 ARG A CZ  1 
ATOM   1001 N  NH1 . ARG A 1 123 ? 6.165   -4.762  8.878   1.00 57.03 ? 123 ARG A NH1 1 
ATOM   1002 N  NH2 . ARG A 1 123 ? 8.179   -5.825  8.516   1.00 51.03 ? 123 ARG A NH2 1 
ATOM   1003 N  N   . THR A 1 124 ? 11.849  -0.515  9.066   1.00 41.17 ? 124 THR A N   1 
ATOM   1004 C  CA  . THR A 1 124 ? 12.445  -0.502  7.749   1.00 44.84 ? 124 THR A CA  1 
ATOM   1005 C  C   . THR A 1 124 ? 11.958  -1.720  6.984   1.00 47.73 ? 124 THR A C   1 
ATOM   1006 O  O   . THR A 1 124 ? 12.291  -2.862  7.330   1.00 40.58 ? 124 THR A O   1 
ATOM   1007 C  CB  . THR A 1 124 ? 13.985  -0.507  7.821   1.00 54.73 ? 124 THR A CB  1 
ATOM   1008 O  OG1 . THR A 1 124 ? 14.435  0.564   8.665   1.00 64.06 ? 124 THR A OG1 1 
ATOM   1009 C  CG2 . THR A 1 124 ? 14.584  -0.348  6.429   1.00 49.11 ? 124 THR A CG2 1 
ATOM   1010 N  N   . LEU A 1 125 ? 11.143  -1.473  5.961   1.00 39.43 ? 125 LEU A N   1 
ATOM   1011 C  CA  . LEU A 1 125 ? 10.611  -2.546  5.134   1.00 44.36 ? 125 LEU A CA  1 
ATOM   1012 C  C   . LEU A 1 125 ? 11.613  -2.864  4.024   1.00 43.88 ? 125 LEU A C   1 
ATOM   1013 O  O   . LEU A 1 125 ? 12.147  -1.956  3.386   1.00 49.83 ? 125 LEU A O   1 
ATOM   1014 C  CB  . LEU A 1 125 ? 9.247   -2.157  4.546   1.00 38.74 ? 125 LEU A CB  1 
ATOM   1015 C  CG  . LEU A 1 125 ? 8.072   -1.929  5.500   1.00 40.33 ? 125 LEU A CG  1 
ATOM   1016 C  CD1 . LEU A 1 125 ? 6.857   -1.397  4.760   1.00 35.15 ? 125 LEU A CD1 1 
ATOM   1017 C  CD2 . LEU A 1 125 ? 7.705   -3.217  6.224   1.00 43.12 ? 125 LEU A CD2 1 
ATOM   1018 N  N   . ARG A 1 126 ? 11.879  -4.145  3.800   1.00 41.56 ? 126 ARG A N   1 
ATOM   1019 C  CA  . ARG A 1 126 ? 12.837  -4.542  2.769   1.00 45.75 ? 126 ARG A CA  1 
ATOM   1020 C  C   . ARG A 1 126 ? 12.184  -5.443  1.739   1.00 45.15 ? 126 ARG A C   1 
ATOM   1021 O  O   . ARG A 1 126 ? 11.044  -5.890  1.927   1.00 44.09 ? 126 ARG A O   1 
ATOM   1022 C  CB  . ARG A 1 126 ? 14.037  -5.237  3.408   1.00 53.69 ? 126 ARG A CB  1 
ATOM   1023 C  CG  . ARG A 1 126 ? 14.600  -4.437  4.575   1.00 56.25 ? 126 ARG A CG  1 
ATOM   1024 C  CD  . ARG A 1 126 ? 15.698  -5.166  5.326   1.00 61.48 ? 126 ARG A CD  1 
ATOM   1025 N  NE  . ARG A 1 126 ? 16.262  -4.302  6.361   1.00 60.91 ? 126 ARG A NE  1 
ATOM   1026 C  CZ  . ARG A 1 126 ? 16.824  -3.123  6.110   1.00 53.47 ? 126 ARG A CZ  1 
ATOM   1027 N  NH1 . ARG A 1 126 ? 16.895  -2.682  4.857   1.00 48.46 ? 126 ARG A NH1 1 
ATOM   1028 N  NH2 . ARG A 1 126 ? 17.315  -2.393  7.105   1.00 51.31 ? 126 ARG A NH2 1 
ATOM   1029 N  N   . GLU A 1 127 ? 12.909  -5.721  0.660   1.00 44.13 ? 127 GLU A N   1 
ATOM   1030 C  CA  . GLU A 1 127 ? 12.316  -6.366  -0.503  1.00 42.69 ? 127 GLU A CA  1 
ATOM   1031 C  C   . GLU A 1 127 ? 11.564  -7.635  -0.131  1.00 44.19 ? 127 GLU A C   1 
ATOM   1032 O  O   . GLU A 1 127 ? 12.061  -8.469  0.627   1.00 34.65 ? 127 GLU A O   1 
ATOM   1033 C  CB  . GLU A 1 127 ? 13.376  -6.683  -1.553  1.00 47.34 ? 127 GLU A CB  1 
ATOM   1034 C  CG  . GLU A 1 127 ? 14.028  -5.449  -2.150  1.00 48.75 ? 127 GLU A CG  1 
ATOM   1035 C  CD  . GLU A 1 127 ? 14.874  -5.782  -3.370  1.00 64.55 ? 127 GLU A CD  1 
ATOM   1036 O  OE1 . GLU A 1 127 ? 14.936  -6.986  -3.740  1.00 59.23 ? 127 GLU A OE1 1 
ATOM   1037 O  OE2 . GLU A 1 127 ? 15.469  -4.839  -3.956  1.00 59.16 ? 127 GLU A OE2 1 
ATOM   1038 N  N   . ASN A 1 128 ? 10.341  -7.723  -0.655  1.00 37.20 ? 128 ASN A N   1 
ATOM   1039 C  CA  . ASN A 1 128 ? 9.457   -8.871  -0.509  1.00 36.41 ? 128 ASN A CA  1 
ATOM   1040 C  C   . ASN A 1 128 ? 8.756   -8.955  0.847   1.00 30.93 ? 128 ASN A C   1 
ATOM   1041 O  O   . ASN A 1 128 ? 7.849   -9.767  1.024   1.00 35.64 ? 128 ASN A O   1 
ATOM   1042 C  CB  . ASN A 1 128 ? 10.222  -10.153 -0.803  1.00 37.11 ? 128 ASN A CB  1 
ATOM   1043 C  CG  . ASN A 1 128 ? 10.310  -10.442 -2.292  1.00 36.53 ? 128 ASN A CG  1 
ATOM   1044 O  OD1 . ASN A 1 128 ? 9.292   -10.499 -2.985  1.00 34.73 ? 128 ASN A OD1 1 
ATOM   1045 N  ND2 . ASN A 1 128 ? 11.529  -10.614 -2.797  1.00 37.89 ? 128 ASN A ND2 1 
ATOM   1046 N  N   . GLN A 1 129 ? 9.137   -8.089  1.781   1.00 35.02 ? 129 GLN A N   1 
ATOM   1047 C  CA  . GLN A 1 129 ? 8.477   -8.048  3.091   1.00 43.43 ? 129 GLN A CA  1 
ATOM   1048 C  C   . GLN A 1 129 ? 7.078   -7.447  2.984   1.00 42.21 ? 129 GLN A C   1 
ATOM   1049 O  O   . GLN A 1 129 ? 6.793   -6.696  2.052   1.00 38.82 ? 129 GLN A O   1 
ATOM   1050 C  CB  . GLN A 1 129 ? 9.312   -7.252  4.092   1.00 40.88 ? 129 GLN A CB  1 
ATOM   1051 C  CG  . GLN A 1 129 ? 10.705  -7.823  4.305   1.00 49.24 ? 129 GLN A CG  1 
ATOM   1052 C  CD  . GLN A 1 129 ? 11.529  -6.993  5.277   1.00 56.06 ? 129 GLN A CD  1 
ATOM   1053 O  OE1 . GLN A 1 129 ? 11.186  -5.843  5.581   1.00 54.77 ? 129 GLN A OE1 1 
ATOM   1054 N  NE2 . GLN A 1 129 ? 12.623  -7.572  5.767   1.00 57.48 ? 129 GLN A NE2 1 
ATOM   1055 N  N   . CYS A 1 130 ? 6.208   -7.777  3.934   1.00 39.63 ? 130 CYS A N   1 
ATOM   1056 C  CA  A CYS A 1 130 ? 4.848   -7.264  3.903   0.57 39.58 ? 130 CYS A CA  1 
ATOM   1057 C  CA  B CYS A 1 130 ? 4.870   -7.294  3.995   0.43 39.68 ? 130 CYS A CA  1 
ATOM   1058 C  C   . CYS A 1 130 ? 4.379   -6.657  5.204   1.00 42.87 ? 130 CYS A C   1 
ATOM   1059 O  O   . CYS A 1 130 ? 4.550   -7.243  6.268   1.00 54.25 ? 130 CYS A O   1 
ATOM   1060 C  CB  A CYS A 1 130 ? 3.882   -8.360  3.509   0.57 41.60 ? 130 CYS A CB  1 
ATOM   1061 C  CB  B CYS A 1 130 ? 3.904   -8.390  3.602   0.43 41.57 ? 130 CYS A CB  1 
ATOM   1062 S  SG  A CYS A 1 130 ? 4.212   -8.940  1.877   0.57 41.33 ? 130 CYS A SG  1 
ATOM   1063 S  SG  B CYS A 1 130 ? 2.245   -7.796  3.586   0.43 47.09 ? 130 CYS A SG  1 
ATOM   1064 N  N   . ALA A 1 131 ? 3.769   -5.480  5.104   1.00 37.88 ? 131 ALA A N   1 
ATOM   1065 C  CA  . ALA A 1 131 ? 3.177   -4.831  6.267   1.00 42.54 ? 131 ALA A CA  1 
ATOM   1066 C  C   . ALA A 1 131 ? 1.674   -4.731  6.078   1.00 40.05 ? 131 ALA A C   1 
ATOM   1067 O  O   . ALA A 1 131 ? 1.175   -4.625  4.951   1.00 35.03 ? 131 ALA A O   1 
ATOM   1068 C  CB  . ALA A 1 131 ? 3.788   -3.439  6.506   1.00 36.46 ? 131 ALA A CB  1 
ATOM   1069 N  N   . TYR A 1 132 ? 0.964   -4.775  7.197   1.00 32.99 ? 132 TYR A N   1 
ATOM   1070 C  CA  . TYR A 1 132 ? -0.474  -4.629  7.214   1.00 31.94 ? 132 TYR A CA  1 
ATOM   1071 C  C   . TYR A 1 132 ? -0.846  -3.451  8.094   1.00 33.81 ? 132 TYR A C   1 
ATOM   1072 O  O   . TYR A 1 132 ? -0.254  -3.260  9.159   1.00 36.82 ? 132 TYR A O   1 
ATOM   1073 C  CB  . TYR A 1 132 ? -1.131  -5.909  7.736   1.00 32.00 ? 132 TYR A CB  1 
ATOM   1074 C  CG  . TYR A 1 132 ? -2.621  -5.776  7.976   1.00 32.28 ? 132 TYR A CG  1 
ATOM   1075 C  CD1 . TYR A 1 132 ? -3.534  -5.917  6.935   1.00 35.50 ? 132 TYR A CD1 1 
ATOM   1076 C  CD2 . TYR A 1 132 ? -3.117  -5.498  9.241   1.00 37.46 ? 132 TYR A CD2 1 
ATOM   1077 C  CE1 . TYR A 1 132 ? -4.910  -5.792  7.157   1.00 35.41 ? 132 TYR A CE1 1 
ATOM   1078 C  CE2 . TYR A 1 132 ? -4.484  -5.372  9.469   1.00 38.04 ? 132 TYR A CE2 1 
ATOM   1079 C  CZ  . TYR A 1 132 ? -5.367  -5.520  8.426   1.00 31.11 ? 132 TYR A CZ  1 
ATOM   1080 O  OH  . TYR A 1 132 ? -6.702  -5.400  8.657   1.00 32.20 ? 132 TYR A OH  1 
ATOM   1081 N  N   . ILE A 1 133 ? -1.824  -2.655  7.678   1.00 33.99 ? 133 ILE A N   1 
ATOM   1082 C  CA  . ILE A 1 133 ? -2.372  -1.680  8.608   1.00 37.33 ? 133 ILE A CA  1 
ATOM   1083 C  C   . ILE A 1 133 ? -3.871  -1.480  8.413   1.00 31.99 ? 133 ILE A C   1 
ATOM   1084 O  O   . ILE A 1 133 ? -4.394  -1.684  7.322   1.00 27.73 ? 133 ILE A O   1 
ATOM   1085 C  CB  . ILE A 1 133 ? -1.647  -0.318  8.506   1.00 32.35 ? 133 ILE A CB  1 
ATOM   1086 C  CG1 . ILE A 1 133 ? -1.924  0.500   9.784   1.00 37.27 ? 133 ILE A CG1 1 
ATOM   1087 C  CG2 . ILE A 1 133 ? -2.065  0.416   7.248   1.00 30.80 ? 133 ILE A CG2 1 
ATOM   1088 C  CD1 . ILE A 1 133 ? -1.196  1.856   9.897   1.00 30.99 ? 133 ILE A CD1 1 
ATOM   1089 N  N   . ASN A 1 134 ? -4.555  -1.129  9.502   1.00 35.95 ? 134 ASN A N   1 
ATOM   1090 C  CA  . ASN A 1 134 ? -5.939  -0.659  9.464   1.00 39.06 ? 134 ASN A CA  1 
ATOM   1091 C  C   . ASN A 1 134 ? -6.140  0.422   10.526  1.00 35.58 ? 134 ASN A C   1 
ATOM   1092 O  O   . ASN A 1 134 ? -5.282  0.587   11.397  1.00 35.47 ? 134 ASN A O   1 
ATOM   1093 C  CB  . ASN A 1 134 ? -6.931  -1.816  9.656   1.00 42.92 ? 134 ASN A CB  1 
ATOM   1094 C  CG  . ASN A 1 134 ? -6.839  -2.456  11.026  1.00 43.47 ? 134 ASN A CG  1 
ATOM   1095 O  OD1 . ASN A 1 134 ? -6.672  -1.778  12.037  1.00 42.35 ? 134 ASN A OD1 1 
ATOM   1096 N  ND2 . ASN A 1 134 ? -6.950  -3.780  11.063  1.00 47.29 ? 134 ASN A ND2 1 
ATOM   1097 N  N   . ASP A 1 135 ? -7.258  1.150   10.458  1.00 34.56 ? 135 ASP A N   1 
ATOM   1098 C  CA  . ASP A 1 135 ? -7.504  2.259   11.388  1.00 36.09 ? 135 ASP A CA  1 
ATOM   1099 C  C   . ASP A 1 135 ? -7.589  1.812   12.849  1.00 36.76 ? 135 ASP A C   1 
ATOM   1100 O  O   . ASP A 1 135 ? -7.295  2.579   13.762  1.00 38.26 ? 135 ASP A O   1 
ATOM   1101 C  CB  . ASP A 1 135 ? -8.780  3.006   11.016  1.00 32.93 ? 135 ASP A CB  1 
ATOM   1102 C  CG  . ASP A 1 135 ? -8.676  3.690   9.680   1.00 36.30 ? 135 ASP A CG  1 
ATOM   1103 O  OD1 . ASP A 1 135 ? -7.539  3.797   9.159   1.00 35.24 ? 135 ASP A OD1 1 
ATOM   1104 O  OD2 . ASP A 1 135 ? -9.733  4.110   9.157   1.00 32.76 ? 135 ASP A OD2 1 
ATOM   1105 N  N   . SER A 1 136 ? -7.941  0.580   13.060  1.00 35.37 ? 136 SER A N   1 
ATOM   1106 C  CA  . SER A 1 136 ? -7.988  0.030   14.378  1.00 35.32 ? 136 SER A CA  1 
ATOM   1107 C  C   . SER A 1 136 ? -6.595  -0.011  14.962  1.00 42.65 ? 136 SER A C   1 
ATOM   1108 O  O   . SER A 1 136 ? -6.412  0.068   16.137  1.00 42.74 ? 136 SER A O   1 
ATOM   1109 C  CB  . SER A 1 136 ? -8.671  -1.322  14.343  1.00 35.49 ? 136 SER A CB  1 
ATOM   1110 O  OG  . SER A 1 136 ? -8.200  -2.194  15.306  1.00 44.83 ? 136 SER A OG  1 
ATOM   1111 N  N   . ILE A 1 137 ? -5.636  -0.198  14.118  1.00 41.11 ? 137 ILE A N   1 
ATOM   1112 C  CA  . ILE A 1 137 ? -4.236  -0.265  14.525  1.00 40.01 ? 137 ILE A CA  1 
ATOM   1113 C  C   . ILE A 1 137 ? -3.662  1.123   14.740  1.00 41.46 ? 137 ILE A C   1 
ATOM   1114 O  O   . ILE A 1 137 ? -2.946  1.366   15.708  1.00 40.50 ? 137 ILE A O   1 
ATOM   1115 C  CB  . ILE A 1 137 ? -3.357  -0.985  13.483  1.00 40.42 ? 137 ILE A CB  1 
ATOM   1116 C  CG1 . ILE A 1 137 ? -3.712  -2.472  13.400  1.00 46.34 ? 137 ILE A CG1 1 
ATOM   1117 C  CG2 . ILE A 1 137 ? -1.880  -0.789  13.823  1.00 39.75 ? 137 ILE A CG2 1 
ATOM   1118 C  CD1 . ILE A 1 137 ? -2.921  -3.248  12.349  1.00 42.41 ? 137 ILE A CD1 1 
ATOM   1119 N  N   . GLY A 1 138 ? -3.966  2.027   13.817  1.00 39.85 ? 138 GLY A N   1 
ATOM   1120 C  CA  . GLY A 1 138 ? -3.438  3.374   13.875  1.00 39.74 ? 138 GLY A CA  1 
ATOM   1121 C  C   . GLY A 1 138 ? -3.260  3.964   12.492  1.00 35.59 ? 138 GLY A C   1 
ATOM   1122 O  O   . GLY A 1 138 ? -3.795  3.442   11.519  1.00 37.19 ? 138 GLY A O   1 
ATOM   1123 N  N   . LEU A 1 139 ? -2.501  5.055   12.424  1.00 35.79 ? 139 LEU A N   1 
ATOM   1124 C  CA  . LEU A 1 139 ? -2.173  5.756   11.181  1.00 33.03 ? 139 LEU A CA  1 
ATOM   1125 C  C   . LEU A 1 139 ? -0.720  5.485   10.801  1.00 35.76 ? 139 LEU A C   1 
ATOM   1126 O  O   . LEU A 1 139 ? 0.060   5.044   11.646  1.00 33.54 ? 139 LEU A O   1 
ATOM   1127 C  CB  . LEU A 1 139 ? -2.373  7.256   11.343  1.00 29.41 ? 139 LEU A CB  1 
ATOM   1128 C  CG  . LEU A 1 139 ? -3.643  7.739   12.013  1.00 33.73 ? 139 LEU A CG  1 
ATOM   1129 C  CD1 . LEU A 1 139 ? -3.423  9.149   12.590  1.00 28.02 ? 139 LEU A CD1 1 
ATOM   1130 C  CD2 . LEU A 1 139 ? -4.810  7.689   11.021  1.00 30.52 ? 139 LEU A CD2 1 
ATOM   1131 N  N   . HIS A 1 140 ? -0.357  5.761   9.579   1.00 30.52 ? 140 HIS A N   1 
ATOM   1132 C  CA  . HIS A 1 140 ? 1.047   5.630   9.220   1.00 30.47 ? 140 HIS A CA  1 
ATOM   1133 C  C   . HIS A 1 140 ? 1.477   6.470   8.016   1.00 31.76 ? 140 HIS A C   1 
ATOM   1134 O  O   . HIS A 1 140 ? 0.662   6.926   7.217   1.00 31.58 ? 140 HIS A O   1 
ATOM   1135 C  CB  . HIS A 1 140 ? 1.394   4.128   9.019   1.00 35.22 ? 140 HIS A CB  1 
ATOM   1136 C  CG  . HIS A 1 140 ? 1.105   3.571   7.655   1.00 32.31 ? 140 HIS A CG  1 
ATOM   1137 N  ND1 . HIS A 1 140 ? 1.562   2.328   7.259   1.00 35.06 ? 140 HIS A ND1 1 
ATOM   1138 C  CD2 . HIS A 1 140 ? 0.399   4.056   6.602   1.00 30.56 ? 140 HIS A CD2 1 
ATOM   1139 C  CE1 . HIS A 1 140 ? 1.161   2.079   6.032   1.00 27.34 ? 140 HIS A CE1 1 
ATOM   1140 N  NE2 . HIS A 1 140 ? 0.462   3.113   5.602   1.00 29.49 ? 140 HIS A NE2 1 
ATOM   1141 N  N   . ARG A 1 141 ? 2.788   6.734   7.930   1.00 36.48 ? 141 ARG A N   1 
ATOM   1142 C  CA  . ARG A 1 141 ? 3.394   7.363   6.767   1.00 36.66 ? 141 ARG A CA  1 
ATOM   1143 C  C   . ARG A 1 141 ? 4.273   6.314   6.126   1.00 30.12 ? 141 ARG A C   1 
ATOM   1144 O  O   . ARG A 1 141 ? 4.864   5.505   6.833   1.00 34.69 ? 141 ARG A O   1 
ATOM   1145 C  CB  . ARG A 1 141 ? 4.224   8.595   7.158   1.00 35.96 ? 141 ARG A CB  1 
ATOM   1146 C  CG  . ARG A 1 141 ? 4.538   9.518   5.994   1.00 41.62 ? 141 ARG A CG  1 
ATOM   1147 C  CD  . ARG A 1 141 ? 5.744   10.428  6.268   1.00 46.48 ? 141 ARG A CD  1 
ATOM   1148 N  NE  . ARG A 1 141 ? 5.609   11.246  7.476   1.00 49.78 ? 141 ARG A NE  1 
ATOM   1149 C  CZ  . ARG A 1 141 ? 4.982   12.425  7.536   1.00 53.54 ? 141 ARG A CZ  1 
ATOM   1150 N  NH1 . ARG A 1 141 ? 4.397   12.947  6.458   1.00 46.78 ? 141 ARG A NH1 1 
ATOM   1151 N  NH2 . ARG A 1 141 ? 4.934   13.086  8.687   1.00 48.07 ? 141 ARG A NH2 1 
ATOM   1152 N  N   . VAL A 1 142 ? 4.355   6.307   4.799   1.00 36.97 ? 142 VAL A N   1 
ATOM   1153 C  CA  . VAL A 1 142 ? 5.306   5.440   4.105   1.00 31.07 ? 142 VAL A CA  1 
ATOM   1154 C  C   . VAL A 1 142 ? 6.250   6.332   3.292   1.00 36.82 ? 142 VAL A C   1 
ATOM   1155 O  O   . VAL A 1 142 ? 5.799   7.257   2.603   1.00 34.27 ? 142 VAL A O   1 
ATOM   1156 C  CB  . VAL A 1 142 ? 4.599   4.408   3.189   1.00 29.92 ? 142 VAL A CB  1 
ATOM   1157 C  CG1 . VAL A 1 142 ? 5.620   3.638   2.357   1.00 30.12 ? 142 VAL A CG1 1 
ATOM   1158 C  CG2 . VAL A 1 142 ? 3.753   3.449   4.012   1.00 26.31 ? 142 VAL A CG2 1 
ATOM   1159 N  N   . GLU A 1 143 ? 7.555   6.070   3.387   1.00 31.66 ? 143 GLU A N   1 
ATOM   1160 C  CA  . GLU A 1 143 ? 8.557   6.932   2.749   1.00 32.89 ? 143 GLU A CA  1 
ATOM   1161 C  C   . GLU A 1 143 ? 9.689   6.147   2.127   1.00 32.37 ? 143 GLU A C   1 
ATOM   1162 O  O   . GLU A 1 143 ? 10.114  5.122   2.652   1.00 34.43 ? 143 GLU A O   1 
ATOM   1163 C  CB  . GLU A 1 143 ? 9.163   7.912   3.753   1.00 36.85 ? 143 GLU A CB  1 
ATOM   1164 C  CG  . GLU A 1 143 ? 8.223   8.994   4.246   1.00 44.62 ? 143 GLU A CG  1 
ATOM   1165 C  CD  . GLU A 1 143 ? 8.840   9.815   5.366   1.00 49.55 ? 143 GLU A CD  1 
ATOM   1166 O  OE1 . GLU A 1 143 ? 9.257   9.203   6.380   1.00 36.32 ? 143 GLU A OE1 1 
ATOM   1167 O  OE2 . GLU A 1 143 ? 8.910   11.066  5.224   1.00 59.59 ? 143 GLU A OE2 1 
ATOM   1168 N  N   . ASN A 1 144 ? 10.179  6.647   1.005   1.00 31.75 ? 144 ASN A N   1 
ATOM   1169 C  CA  . ASN A 1 144 ? 11.441  6.189   0.459   1.00 30.76 ? 144 ASN A CA  1 
ATOM   1170 C  C   . ASN A 1 144 ? 12.517  7.212   0.806   1.00 32.66 ? 144 ASN A C   1 
ATOM   1171 O  O   . ASN A 1 144 ? 12.632  8.250   0.151   1.00 32.42 ? 144 ASN A O   1 
ATOM   1172 C  CB  . ASN A 1 144 ? 11.336  5.997   -1.048  1.00 24.95 ? 144 ASN A CB  1 
ATOM   1173 C  CG  . ASN A 1 144 ? 12.636  5.540   -1.663  1.00 34.84 ? 144 ASN A CG  1 
ATOM   1174 O  OD1 . ASN A 1 144 ? 13.548  5.056   -0.962  1.00 31.53 ? 144 ASN A OD1 1 
ATOM   1175 N  ND2 . ASN A 1 144 ? 12.739  5.692   -2.989  1.00 29.91 ? 144 ASN A ND2 1 
ATOM   1176 N  N   . VAL A 1 145 ? 13.282  6.931   1.854   1.00 31.44 ? 145 VAL A N   1 
ATOM   1177 C  CA  . VAL A 1 145 ? 14.267  7.890   2.351   1.00 34.65 ? 145 VAL A CA  1 
ATOM   1178 C  C   . VAL A 1 145 ? 15.584  7.782   1.565   1.00 28.60 ? 145 VAL A C   1 
ATOM   1179 O  O   . VAL A 1 145 ? 16.481  8.597   1.717   1.00 33.57 ? 145 VAL A O   1 
ATOM   1180 C  CB  . VAL A 1 145 ? 14.546  7.696   3.883   1.00 34.51 ? 145 VAL A CB  1 
ATOM   1181 C  CG1 . VAL A 1 145 ? 13.267  7.919   4.717   1.00 25.53 ? 145 VAL A CG1 1 
ATOM   1182 C  CG2 . VAL A 1 145 ? 15.166  6.324   4.168   1.00 23.45 ? 145 VAL A CG2 1 
ATOM   1183 N  N   . SER A 1 146 ? 15.684  6.780   0.712   1.00 28.54 ? 146 SER A N   1 
ATOM   1184 C  CA  . SER A 1 146 ? 16.859  6.624   -0.126  1.00 33.63 ? 146 SER A CA  1 
ATOM   1185 C  C   . SER A 1 146 ? 17.143  7.856   -0.990  1.00 36.49 ? 146 SER A C   1 
ATOM   1186 O  O   . SER A 1 146 ? 16.224  8.525   -1.478  1.00 33.71 ? 146 SER A O   1 
ATOM   1187 C  CB  . SER A 1 146 ? 16.713  5.403   -1.034  1.00 28.24 ? 146 SER A CB  1 
ATOM   1188 O  OG  . SER A 1 146 ? 17.823  5.330   -1.915  1.00 30.26 ? 146 SER A OG  1 
ATOM   1189 N  N   . HIS A 1 147 ? 18.427  8.133   -1.183  1.00 33.16 ? 147 HIS A N   1 
ATOM   1190 C  CA  . HIS A 1 147 ? 18.864  9.190   -2.084  1.00 32.96 ? 147 HIS A CA  1 
ATOM   1191 C  C   . HIS A 1 147 ? 19.273  8.592   -3.431  1.00 34.04 ? 147 HIS A C   1 
ATOM   1192 O  O   . HIS A 1 147 ? 19.609  9.317   -4.363  1.00 37.31 ? 147 HIS A O   1 
ATOM   1193 C  CB  . HIS A 1 147 ? 20.051  9.974   -1.491  1.00 29.09 ? 147 HIS A CB  1 
ATOM   1194 C  CG  . HIS A 1 147 ? 19.705  10.827  -0.302  1.00 36.92 ? 147 HIS A CG  1 
ATOM   1195 N  ND1 . HIS A 1 147 ? 19.693  12.206  -0.354  1.00 34.42 ? 147 HIS A ND1 1 
ATOM   1196 C  CD2 . HIS A 1 147 ? 19.391  10.496  0.976   1.00 31.95 ? 147 HIS A CD2 1 
ATOM   1197 C  CE1 . HIS A 1 147 ? 19.367  12.687  0.832   1.00 32.45 ? 147 HIS A CE1 1 
ATOM   1198 N  NE2 . HIS A 1 147 ? 19.175  11.670  1.654   1.00 34.44 ? 147 HIS A NE2 1 
ATOM   1199 N  N   . THR A 1 148 ? 19.269  7.266   -3.542  1.00 36.83 ? 148 THR A N   1 
ATOM   1200 C  CA  . THR A 1 148 ? 19.900  6.641   -4.711  1.00 38.28 ? 148 THR A CA  1 
ATOM   1201 C  C   . THR A 1 148 ? 19.034  5.599   -5.422  1.00 36.10 ? 148 THR A C   1 
ATOM   1202 O  O   . THR A 1 148 ? 19.219  5.335   -6.611  1.00 44.50 ? 148 THR A O   1 
ATOM   1203 C  CB  . THR A 1 148 ? 21.258  5.975   -4.325  1.00 37.46 ? 148 THR A CB  1 
ATOM   1204 O  OG1 . THR A 1 148 ? 21.113  5.201   -3.123  1.00 39.47 ? 148 THR A OG1 1 
ATOM   1205 C  CG2 . THR A 1 148 ? 22.326  7.035   -4.101  1.00 35.71 ? 148 THR A CG2 1 
ATOM   1206 N  N   . GLU A 1 149 ? 18.088  5.013   -4.703  1.00 35.23 ? 149 GLU A N   1 
ATOM   1207 C  CA  . GLU A 1 149 ? 17.290  3.928   -5.262  1.00 38.79 ? 149 GLU A CA  1 
ATOM   1208 C  C   . GLU A 1 149 ? 15.800  4.218   -5.196  1.00 38.83 ? 149 GLU A C   1 
ATOM   1209 O  O   . GLU A 1 149 ? 15.248  4.455   -4.122  1.00 39.61 ? 149 GLU A O   1 
ATOM   1210 C  CB  . GLU A 1 149 ? 17.591  2.616   -4.531  1.00 41.05 ? 149 GLU A CB  1 
ATOM   1211 C  CG  . GLU A 1 149 ? 19.040  2.161   -4.656  1.00 46.99 ? 149 GLU A CG  1 
ATOM   1212 C  CD  . GLU A 1 149 ? 19.440  1.909   -6.097  1.00 51.42 ? 149 GLU A CD  1 
ATOM   1213 O  OE1 . GLU A 1 149 ? 18.605  1.349   -6.848  1.00 48.39 ? 149 GLU A OE1 1 
ATOM   1214 O  OE2 . GLU A 1 149 ? 20.577  2.284   -6.479  1.00 55.34 ? 149 GLU A OE2 1 
ATOM   1215 N  N   . PRO A 1 150 ? 15.140  4.186   -6.350  1.00 34.33 ? 150 PRO A N   1 
ATOM   1216 C  CA  . PRO A 1 150 ? 13.678  4.260   -6.417  1.00 31.45 ? 150 PRO A CA  1 
ATOM   1217 C  C   . PRO A 1 150 ? 13.085  3.079   -5.667  1.00 34.62 ? 150 PRO A C   1 
ATOM   1218 O  O   . PRO A 1 150 ? 13.769  2.065   -5.528  1.00 37.18 ? 150 PRO A O   1 
ATOM   1219 C  CB  . PRO A 1 150 ? 13.383  4.167   -7.920  1.00 33.99 ? 150 PRO A CB  1 
ATOM   1220 C  CG  . PRO A 1 150 ? 14.695  4.441   -8.593  1.00 42.47 ? 150 PRO A CG  1 
ATOM   1221 C  CD  . PRO A 1 150 ? 15.740  3.916   -7.661  1.00 38.78 ? 150 PRO A CD  1 
ATOM   1222 N  N   . ALA A 1 151 ? 11.858  3.196   -5.175  1.00 30.01 ? 151 ALA A N   1 
ATOM   1223 C  CA  . ALA A 1 151 ? 11.231  2.069   -4.502  1.00 28.93 ? 151 ALA A CA  1 
ATOM   1224 C  C   . ALA A 1 151 ? 9.933   1.719   -5.207  1.00 32.24 ? 151 ALA A C   1 
ATOM   1225 O  O   . ALA A 1 151 ? 9.265   2.600   -5.757  1.00 25.89 ? 151 ALA A O   1 
ATOM   1226 C  CB  . ALA A 1 151 ? 10.979  2.375   -3.017  1.00 24.58 ? 151 ALA A CB  1 
ATOM   1227 N  N   . VAL A 1 152 ? 9.598   0.426   -5.194  1.00 28.82 ? 152 VAL A N   1 
ATOM   1228 C  CA  . VAL A 1 152 ? 8.365   -0.077  -5.783  1.00 28.04 ? 152 VAL A CA  1 
ATOM   1229 C  C   . VAL A 1 152 ? 7.686   -1.030  -4.802  1.00 28.69 ? 152 VAL A C   1 
ATOM   1230 O  O   . VAL A 1 152 ? 8.327   -1.949  -4.277  1.00 26.12 ? 152 VAL A O   1 
ATOM   1231 C  CB  . VAL A 1 152 ? 8.607   -0.825  -7.132  1.00 28.56 ? 152 VAL A CB  1 
ATOM   1232 C  CG1 . VAL A 1 152 ? 7.308   -1.348  -7.662  1.00 21.22 ? 152 VAL A CG1 1 
ATOM   1233 C  CG2 . VAL A 1 152 ? 9.246   0.102   -8.167  1.00 25.75 ? 152 VAL A CG2 1 
ATOM   1234 N  N   . SER A 1 153 ? 6.397   -0.802  -4.552  1.00 21.99 ? 153 SER A N   1 
ATOM   1235 C  CA  . SER A 1 153 ? 5.639   -1.664  -3.674  1.00 24.50 ? 153 SER A CA  1 
ATOM   1236 C  C   . SER A 1 153 ? 4.290   -2.072  -4.271  1.00 28.78 ? 153 SER A C   1 
ATOM   1237 O  O   . SER A 1 153 ? 3.706   -1.378  -5.121  1.00 24.73 ? 153 SER A O   1 
ATOM   1238 C  CB  . SER A 1 153 ? 5.422   -0.984  -2.318  1.00 28.47 ? 153 SER A CB  1 
ATOM   1239 O  OG  . SER A 1 153 ? 4.778   0.274   -2.457  1.00 26.69 ? 153 SER A OG  1 
ATOM   1240 N  N   . LEU A 1 154 ? 3.817   -3.222  -3.810  1.00 25.32 ? 154 LEU A N   1 
ATOM   1241 C  CA  . LEU A 1 154 ? 2.493   -3.723  -4.136  1.00 27.13 ? 154 LEU A CA  1 
ATOM   1242 C  C   . LEU A 1 154 ? 1.544   -3.475  -2.947  1.00 27.89 ? 154 LEU A C   1 
ATOM   1243 O  O   . LEU A 1 154 ? 1.881   -3.783  -1.788  1.00 28.01 ? 154 LEU A O   1 
ATOM   1244 C  CB  . LEU A 1 154 ? 2.568   -5.211  -4.466  1.00 23.36 ? 154 LEU A CB  1 
ATOM   1245 C  CG  . LEU A 1 154 ? 1.293   -5.875  -4.947  1.00 26.42 ? 154 LEU A CG  1 
ATOM   1246 C  CD1 . LEU A 1 154 ? 0.948   -5.397  -6.361  1.00 24.54 ? 154 LEU A CD1 1 
ATOM   1247 C  CD2 . LEU A 1 154 ? 1.508   -7.370  -4.906  1.00 29.65 ? 154 LEU A CD2 1 
ATOM   1248 N  N   . HIS A 1 155 ? 0.376   -2.915  -3.243  1.00 22.30 ? 155 HIS A N   1 
ATOM   1249 C  CA  . HIS A 1 155 ? -0.633  -2.570  -2.241  1.00 25.43 ? 155 HIS A CA  1 
ATOM   1250 C  C   . HIS A 1 155 ? -2.007  -3.157  -2.589  1.00 24.35 ? 155 HIS A C   1 
ATOM   1251 O  O   . HIS A 1 155 ? -2.434  -3.152  -3.754  1.00 23.13 ? 155 HIS A O   1 
ATOM   1252 C  CB  . HIS A 1 155 ? -0.753  -1.049  -2.099  1.00 24.74 ? 155 HIS A CB  1 
ATOM   1253 C  CG  . HIS A 1 155 ? 0.489   -0.383  -1.583  1.00 27.72 ? 155 HIS A CG  1 
ATOM   1254 N  ND1 . HIS A 1 155 ? 0.483   0.449   -0.482  1.00 26.06 ? 155 HIS A ND1 1 
ATOM   1255 C  CD2 . HIS A 1 155 ? 1.772   -0.417  -2.022  1.00 26.27 ? 155 HIS A CD2 1 
ATOM   1256 C  CE1 . HIS A 1 155 ? 1.710   0.887   -0.260  1.00 27.23 ? 155 HIS A CE1 1 
ATOM   1257 N  NE2 . HIS A 1 155 ? 2.509   0.383   -1.185  1.00 28.13 ? 155 HIS A NE2 1 
ATOM   1258 N  N   . LEU A 1 156 ? -2.685  -3.650  -1.555  1.00 29.65 ? 156 LEU A N   1 
ATOM   1259 C  CA  . LEU A 1 156 ? -4.035  -4.189  -1.647  1.00 28.75 ? 156 LEU A CA  1 
ATOM   1260 C  C   . LEU A 1 156 ? -4.929  -3.546  -0.593  1.00 28.01 ? 156 LEU A C   1 
ATOM   1261 O  O   . LEU A 1 156 ? -4.641  -3.617  0.608   1.00 29.55 ? 156 LEU A O   1 
ATOM   1262 C  CB  . LEU A 1 156 ? -4.033  -5.712  -1.460  1.00 28.14 ? 156 LEU A CB  1 
ATOM   1263 C  CG  . LEU A 1 156 ? -5.339  -6.445  -1.817  1.00 27.23 ? 156 LEU A CG  1 
ATOM   1264 C  CD1 . LEU A 1 156 ? -5.044  -7.901  -2.129  1.00 32.25 ? 156 LEU A CD1 1 
ATOM   1265 C  CD2 . LEU A 1 156 ? -6.385  -6.336  -0.719  1.00 27.32 ? 156 LEU A CD2 1 
ATOM   1266 N  N   . TYR A 1 157 ? -6.017  -2.933  -1.049  1.00 29.20 ? 157 TYR A N   1 
ATOM   1267 C  CA  . TYR A 1 157 ? -6.958  -2.252  -0.167  1.00 28.79 ? 157 TYR A CA  1 
ATOM   1268 C  C   . TYR A 1 157 ? -8.349  -2.847  -0.341  1.00 33.09 ? 157 TYR A C   1 
ATOM   1269 O  O   . TYR A 1 157 ? -8.840  -3.030  -1.462  1.00 32.73 ? 157 TYR A O   1 
ATOM   1270 C  CB  . TYR A 1 157 ? -6.960  -0.739  -0.435  1.00 29.47 ? 157 TYR A CB  1 
ATOM   1271 C  CG  . TYR A 1 157 ? -5.613  -0.103  -0.179  1.00 30.32 ? 157 TYR A CG  1 
ATOM   1272 C  CD1 . TYR A 1 157 ? -4.904  0.522   -1.203  1.00 29.09 ? 157 TYR A CD1 1 
ATOM   1273 C  CD2 . TYR A 1 157 ? -5.022  -0.165  1.086   1.00 26.06 ? 157 TYR A CD2 1 
ATOM   1274 C  CE1 . TYR A 1 157 ? -3.652  1.090   -0.971  1.00 24.54 ? 157 TYR A CE1 1 
ATOM   1275 C  CE2 . TYR A 1 157 ? -3.779  0.396   1.324   1.00 27.11 ? 157 TYR A CE2 1 
ATOM   1276 C  CZ  . TYR A 1 157 ? -3.095  1.022   0.293   1.00 29.80 ? 157 TYR A CZ  1 
ATOM   1277 O  OH  . TYR A 1 157 ? -1.860  1.587   0.532   1.00 31.43 ? 157 TYR A OH  1 
ATOM   1278 N  N   . SER A 1 158 ? -8.971  -3.183  0.779   1.00 30.97 ? 158 SER A N   1 
ATOM   1279 C  CA  . SER A 1 158 ? -10.262 -3.847  0.743   1.00 32.42 ? 158 SER A CA  1 
ATOM   1280 C  C   . SER A 1 158 ? -11.100 -3.438  1.950   1.00 32.29 ? 158 SER A C   1 
ATOM   1281 O  O   . SER A 1 158 ? -10.661 -3.583  3.101   1.00 32.52 ? 158 SER A O   1 
ATOM   1282 C  CB  . SER A 1 158 ? -10.090 -5.363  0.703   1.00 31.51 ? 158 SER A CB  1 
ATOM   1283 O  OG  . SER A 1 158 ? -11.347 -6.004  0.591   1.00 36.23 ? 158 SER A OG  1 
ATOM   1284 N  N   . PRO A 1 159 ? -12.298 -2.887  1.678   1.00 35.01 ? 159 PRO A N   1 
ATOM   1285 C  CA  . PRO A 1 159 ? -12.731 -2.629  0.291   1.00 36.54 ? 159 PRO A CA  1 
ATOM   1286 C  C   . PRO A 1 159 ? -11.904 -1.523  -0.407  1.00 29.52 ? 159 PRO A C   1 
ATOM   1287 O  O   . PRO A 1 159 ? -11.059 -0.896  0.223   1.00 30.78 ? 159 PRO A O   1 
ATOM   1288 C  CB  . PRO A 1 159 ? -14.194 -2.192  0.460   1.00 33.28 ? 159 PRO A CB  1 
ATOM   1289 C  CG  . PRO A 1 159 ? -14.590 -2.651  1.862   1.00 34.14 ? 159 PRO A CG  1 
ATOM   1290 C  CD  . PRO A 1 159 ? -13.338 -2.525  2.658   1.00 31.24 ? 159 PRO A CD  1 
ATOM   1291 N  N   . PRO A 1 160 ? -12.142 -1.284  -1.702  1.00 31.78 ? 160 PRO A N   1 
ATOM   1292 C  CA  . PRO A 1 160 ? -11.428 -0.170  -2.334  1.00 34.55 ? 160 PRO A CA  1 
ATOM   1293 C  C   . PRO A 1 160 ? -11.896 1.150   -1.767  1.00 34.28 ? 160 PRO A C   1 
ATOM   1294 O  O   . PRO A 1 160 ? -13.053 1.258   -1.371  1.00 35.24 ? 160 PRO A O   1 
ATOM   1295 C  CB  . PRO A 1 160 ? -11.806 -0.286  -3.811  1.00 32.52 ? 160 PRO A CB  1 
ATOM   1296 C  CG  . PRO A 1 160 ? -12.408 -1.659  -3.951  1.00 32.97 ? 160 PRO A CG  1 
ATOM   1297 C  CD  . PRO A 1 160 ? -13.033 -1.970  -2.645  1.00 32.36 ? 160 PRO A CD  1 
ATOM   1298 N  N   . PHE A 1 161 ? -11.000 2.130   -1.701  1.00 36.82 ? 161 PHE A N   1 
ATOM   1299 C  CA  . PHE A 1 161 ? -11.388 3.486   -1.349  1.00 36.24 ? 161 PHE A CA  1 
ATOM   1300 C  C   . PHE A 1 161 ? -10.522 4.463   -2.132  1.00 33.62 ? 161 PHE A C   1 
ATOM   1301 O  O   . PHE A 1 161 ? -9.339  4.210   -2.355  1.00 32.07 ? 161 PHE A O   1 
ATOM   1302 C  CB  . PHE A 1 161 ? -11.270 3.727   0.167   1.00 30.31 ? 161 PHE A CB  1 
ATOM   1303 C  CG  . PHE A 1 161 ? -9.875  3.617   0.698   1.00 34.00 ? 161 PHE A CG  1 
ATOM   1304 C  CD1 . PHE A 1 161 ? -9.082  4.750   0.837   1.00 30.85 ? 161 PHE A CD1 1 
ATOM   1305 C  CD2 . PHE A 1 161 ? -9.348  2.380   1.065   1.00 34.76 ? 161 PHE A CD2 1 
ATOM   1306 C  CE1 . PHE A 1 161 ? -7.787  4.661   1.327   1.00 23.85 ? 161 PHE A CE1 1 
ATOM   1307 C  CE2 . PHE A 1 161 ? -8.048  2.283   1.564   1.00 34.43 ? 161 PHE A CE2 1 
ATOM   1308 C  CZ  . PHE A 1 161 ? -7.270  3.435   1.695   1.00 32.08 ? 161 PHE A CZ  1 
ATOM   1309 N  N   . ASP A 1 162 ? -11.126 5.573   -2.550  1.00 37.99 ? 162 ASP A N   1 
ATOM   1310 C  CA  . ASP A 1 162 ? -10.419 6.617   -3.286  1.00 47.05 ? 162 ASP A CA  1 
ATOM   1311 C  C   . ASP A 1 162 ? -10.323 7.922   -2.475  1.00 49.92 ? 162 ASP A C   1 
ATOM   1312 O  O   . ASP A 1 162 ? -9.790  8.932   -2.957  1.00 47.02 ? 162 ASP A O   1 
ATOM   1313 C  CB  . ASP A 1 162 ? -11.098 6.871   -4.647  1.00 50.78 ? 162 ASP A CB  1 
ATOM   1314 C  CG  . ASP A 1 162 ? -12.612 7.109   -4.529  1.00 62.78 ? 162 ASP A CG  1 
ATOM   1315 O  OD1 . ASP A 1 162 ? -13.248 6.558   -3.601  1.00 56.80 ? 162 ASP A OD1 1 
ATOM   1316 O  OD2 . ASP A 1 162 ? -13.165 7.844   -5.382  1.00 74.85 ? 162 ASP A OD2 1 
ATOM   1317 N  N   . THR A 1 163 ? -10.837 7.890   -1.245  1.00 40.39 ? 163 THR A N   1 
ATOM   1318 C  CA  . THR A 1 163 ? -10.760 9.031   -0.331  1.00 43.52 ? 163 THR A CA  1 
ATOM   1319 C  C   . THR A 1 163 ? -10.327 8.583   1.057   1.00 40.70 ? 163 THR A C   1 
ATOM   1320 O  O   . THR A 1 163 ? -10.690 7.492   1.509   1.00 32.48 ? 163 THR A O   1 
ATOM   1321 C  CB  . THR A 1 163 ? -12.111 9.769   -0.197  1.00 39.80 ? 163 THR A CB  1 
ATOM   1322 O  OG1 . THR A 1 163 ? -13.088 8.861   0.315   1.00 41.31 ? 163 THR A OG1 1 
ATOM   1323 C  CG2 . THR A 1 163 ? -12.581 10.310  -1.537  1.00 40.58 ? 163 THR A CG2 1 
ATOM   1324 N  N   . CYS A 1 164 ? -9.557  9.439   1.719   1.00 42.95 ? 164 CYS A N   1 
ATOM   1325 C  CA  . CYS A 1 164 ? -9.027  9.181   3.055   1.00 42.22 ? 164 CYS A CA  1 
ATOM   1326 C  C   . CYS A 1 164 ? -8.665  10.519  3.676   1.00 40.64 ? 164 CYS A C   1 
ATOM   1327 O  O   . CYS A 1 164 ? -8.943  11.561  3.089   1.00 43.80 ? 164 CYS A O   1 
ATOM   1328 C  CB  . CYS A 1 164 ? -7.800  8.256   2.996   1.00 39.65 ? 164 CYS A CB  1 
ATOM   1329 S  SG  . CYS A 1 164 ? -6.253  9.019   2.357   1.00 40.61 ? 164 CYS A SG  1 
ATOM   1330 N  N   . HIS A 1 165 ? -8.024  10.503  4.841   1.00 41.56 ? 165 HIS A N   1 
ATOM   1331 C  CA  . HIS A 1 165 ? -7.604  11.747  5.485   1.00 41.81 ? 165 HIS A CA  1 
ATOM   1332 C  C   . HIS A 1 165 ? -6.095  11.829  5.636   1.00 43.88 ? 165 HIS A C   1 
ATOM   1333 O  O   . HIS A 1 165 ? -5.446  10.833  5.955   1.00 39.43 ? 165 HIS A O   1 
ATOM   1334 C  CB  . HIS A 1 165 ? -8.264  11.901  6.859   1.00 39.32 ? 165 HIS A CB  1 
ATOM   1335 C  CG  . HIS A 1 165 ? -9.756  11.869  6.812   1.00 40.50 ? 165 HIS A CG  1 
ATOM   1336 N  ND1 . HIS A 1 165 ? -10.483 10.731  7.081   1.00 41.61 ? 165 HIS A ND1 1 
ATOM   1337 C  CD2 . HIS A 1 165 ? -10.658 12.826  6.491   1.00 44.16 ? 165 HIS A CD2 1 
ATOM   1338 C  CE1 . HIS A 1 165 ? -11.771 10.989  6.940   1.00 45.38 ? 165 HIS A CE1 1 
ATOM   1339 N  NE2 . HIS A 1 165 ? -11.904 12.257  6.585   1.00 44.15 ? 165 HIS A NE2 1 
ATOM   1340 N  N   . ALA A 1 166 ? -5.544  13.022  5.410   1.00 42.03 ? 166 ALA A N   1 
ATOM   1341 C  CA  . ALA A 1 166 ? -4.138  13.287  5.687   1.00 37.63 ? 166 ALA A CA  1 
ATOM   1342 C  C   . ALA A 1 166 ? -4.009  14.069  6.995   1.00 44.87 ? 166 ALA A C   1 
ATOM   1343 O  O   . ALA A 1 166 ? -4.846  14.924  7.295   1.00 50.28 ? 166 ALA A O   1 
ATOM   1344 C  CB  . ALA A 1 166 ? -3.509  14.041  4.545   1.00 37.73 ? 166 ALA A CB  1 
ATOM   1345 N  N   . PHE A 1 167 ? -2.975  13.772  7.778   1.00 41.87 ? 167 PHE A N   1 
ATOM   1346 C  CA  . PHE A 1 167 ? -2.809  14.397  9.091   1.00 39.79 ? 167 PHE A CA  1 
ATOM   1347 C  C   . PHE A 1 167 ? -1.530  15.208  9.148   1.00 42.13 ? 167 PHE A C   1 
ATOM   1348 O  O   . PHE A 1 167 ? -0.448  14.675  8.902   1.00 43.64 ? 167 PHE A O   1 
ATOM   1349 C  CB  . PHE A 1 167 ? -2.791  13.341  10.207  1.00 40.33 ? 167 PHE A CB  1 
ATOM   1350 C  CG  . PHE A 1 167 ? -4.072  12.571  10.331  1.00 43.46 ? 167 PHE A CG  1 
ATOM   1351 C  CD1 . PHE A 1 167 ? -4.969  12.856  11.350  1.00 49.51 ? 167 PHE A CD1 1 
ATOM   1352 C  CD2 . PHE A 1 167 ? -4.398  11.575  9.412   1.00 40.09 ? 167 PHE A CD2 1 
ATOM   1353 C  CE1 . PHE A 1 167 ? -6.171  12.162  11.460  1.00 42.68 ? 167 PHE A CE1 1 
ATOM   1354 C  CE2 . PHE A 1 167 ? -5.594  10.875  9.516   1.00 41.47 ? 167 PHE A CE2 1 
ATOM   1355 C  CZ  . PHE A 1 167 ? -6.479  11.170  10.548  1.00 43.88 ? 167 PHE A CZ  1 
ATOM   1356 N  N   . ASP A 1 168 ? -1.648  16.490  9.480   1.00 46.41 ? 168 ASP A N   1 
ATOM   1357 C  CA  . ASP A 1 168 ? -0.465  17.315  9.703   1.00 50.88 ? 168 ASP A CA  1 
ATOM   1358 C  C   . ASP A 1 168 ? 0.194   16.889  11.011  1.00 47.70 ? 168 ASP A C   1 
ATOM   1359 O  O   . ASP A 1 168 ? -0.434  16.875  12.071  1.00 52.11 ? 168 ASP A O   1 
ATOM   1360 C  CB  . ASP A 1 168 ? -0.822  18.810  9.715   1.00 50.16 ? 168 ASP A CB  1 
ATOM   1361 C  CG  . ASP A 1 168 ? 0.256   19.683  10.392  1.00 61.06 ? 168 ASP A CG  1 
ATOM   1362 O  OD1 . ASP A 1 168 ? 1.457   19.306  10.441  1.00 51.09 ? 168 ASP A OD1 1 
ATOM   1363 O  OD2 . ASP A 1 168 ? -0.117  20.775  10.878  1.00 69.15 ? 168 ASP A OD2 1 
ATOM   1364 N  N   . GLN A 1 169 ? 1.469   16.540  10.927  1.00 43.63 ? 169 GLN A N   1 
ATOM   1365 C  CA  . GLN A 1 169 ? 2.180   15.972  12.063  1.00 48.77 ? 169 GLN A CA  1 
ATOM   1366 C  C   . GLN A 1 169 ? 2.373   16.985  13.196  1.00 50.68 ? 169 GLN A C   1 
ATOM   1367 O  O   . GLN A 1 169 ? 2.754   16.614  14.305  1.00 46.81 ? 169 GLN A O   1 
ATOM   1368 C  CB  . GLN A 1 169 ? 3.531   15.431  11.589  1.00 41.95 ? 169 GLN A CB  1 
ATOM   1369 C  CG  . GLN A 1 169 ? 4.352   14.704  12.631  1.00 48.16 ? 169 GLN A CG  1 
ATOM   1370 C  CD  . GLN A 1 169 ? 5.576   14.066  12.014  1.00 52.76 ? 169 GLN A CD  1 
ATOM   1371 O  OE1 . GLN A 1 169 ? 5.793   14.182  10.806  1.00 52.10 ? 169 GLN A OE1 1 
ATOM   1372 N  NE2 . GLN A 1 169 ? 6.379   13.377  12.828  1.00 49.07 ? 169 GLN A NE2 1 
ATOM   1373 N  N   . ARG A 1 170 ? 2.098   18.259  12.915  1.00 52.07 ? 170 ARG A N   1 
ATOM   1374 C  CA  . ARG A 1 170 ? 2.416   19.338  13.853  1.00 53.95 ? 170 ARG A CA  1 
ATOM   1375 C  C   . ARG A 1 170 ? 1.248   19.646  14.757  1.00 53.67 ? 170 ARG A C   1 
ATOM   1376 O  O   . ARG A 1 170 ? 1.421   19.896  15.946  1.00 61.18 ? 170 ARG A O   1 
ATOM   1377 C  CB  . ARG A 1 170 ? 2.827   20.602  13.106  1.00 54.73 ? 170 ARG A CB  1 
ATOM   1378 C  CG  . ARG A 1 170 ? 4.071   20.439  12.242  1.00 59.35 ? 170 ARG A CG  1 
ATOM   1379 C  CD  . ARG A 1 170 ? 5.346   20.332  13.072  1.00 59.15 ? 170 ARG A CD  1 
ATOM   1380 N  NE  . ARG A 1 170 ? 5.682   18.969  13.501  1.00 63.51 ? 170 ARG A NE  1 
ATOM   1381 C  CZ  . ARG A 1 170 ? 6.360   18.087  12.764  1.00 61.97 ? 170 ARG A CZ  1 
ATOM   1382 N  NH1 . ARG A 1 170 ? 6.756   18.403  11.537  1.00 52.76 ? 170 ARG A NH1 1 
ATOM   1383 N  NH2 . ARG A 1 170 ? 6.631   16.879  13.249  1.00 57.51 ? 170 ARG A NH2 1 
ATOM   1384 N  N   . THR A 1 171 ? 0.056   19.624  14.180  1.00 52.42 ? 171 THR A N   1 
ATOM   1385 C  CA  . THR A 1 171 ? -1.165  19.888  14.918  1.00 54.20 ? 171 THR A CA  1 
ATOM   1386 C  C   . THR A 1 171 ? -1.947  18.615  15.210  1.00 54.58 ? 171 THR A C   1 
ATOM   1387 O  O   . THR A 1 171 ? -2.520  18.459  16.284  1.00 53.86 ? 171 THR A O   1 
ATOM   1388 C  CB  . THR A 1 171 ? -2.068  20.837  14.141  1.00 59.94 ? 171 THR A CB  1 
ATOM   1389 O  OG1 . THR A 1 171 ? -2.500  20.194  12.934  1.00 55.72 ? 171 THR A OG1 1 
ATOM   1390 C  CG2 . THR A 1 171 ? -1.316  22.116  13.799  1.00 64.13 ? 171 THR A CG2 1 
ATOM   1391 N  N   . GLY A 1 172 ? -1.968  17.711  14.235  1.00 56.93 ? 172 GLY A N   1 
ATOM   1392 C  CA  . GLY A 1 172 ? -2.782  16.513  14.296  1.00 47.04 ? 172 GLY A CA  1 
ATOM   1393 C  C   . GLY A 1 172 ? -4.055  16.737  13.507  1.00 53.41 ? 172 GLY A C   1 
ATOM   1394 O  O   . GLY A 1 172 ? -4.905  15.853  13.424  1.00 52.58 ? 172 GLY A O   1 
ATOM   1395 N  N   . HIS A 1 173 ? -4.177  17.934  12.928  1.00 52.48 ? 173 HIS A N   1 
ATOM   1396 C  CA  A HIS A 1 173 ? -5.351  18.346  12.152  0.52 52.70 ? 173 HIS A CA  1 
ATOM   1397 C  CA  B HIS A 1 173 ? -5.388  18.293  12.209  0.48 52.70 ? 173 HIS A CA  1 
ATOM   1398 C  C   . HIS A 1 173 ? -5.511  17.469  10.923  1.00 54.84 ? 173 HIS A C   1 
ATOM   1399 O  O   . HIS A 1 173 ? -4.522  17.140  10.264  1.00 55.76 ? 173 HIS A O   1 
ATOM   1400 C  CB  A HIS A 1 173 ? -5.226  19.821  11.737  0.52 54.15 ? 173 HIS A CB  1 
ATOM   1401 C  CB  B HIS A 1 173 ? -5.410  19.802  11.923  0.48 54.28 ? 173 HIS A CB  1 
ATOM   1402 C  CG  A HIS A 1 173 ? -6.418  20.363  11.003  0.52 53.13 ? 173 HIS A CG  1 
ATOM   1403 C  CG  B HIS A 1 173 ? -5.652  20.642  13.146  0.48 56.34 ? 173 HIS A CG  1 
ATOM   1404 N  ND1 A HIS A 1 173 ? -7.626  20.614  11.620  0.52 56.27 ? 173 HIS A ND1 1 
ATOM   1405 N  ND1 B HIS A 1 173 ? -5.176  21.930  13.274  0.48 57.08 ? 173 HIS A ND1 1 
ATOM   1406 C  CD2 A HIS A 1 173 ? -6.577  20.725  9.708   0.52 51.96 ? 173 HIS A CD2 1 
ATOM   1407 C  CD2 B HIS A 1 173 ? -6.324  20.374  14.293  0.48 54.49 ? 173 HIS A CD2 1 
ATOM   1408 C  CE1 A HIS A 1 173 ? -8.480  21.097  10.734  0.52 54.01 ? 173 HIS A CE1 1 
ATOM   1409 C  CE1 B HIS A 1 173 ? -5.541  22.418  14.448  0.48 57.34 ? 173 HIS A CE1 1 
ATOM   1410 N  NE2 A HIS A 1 173 ? -7.870  21.171  9.566   0.52 54.17 ? 173 HIS A NE2 1 
ATOM   1411 N  NE2 B HIS A 1 173 ? -6.238  21.493  15.085  0.48 55.81 ? 173 HIS A NE2 1 
ATOM   1412 N  N   . LYS A 1 174 ? -6.741  17.099  10.591  1.00 52.36 ? 174 LYS A N   1 
ATOM   1413 C  CA  . LYS A 1 174 ? -6.954  16.248  9.433   1.00 52.14 ? 174 LYS A CA  1 
ATOM   1414 C  C   . LYS A 1 174 ? -7.700  16.982  8.323   1.00 52.95 ? 174 LYS A C   1 
ATOM   1415 O  O   . LYS A 1 174 ? -8.541  17.843  8.587   1.00 55.22 ? 174 LYS A O   1 
ATOM   1416 C  CB  . LYS A 1 174 ? -7.710  14.973  9.840   1.00 48.97 ? 174 LYS A CB  1 
ATOM   1417 C  CG  . LYS A 1 174 ? -9.217  15.130  9.986   1.00 45.30 ? 174 LYS A CG  1 
ATOM   1418 C  CD  . LYS A 1 174 ? -9.884  13.763  10.065  1.00 48.72 ? 174 LYS A CD  1 
ATOM   1419 C  CE  . LYS A 1 174 ? -11.410 13.855  10.153  1.00 47.30 ? 174 LYS A CE  1 
ATOM   1420 N  NZ  . LYS A 1 174 ? -11.899 14.272  11.497  1.00 55.31 ? 174 LYS A NZ  1 
ATOM   1421 N  N   . ASN A 1 175 ? -7.380  16.644  7.080   1.00 48.01 ? 175 ASN A N   1 
ATOM   1422 C  CA  . ASN A 1 175 ? -8.149  17.159  5.953   1.00 50.59 ? 175 ASN A CA  1 
ATOM   1423 C  C   . ASN A 1 175 ? -8.483  16.054  4.950   1.00 45.03 ? 175 ASN A C   1 
ATOM   1424 O  O   . ASN A 1 175 ? -7.724  15.097  4.779   1.00 47.49 ? 175 ASN A O   1 
ATOM   1425 C  CB  . ASN A 1 175 ? -7.402  18.314  5.274   1.00 52.78 ? 175 ASN A CB  1 
ATOM   1426 C  CG  . ASN A 1 175 ? -5.919  18.068  5.178   1.00 59.94 ? 175 ASN A CG  1 
ATOM   1427 O  OD1 . ASN A 1 175 ? -5.187  18.195  6.169   1.00 59.44 ? 175 ASN A OD1 1 
ATOM   1428 N  ND2 . ASN A 1 175 ? -5.456  17.713  3.978   1.00 60.50 ? 175 ASN A ND2 1 
ATOM   1429 N  N   . LYS A 1 176 ? -9.642  16.173  4.311   1.00 47.21 ? 176 LYS A N   1 
ATOM   1430 C  CA  . LYS A 1 176 ? -10.114 15.121  3.422   1.00 48.72 ? 176 LYS A CA  1 
ATOM   1431 C  C   . LYS A 1 176 ? -9.337  15.188  2.115   1.00 52.57 ? 176 LYS A C   1 
ATOM   1432 O  O   . LYS A 1 176 ? -9.118  16.264  1.570   1.00 61.99 ? 176 LYS A O   1 
ATOM   1433 C  CB  . LYS A 1 176 ? -11.629 15.232  3.177   1.00 45.70 ? 176 LYS A CB  1 
ATOM   1434 C  CG  . LYS A 1 176 ? -12.186 14.060  2.396   1.00 48.89 ? 176 LYS A CG  1 
ATOM   1435 C  CD  . LYS A 1 176 ? -13.710 13.949  2.423   1.00 52.70 ? 176 LYS A CD  1 
ATOM   1436 C  CE  . LYS A 1 176 ? -14.115 12.519  2.020   1.00 49.18 ? 176 LYS A CE  1 
ATOM   1437 N  NZ  . LYS A 1 176 ? -15.571 12.296  1.821   1.00 53.72 ? 176 LYS A NZ  1 
ATOM   1438 N  N   . VAL A 1 177 ? -8.901  14.032  1.632   1.00 44.64 ? 177 VAL A N   1 
ATOM   1439 C  CA  . VAL A 1 177 ? -8.113  13.958  0.415   1.00 40.48 ? 177 VAL A CA  1 
ATOM   1440 C  C   . VAL A 1 177 ? -8.720  12.956  -0.570  1.00 44.55 ? 177 VAL A C   1 
ATOM   1441 O  O   . VAL A 1 177 ? -9.282  11.937  -0.165  1.00 44.87 ? 177 VAL A O   1 
ATOM   1442 C  CB  . VAL A 1 177 ? -6.661  13.560  0.726   1.00 42.12 ? 177 VAL A CB  1 
ATOM   1443 C  CG1 . VAL A 1 177 ? -5.847  13.471  -0.550  1.00 53.30 ? 177 VAL A CG1 1 
ATOM   1444 C  CG2 . VAL A 1 177 ? -6.048  14.568  1.670   1.00 45.39 ? 177 VAL A CG2 1 
ATOM   1445 N  N   . THR A 1 178 ? -8.629  13.255  -1.864  1.00 50.15 ? 178 THR A N   1 
ATOM   1446 C  CA  . THR A 1 178 ? -9.024  12.281  -2.882  1.00 50.87 ? 178 THR A CA  1 
ATOM   1447 C  C   . THR A 1 178 ? -7.773  11.692  -3.520  1.00 50.51 ? 178 THR A C   1 
ATOM   1448 O  O   . THR A 1 178 ? -6.911  12.422  -4.016  1.00 48.94 ? 178 THR A O   1 
ATOM   1449 C  CB  . THR A 1 178 ? -9.924  12.886  -3.995  1.00 47.05 ? 178 THR A CB  1 
ATOM   1450 O  OG1 . THR A 1 178 ? -10.764 13.904  -3.448  1.00 51.44 ? 178 THR A OG1 1 
ATOM   1451 C  CG2 . THR A 1 178 ? -10.800 11.804  -4.618  1.00 46.83 ? 178 THR A CG2 1 
ATOM   1452 N  N   . MET A 1 179 ? -7.666  10.381  -3.503  1.00 52.30 ? 179 MET A N   1 
ATOM   1453 C  CA  . MET A 1 179 ? -6.616  9.689   -4.216  1.00 49.78 ? 179 MET A CA  1 
ATOM   1454 C  C   . MET A 1 179 ? -6.925  9.611   -5.687  1.00 47.11 ? 179 MET A C   1 
ATOM   1455 O  O   . MET A 1 179 ? -8.057  9.648   -6.080  1.00 46.69 ? 179 MET A O   1 
ATOM   1456 C  CB  . MET A 1 179 ? -6.445  8.294   -3.662  1.00 47.20 ? 179 MET A CB  1 
ATOM   1457 C  CG  . MET A 1 179 ? -6.481  8.234   -2.159  1.00 52.98 ? 179 MET A CG  1 
ATOM   1458 S  SD  . MET A 1 179 ? -4.845  8.495   -1.530  1.00 56.86 ? 179 MET A SD  1 
ATOM   1459 C  CE  . MET A 1 179 ? -4.547  6.893   -0.879  1.00 48.39 ? 179 MET A CE  1 
ATOM   1460 N  N   . THR A 1 180 ? -5.898  9.487   -6.492  1.00 39.66 ? 180 THR A N   1 
ATOM   1461 C  CA  . THR A 1 180 ? -6.084  9.282   -7.924  1.00 42.63 ? 180 THR A CA  1 
ATOM   1462 C  C   . THR A 1 180 ? -5.029  8.316   -8.452  1.00 43.45 ? 180 THR A C   1 
ATOM   1463 O  O   . THR A 1 180 ? -3.976  8.138   -7.841  1.00 41.23 ? 180 THR A O   1 
ATOM   1464 C  CB  . THR A 1 180 ? -6.015  10.609  -8.724  1.00 45.37 ? 180 THR A CB  1 
ATOM   1465 O  OG1 . THR A 1 180 ? -4.666  11.098  -8.744  1.00 50.34 ? 180 THR A OG1 1 
ATOM   1466 C  CG2 . THR A 1 180 ? -6.951  11.665  -8.113  1.00 36.58 ? 180 THR A CG2 1 
ATOM   1467 N  N   . PHE A 1 181 ? -5.316  7.694   -9.588  1.00 41.33 ? 181 PHE A N   1 
ATOM   1468 C  CA  . PHE A 1 181 ? -4.386  6.759   -10.197 1.00 31.81 ? 181 PHE A CA  1 
ATOM   1469 C  C   . PHE A 1 181 ? -3.568  7.421   -11.293 1.00 39.28 ? 181 PHE A C   1 
ATOM   1470 O  O   . PHE A 1 181 ? -4.101  8.128   -12.154 1.00 49.16 ? 181 PHE A O   1 
ATOM   1471 C  CB  . PHE A 1 181 ? -5.131  5.550   -10.772 1.00 37.02 ? 181 PHE A CB  1 
ATOM   1472 C  CG  . PHE A 1 181 ? -5.810  4.688   -9.727  1.00 38.19 ? 181 PHE A CG  1 
ATOM   1473 C  CD1 . PHE A 1 181 ? -5.063  3.930   -8.832  1.00 34.82 ? 181 PHE A CD1 1 
ATOM   1474 C  CD2 . PHE A 1 181 ? -7.188  4.615   -9.659  1.00 37.41 ? 181 PHE A CD2 1 
ATOM   1475 C  CE1 . PHE A 1 181 ? -5.685  3.131   -7.872  1.00 35.48 ? 181 PHE A CE1 1 
ATOM   1476 C  CE2 . PHE A 1 181 ? -7.812  3.819   -8.706  1.00 35.42 ? 181 PHE A CE2 1 
ATOM   1477 C  CZ  . PHE A 1 181 ? -7.059  3.076   -7.818  1.00 36.14 ? 181 PHE A CZ  1 
ATOM   1478 N  N   . HIS A 1 182 ? -2.263  7.181   -11.258 1.00 38.59 ? 182 HIS A N   1 
ATOM   1479 C  CA  . HIS A 1 182 ? -1.365  7.557   -12.345 1.00 34.41 ? 182 HIS A CA  1 
ATOM   1480 C  C   . HIS A 1 182 ? -1.590  6.714   -13.605 1.00 38.13 ? 182 HIS A C   1 
ATOM   1481 O  O   . HIS A 1 182 ? -1.397  7.193   -14.730 1.00 37.92 ? 182 HIS A O   1 
ATOM   1482 C  CB  . HIS A 1 182 ? 0.076   7.409   -11.882 1.00 33.52 ? 182 HIS A CB  1 
ATOM   1483 C  CG  . HIS A 1 182 ? 1.065   8.119   -12.743 1.00 30.65 ? 182 HIS A CG  1 
ATOM   1484 N  ND1 . HIS A 1 182 ? 1.139   9.491   -12.805 1.00 35.18 ? 182 HIS A ND1 1 
ATOM   1485 C  CD2 . HIS A 1 182 ? 2.032   7.651   -13.562 1.00 32.82 ? 182 HIS A CD2 1 
ATOM   1486 C  CE1 . HIS A 1 182 ? 2.112   9.841   -13.625 1.00 33.78 ? 182 HIS A CE1 1 
ATOM   1487 N  NE2 . HIS A 1 182 ? 2.672   8.743   -14.098 1.00 34.51 ? 182 HIS A NE2 1 
ATOM   1488 N  N   . SER A 1 183 ? -1.975  5.451   -13.400 1.00 30.48 ? 183 SER A N   1 
ATOM   1489 C  CA  . SER A 1 183 ? -2.325  4.556   -14.488 1.00 32.88 ? 183 SER A CA  1 
ATOM   1490 C  C   . SER A 1 183 ? -3.308  3.482   -14.025 1.00 31.74 ? 183 SER A C   1 
ATOM   1491 O  O   . SER A 1 183 ? -3.449  3.237   -12.835 1.00 32.88 ? 183 SER A O   1 
ATOM   1492 C  CB  . SER A 1 183 ? -1.065  3.903   -15.067 1.00 29.08 ? 183 SER A CB  1 
ATOM   1493 O  OG  . SER A 1 183 ? -0.586  2.888   -14.211 1.00 29.47 ? 183 SER A OG  1 
ATOM   1494 N  N   . LYS A 1 184 ? -4.015  2.877   -14.978 1.00 30.34 ? 184 LYS A N   1 
ATOM   1495 C  CA  . LYS A 1 184 ? -4.859  1.716   -14.728 1.00 25.91 ? 184 LYS A CA  1 
ATOM   1496 C  C   . LYS A 1 184 ? -4.529  0.690   -15.796 1.00 29.45 ? 184 LYS A C   1 
ATOM   1497 O  O   . LYS A 1 184 ? -4.557  1.003   -16.982 1.00 32.91 ? 184 LYS A O   1 
ATOM   1498 C  CB  . LYS A 1 184 ? -6.358  2.056   -14.779 1.00 33.65 ? 184 LYS A CB  1 
ATOM   1499 C  CG  . LYS A 1 184 ? -6.840  3.216   -13.907 1.00 39.57 ? 184 LYS A CG  1 
ATOM   1500 C  CD  . LYS A 1 184 ? -8.367  3.149   -13.718 1.00 45.82 ? 184 LYS A CD  1 
ATOM   1501 C  CE  . LYS A 1 184 ? -8.884  4.198   -12.698 1.00 60.83 ? 184 LYS A CE  1 
ATOM   1502 N  NZ  . LYS A 1 184 ? -10.368 4.142   -12.425 1.00 50.56 ? 184 LYS A NZ  1 
ATOM   1503 N  N   . PHE A 1 185 ? -4.191  -0.523  -15.379 1.00 32.93 ? 185 PHE A N   1 
ATOM   1504 C  CA  . PHE A 1 185 ? -3.909  -1.614  -16.311 1.00 35.66 ? 185 PHE A CA  1 
ATOM   1505 C  C   . PHE A 1 185 ? -2.831  -1.223  -17.316 1.00 33.55 ? 185 PHE A C   1 
ATOM   1506 O  O   . PHE A 1 185 ? -2.929  -1.510  -18.504 1.00 33.75 ? 185 PHE A O   1 
ATOM   1507 C  CB  . PHE A 1 185 ? -5.203  -2.042  -17.010 1.00 23.36 ? 185 PHE A CB  1 
ATOM   1508 C  CG  . PHE A 1 185 ? -6.365  -2.148  -16.062 1.00 35.84 ? 185 PHE A CG  1 
ATOM   1509 C  CD1 . PHE A 1 185 ? -6.305  -3.013  -14.980 1.00 31.46 ? 185 PHE A CD1 1 
ATOM   1510 C  CD2 . PHE A 1 185 ? -7.493  -1.342  -16.208 1.00 33.20 ? 185 PHE A CD2 1 
ATOM   1511 C  CE1 . PHE A 1 185 ? -7.369  -3.101  -14.082 1.00 35.80 ? 185 PHE A CE1 1 
ATOM   1512 C  CE2 . PHE A 1 185 ? -8.547  -1.423  -15.309 1.00 33.49 ? 185 PHE A CE2 1 
ATOM   1513 C  CZ  . PHE A 1 185 ? -8.485  -2.307  -14.248 1.00 31.79 ? 185 PHE A CZ  1 
ATOM   1514 N  N   . GLY A 1 186 ? -1.808  -0.536  -16.832 1.00 31.33 ? 186 GLY A N   1 
ATOM   1515 C  CA  . GLY A 1 186 ? -0.685  -0.182  -17.672 1.00 32.76 ? 186 GLY A CA  1 
ATOM   1516 C  C   . GLY A 1 186 ? -0.977  0.979   -18.592 1.00 37.81 ? 186 GLY A C   1 
ATOM   1517 O  O   . GLY A 1 186 ? -0.124  1.361   -19.397 1.00 42.97 ? 186 GLY A O   1 
ATOM   1518 N  N   . ILE A 1 187 ? -2.177  1.544   -18.479 1.00 32.99 ? 187 ILE A N   1 
ATOM   1519 C  CA  . ILE A 1 187 ? -2.544  2.694   -19.296 1.00 30.69 ? 187 ILE A CA  1 
ATOM   1520 C  C   . ILE A 1 187 ? -2.513  3.966   -18.436 1.00 36.58 ? 187 ILE A C   1 
ATOM   1521 O  O   . ILE A 1 187 ? -3.143  4.059   -17.372 1.00 32.27 ? 187 ILE A O   1 
ATOM   1522 C  CB  . ILE A 1 187 ? -3.949  2.520   -19.962 1.00 33.81 ? 187 ILE A CB  1 
ATOM   1523 C  CG1 . ILE A 1 187 ? -4.016  1.236   -20.804 1.00 33.77 ? 187 ILE A CG1 1 
ATOM   1524 C  CG2 . ILE A 1 187 ? -4.298  3.713   -20.820 1.00 30.98 ? 187 ILE A CG2 1 
ATOM   1525 C  CD1 . ILE A 1 187 ? -2.827  1.006   -21.725 1.00 32.87 ? 187 ILE A CD1 1 
ATOM   1526 N  N   . ARG A 1 188 ? -1.727  4.924   -18.907 1.00 35.86 ? 188 ARG A N   1 
ATOM   1527 C  CA  . ARG A 1 188 ? -1.600  6.222   -18.292 1.00 33.86 ? 188 ARG A CA  1 
ATOM   1528 C  C   . ARG A 1 188 ? -2.937  6.942   -18.358 1.00 43.10 ? 188 ARG A C   1 
ATOM   1529 O  O   . ARG A 1 188 ? -3.558  7.031   -19.415 1.00 41.28 ? 188 ARG A O   1 
ATOM   1530 C  CB  . ARG A 1 188 ? -0.519  7.022   -18.999 1.00 39.81 ? 188 ARG A CB  1 
ATOM   1531 C  CG  . ARG A 1 188 ? -0.260  8.356   -18.401 1.00 42.92 ? 188 ARG A CG  1 
ATOM   1532 C  CD  . ARG A 1 188 ? 0.499   8.242   -17.092 1.00 45.51 ? 188 ARG A CD  1 
ATOM   1533 N  NE  . ARG A 1 188 ? 0.738   9.564   -16.504 1.00 46.81 ? 188 ARG A NE  1 
ATOM   1534 C  CZ  . ARG A 1 188 ? -0.205  10.339  -15.960 1.00 44.60 ? 188 ARG A CZ  1 
ATOM   1535 N  NH1 . ARG A 1 188 ? -1.478  9.954   -15.931 1.00 48.99 ? 188 ARG A NH1 1 
ATOM   1536 N  NH2 . ARG A 1 188 ? 0.124   11.517  -15.446 1.00 52.57 ? 188 ARG A NH2 1 
ATOM   1537 N  N   . THR A 1 189 ? -3.390  7.443   -17.220 1.00 42.33 ? 189 THR A N   1 
ATOM   1538 C  CA  . THR A 1 189 ? -4.696  8.074   -17.147 1.00 48.44 ? 189 THR A CA  1 
ATOM   1539 C  C   . THR A 1 189 ? -4.575  9.437   -16.484 1.00 54.34 ? 189 THR A C   1 
ATOM   1540 O  O   . THR A 1 189 ? -4.449  9.523   -15.249 1.00 51.47 ? 189 THR A O   1 
ATOM   1541 C  CB  . THR A 1 189 ? -5.715  7.197   -16.369 1.00 52.19 ? 189 THR A CB  1 
ATOM   1542 O  OG1 . THR A 1 189 ? -5.241  6.974   -15.029 1.00 49.00 ? 189 THR A OG1 1 
ATOM   1543 C  CG2 . THR A 1 189 ? -5.928  5.845   -17.081 1.00 44.82 ? 189 THR A CG2 1 
ATOM   1544 N  N   . PRO A 1 190 ? -4.631  10.503  -17.308 1.00 58.01 ? 190 PRO A N   1 
ATOM   1545 C  CA  . PRO A 1 190 ? -4.482  11.916  -16.926 1.00 63.48 ? 190 PRO A CA  1 
ATOM   1546 C  C   . PRO A 1 190 ? -5.367  12.300  -15.745 1.00 63.64 ? 190 PRO A C   1 
ATOM   1547 O  O   . PRO A 1 190 ? -6.461  12.819  -15.968 1.00 68.21 ? 190 PRO A O   1 
ATOM   1548 C  CB  . PRO A 1 190 ? -4.914  12.674  -18.189 1.00 53.29 ? 190 PRO A CB  1 
ATOM   1549 C  CG  . PRO A 1 190 ? -5.789  11.698  -18.933 1.00 59.94 ? 190 PRO A CG  1 
ATOM   1550 C  CD  . PRO A 1 190 ? -5.139  10.362  -18.684 1.00 52.95 ? 190 PRO A CD  1 
HETATM 1551 NA NA  . NA  B 2 .   ? -5.334  3.504   8.932   1.00 46.82 ? 301 NA  A NA  1 
HETATM 1552 C  C1  . SIN C 3 .   ? -1.170  4.080   2.836   0.96 43.45 ? 302 SIN A C1  1 
HETATM 1553 O  O1  . SIN C 3 .   ? -0.937  2.902   2.463   0.96 53.99 ? 302 SIN A O1  1 
HETATM 1554 O  O2  . SIN C 3 .   ? -1.142  4.338   4.052   0.96 47.41 ? 302 SIN A O2  1 
HETATM 1555 C  C2  . SIN C 3 .   ? -1.495  5.196   1.874   0.96 44.81 ? 302 SIN A C2  1 
HETATM 1556 C  C3  . SIN C 3 .   ? -0.472  5.303   0.735   0.96 46.21 ? 302 SIN A C3  1 
HETATM 1557 C  C4  . SIN C 3 .   ? -1.132  4.905   -0.570  0.96 43.18 ? 302 SIN A C4  1 
HETATM 1558 O  O3  . SIN C 3 .   ? -1.382  3.701   -0.762  0.96 44.20 ? 302 SIN A O3  1 
HETATM 1559 O  O4  . SIN C 3 .   ? -1.436  5.744   -1.460  0.96 40.68 ? 302 SIN A O4  1 
HETATM 1560 O  O   . HOH D 4 .   ? -10.595 6.635   8.261   1.00 35.53 ? 401 HOH A O   1 
HETATM 1561 O  O   . HOH D 4 .   ? -11.194 1.405   -12.940 1.00 44.66 ? 402 HOH A O   1 
HETATM 1562 O  O   . HOH D 4 .   ? -5.472  -16.192 11.020  1.00 44.11 ? 403 HOH A O   1 
HETATM 1563 O  O   . HOH D 4 .   ? 20.023  6.861   0.330   1.00 38.39 ? 404 HOH A O   1 
HETATM 1564 O  O   . HOH D 4 .   ? -13.419 -12.910 -6.221  1.00 37.78 ? 405 HOH A O   1 
HETATM 1565 O  O   . HOH D 4 .   ? -12.944 -9.627  7.963   1.00 39.82 ? 406 HOH A O   1 
HETATM 1566 O  O   . HOH D 4 .   ? 7.430   12.711  -14.135 1.00 38.01 ? 407 HOH A O   1 
HETATM 1567 O  O   . HOH D 4 .   ? 14.463  -7.578  7.821   1.00 43.92 ? 408 HOH A O   1 
HETATM 1568 O  O   . HOH D 4 .   ? 17.724  11.849  4.011   1.00 45.18 ? 409 HOH A O   1 
HETATM 1569 O  O   . HOH D 4 .   ? 16.583  1.710   -0.566  1.00 37.20 ? 410 HOH A O   1 
HETATM 1570 O  O   . HOH D 4 .   ? -13.353 -7.060  6.508   1.00 40.32 ? 411 HOH A O   1 
HETATM 1571 O  O   . HOH D 4 .   ? 13.634  4.025   2.192   1.00 29.74 ? 412 HOH A O   1 
HETATM 1572 O  O   . HOH D 4 .   ? 9.794   21.835  -12.464 1.00 28.60 ? 413 HOH A O   1 
HETATM 1573 O  O   . HOH D 4 .   ? 14.523  2.567   -2.031  1.00 31.50 ? 414 HOH A O   1 
HETATM 1574 O  O   . HOH D 4 .   ? -4.572  5.344   18.039  1.00 44.99 ? 415 HOH A O   1 
HETATM 1575 O  O   . HOH D 4 .   ? 5.266   -5.909  -17.367 1.00 35.21 ? 416 HOH A O   1 
HETATM 1576 O  O   . HOH D 4 .   ? 0.077   15.676  -5.204  1.00 33.19 ? 417 HOH A O   1 
HETATM 1577 O  O   . HOH D 4 .   ? -9.675  -16.657 -9.119  1.00 35.18 ? 418 HOH A O   1 
HETATM 1578 O  O   . HOH D 4 .   ? -5.801  7.570   -21.349 1.00 39.62 ? 419 HOH A O   1 
HETATM 1579 O  O   . HOH D 4 .   ? 22.778  2.865   -8.499  1.00 51.42 ? 420 HOH A O   1 
HETATM 1580 O  O   . HOH D 4 .   ? -5.779  -19.046 9.005   1.00 43.25 ? 421 HOH A O   1 
HETATM 1581 O  O   . HOH D 4 .   ? -15.625 -13.266 -8.907  1.00 45.85 ? 422 HOH A O   1 
HETATM 1582 O  O   . HOH D 4 .   ? 1.190   -13.610 7.386   1.00 44.58 ? 423 HOH A O   1 
HETATM 1583 O  O   . HOH D 4 .   ? 4.954   -16.685 3.384   1.00 44.02 ? 424 HOH A O   1 
HETATM 1584 O  O   . HOH D 4 .   ? 17.678  -0.797  -2.212  1.00 43.30 ? 425 HOH A O   1 
HETATM 1585 O  O   . HOH D 4 .   ? 15.507  15.818  -10.582 1.00 50.90 ? 426 HOH A O   1 
HETATM 1586 O  O   . HOH D 4 .   ? -18.403 -15.299 3.278   1.00 45.37 ? 427 HOH A O   1 
HETATM 1587 O  O   . HOH D 4 .   ? -20.833 -15.100 1.653   1.00 46.53 ? 428 HOH A O   1 
HETATM 1588 O  O   . HOH D 4 .   ? 2.553   -7.026  -17.372 1.00 42.16 ? 429 HOH A O   1 
HETATM 1589 O  O   . HOH D 4 .   ? -11.118 -18.306 1.511   1.00 42.21 ? 430 HOH A O   1 
HETATM 1590 O  O   . HOH D 4 .   ? 7.741   6.846   7.346   1.00 31.38 ? 431 HOH A O   1 
HETATM 1591 O  O   . HOH D 4 .   ? -14.889 -14.581 3.696   1.00 36.20 ? 432 HOH A O   1 
HETATM 1592 O  O   . HOH D 4 .   ? -1.312  0.507   -14.054 1.00 28.69 ? 433 HOH A O   1 
HETATM 1593 O  O   . HOH D 4 .   ? -13.218 -14.287 1.333   1.00 32.25 ? 434 HOH A O   1 
HETATM 1594 O  O   . HOH D 4 .   ? 7.141   8.089   -8.783  1.00 29.19 ? 435 HOH A O   1 
HETATM 1595 O  O   . HOH D 4 .   ? 5.563   11.505  -2.604  1.00 33.13 ? 436 HOH A O   1 
HETATM 1596 O  O   . HOH D 4 .   ? 2.702   -12.696 -13.912 1.00 34.71 ? 437 HOH A O   1 
HETATM 1597 O  O   . HOH D 4 .   ? -10.204 -14.303 2.775   1.00 33.72 ? 438 HOH A O   1 
HETATM 1598 O  O   . HOH D 4 .   ? 6.918   -16.232 -6.609  1.00 36.52 ? 439 HOH A O   1 
HETATM 1599 O  O   . HOH D 4 .   ? -13.635 -10.546 1.545   1.00 40.16 ? 440 HOH A O   1 
HETATM 1600 O  O   . HOH D 4 .   ? -8.212  1.057   -3.234  1.00 34.01 ? 441 HOH A O   1 
HETATM 1601 O  O   . HOH D 4 .   ? 7.159   14.319  -3.376  1.00 30.46 ? 442 HOH A O   1 
HETATM 1602 O  O   . HOH D 4 .   ? 12.427  -11.066 -5.553  1.00 35.04 ? 443 HOH A O   1 
HETATM 1603 O  O   . HOH D 4 .   ? -6.660  3.231   -1.714  1.00 34.37 ? 444 HOH A O   1 
HETATM 1604 O  O   . HOH D 4 .   ? 0.065   -21.642 -7.246  1.00 44.50 ? 445 HOH A O   1 
HETATM 1605 O  O   . HOH D 4 .   ? 7.434   -15.085 -11.628 1.00 36.83 ? 446 HOH A O   1 
HETATM 1606 O  O   . HOH D 4 .   ? -11.443 -7.591  -11.385 1.00 41.19 ? 447 HOH A O   1 
HETATM 1607 O  O   . HOH D 4 .   ? 1.405   11.473  20.190  1.00 47.97 ? 448 HOH A O   1 
HETATM 1608 O  O   . HOH D 4 .   ? -3.071  -18.402 -12.300 1.00 40.58 ? 449 HOH A O   1 
HETATM 1609 O  O   . HOH D 4 .   ? 12.938  -10.406 -14.091 1.00 42.57 ? 450 HOH A O   1 
HETATM 1610 O  O   . HOH D 4 .   ? 7.025   11.084  9.776   1.00 43.81 ? 451 HOH A O   1 
HETATM 1611 O  O   . HOH D 4 .   ? -1.021  11.228  17.122  1.00 43.79 ? 452 HOH A O   1 
HETATM 1612 O  O   . HOH D 4 .   ? -9.506  -6.026  -12.723 1.00 39.69 ? 453 HOH A O   1 
HETATM 1613 O  O   . HOH D 4 .   ? -11.792 -10.754 -5.729  1.00 39.53 ? 454 HOH A O   1 
HETATM 1614 O  O   . HOH D 4 .   ? -4.624  -13.742 -12.819 1.00 29.90 ? 455 HOH A O   1 
HETATM 1615 O  O   . HOH D 4 .   ? 10.066  14.803  -2.059  1.00 46.68 ? 456 HOH A O   1 
HETATM 1616 O  O   . HOH D 4 .   ? 10.646  9.434   -9.571  1.00 37.53 ? 457 HOH A O   1 
HETATM 1617 O  O   . HOH D 4 .   ? 12.670  13.862  -3.001  1.00 47.71 ? 458 HOH A O   1 
HETATM 1618 O  O   . HOH D 4 .   ? 1.976   -9.781  -15.004 1.00 40.59 ? 459 HOH A O   1 
HETATM 1619 O  O   . HOH D 4 .   ? 8.554   -15.361 -8.862  1.00 41.69 ? 460 HOH A O   1 
HETATM 1620 O  O   . HOH D 4 .   ? -0.931  8.196   21.640  1.00 44.87 ? 461 HOH A O   1 
HETATM 1621 O  O   . HOH D 4 .   ? -9.162  -16.977 3.255   1.00 39.64 ? 462 HOH A O   1 
HETATM 1622 O  O   . HOH D 4 .   ? 5.068   7.661   -15.862 1.00 41.84 ? 463 HOH A O   1 
HETATM 1623 O  O   . HOH D 4 .   ? 12.788  -5.929  -7.420  1.00 46.62 ? 464 HOH A O   1 
HETATM 1624 O  O   . HOH D 4 .   ? 4.321   -3.131  10.069  1.00 46.74 ? 465 HOH A O   1 
HETATM 1625 O  O   . HOH D 4 .   ? 11.705  -10.552 2.444   1.00 45.29 ? 466 HOH A O   1 
HETATM 1626 O  O   . HOH D 4 .   ? 1.775   -18.228 -14.247 1.00 51.91 ? 467 HOH A O   1 
HETATM 1627 O  O   . HOH D 4 .   ? -3.214  10.477  -5.250  1.00 47.67 ? 468 HOH A O   1 
HETATM 1628 O  O   . HOH D 4 .   ? 13.667  12.319  -6.712  1.00 45.59 ? 469 HOH A O   1 
HETATM 1629 O  O   . HOH D 4 .   ? 6.000   12.630  2.918   1.00 48.00 ? 470 HOH A O   1 
HETATM 1630 O  O   . HOH D 4 .   ? 8.845   12.705  1.992   1.00 42.99 ? 471 HOH A O   1 
HETATM 1631 O  O   . HOH D 4 .   ? -2.654  12.936  0.890   1.00 47.03 ? 472 HOH A O   1 
HETATM 1632 O  O   . HOH D 4 .   ? 0.224   -1.389  4.675   1.00 36.88 ? 473 HOH A O   1 
HETATM 1633 O  O   . HOH D 4 .   ? -12.417 -14.990 5.171   1.00 48.56 ? 474 HOH A O   1 
HETATM 1634 O  O   . HOH D 4 .   ? 0.094   12.302  -0.255  1.00 50.01 ? 475 HOH A O   1 
HETATM 1635 O  O   . HOH D 4 .   ? 0.726   -4.847  11.454  1.00 39.26 ? 476 HOH A O   1 
HETATM 1636 O  O   . HOH D 4 .   ? 6.419   -14.761 -15.870 1.00 40.25 ? 477 HOH A O   1 
HETATM 1637 O  O   . HOH D 4 .   ? 14.637  -8.505  -7.721  1.00 47.15 ? 478 HOH A O   1 
HETATM 1638 O  O   . HOH D 4 .   ? 1.228   -1.245  10.383  1.00 46.87 ? 479 HOH A O   1 
HETATM 1639 O  O   . HOH D 4 .   ? 2.757   -14.685 -16.069 1.00 52.22 ? 480 HOH A O   1 
HETATM 1640 O  O   . HOH D 4 .   ? 10.861  2.893   16.365  1.00 45.95 ? 481 HOH A O   1 
HETATM 1641 O  O   . HOH D 4 .   ? -8.084  -12.104 9.974   1.00 33.97 ? 482 HOH A O   1 
HETATM 1642 O  O   . HOH D 4 .   ? 0.423   3.547   23.437  1.00 54.90 ? 483 HOH A O   1 
HETATM 1643 O  O   . HOH D 4 .   ? 7.838   -17.436 -15.211 1.00 48.54 ? 484 HOH A O   1 
HETATM 1644 O  O   . HOH D 4 .   ? 2.466   -4.935  9.625   1.00 40.52 ? 485 HOH A O   1 
HETATM 1645 O  O   . HOH D 4 .   ? -0.003  0.829   3.368   1.00 40.49 ? 486 HOH A O   1 
HETATM 1646 O  O   . HOH D 4 .   ? -4.499  4.312   -0.758  1.00 50.47 ? 487 HOH A O   1 
# 
